data_2K1O
#
_entry.id   2K1O
#
_entity_poly.entity_id   1
_entity_poly.type   'polypeptide(L)'
_entity_poly.pdbx_seq_one_letter_code
;MRGSHHHHHHGSKRNFSVTFYLSKEEHDVLRRLADEEVESVNSFVKRHILKTIIYKKGTNQDSSIN
;
_entity_poly.pdbx_strand_id   A,B
#
# COMPACT_ATOMS: atom_id res chain seq x y z
N LYS A 13 -9.35 19.05 -11.93
CA LYS A 13 -8.41 18.17 -11.16
C LYS A 13 -8.86 16.69 -11.23
N ARG A 14 -7.92 15.74 -11.05
CA ARG A 14 -8.15 14.28 -11.05
C ARG A 14 -7.38 13.58 -9.92
N ASN A 15 -7.76 12.35 -9.61
CA ASN A 15 -7.15 11.45 -8.61
C ASN A 15 -7.09 10.02 -9.16
N PHE A 16 -6.09 9.26 -8.72
CA PHE A 16 -5.76 7.92 -9.21
C PHE A 16 -5.87 6.92 -8.06
N SER A 17 -6.98 6.15 -8.03
CA SER A 17 -7.30 5.28 -6.91
C SER A 17 -6.43 4.01 -6.83
N VAL A 18 -6.40 3.40 -5.64
CA VAL A 18 -5.73 2.13 -5.35
C VAL A 18 -6.63 1.29 -4.44
N THR A 19 -6.78 0.00 -4.75
CA THR A 19 -7.73 -0.92 -4.07
C THR A 19 -7.25 -2.37 -4.16
N PHE A 20 -7.12 -3.06 -3.02
CA PHE A 20 -6.64 -4.46 -2.93
C PHE A 20 -7.10 -5.17 -1.63
N TYR A 21 -6.69 -6.44 -1.48
CA TYR A 21 -7.07 -7.34 -0.38
C TYR A 21 -5.85 -7.95 0.33
N LEU A 22 -6.04 -8.34 1.60
CA LEU A 22 -5.05 -8.84 2.56
C LEU A 22 -5.66 -9.92 3.47
N SER A 23 -4.79 -10.58 4.23
CA SER A 23 -5.16 -11.56 5.27
C SER A 23 -5.63 -10.88 6.57
N LYS A 24 -6.35 -11.62 7.43
CA LYS A 24 -6.86 -11.11 8.72
C LYS A 24 -5.74 -10.51 9.60
N GLU A 25 -4.68 -11.29 9.81
CA GLU A 25 -3.54 -10.94 10.66
C GLU A 25 -2.71 -9.79 10.07
N GLU A 26 -2.54 -9.77 8.74
CA GLU A 26 -1.86 -8.68 8.03
C GLU A 26 -2.61 -7.35 8.20
N HIS A 27 -3.93 -7.35 7.95
CA HIS A 27 -4.76 -6.17 8.17
C HIS A 27 -4.77 -5.72 9.63
N ASP A 28 -4.78 -6.66 10.59
CA ASP A 28 -4.67 -6.35 12.02
C ASP A 28 -3.29 -5.77 12.43
N VAL A 29 -2.18 -6.21 11.81
CA VAL A 29 -0.86 -5.57 11.97
C VAL A 29 -0.91 -4.13 11.46
N LEU A 30 -1.45 -3.89 10.26
CA LEU A 30 -1.63 -2.53 9.75
C LEU A 30 -2.55 -1.68 10.65
N ARG A 31 -3.65 -2.25 11.16
CA ARG A 31 -4.57 -1.62 12.11
C ARG A 31 -3.88 -1.19 13.41
N ARG A 32 -3.06 -2.05 14.02
CA ARG A 32 -2.28 -1.71 15.23
C ARG A 32 -1.27 -0.59 14.96
N LEU A 33 -0.46 -0.75 13.91
CA LEU A 33 0.56 0.23 13.51
C LEU A 33 -0.05 1.59 13.16
N ALA A 34 -1.24 1.61 12.54
CA ALA A 34 -2.04 2.80 12.34
C ALA A 34 -2.51 3.40 13.68
N ASP A 35 -3.27 2.66 14.49
CA ASP A 35 -3.85 3.11 15.77
C ASP A 35 -2.81 3.65 16.77
N GLU A 36 -1.56 3.20 16.71
CA GLU A 36 -0.43 3.74 17.47
C GLU A 36 -0.14 5.24 17.22
N GLU A 37 -0.58 5.83 16.10
CA GLU A 37 -0.33 7.24 15.72
C GLU A 37 -1.51 7.95 15.02
N VAL A 38 -2.18 7.27 14.09
CA VAL A 38 -3.21 7.76 13.15
C VAL A 38 -4.21 6.64 12.86
N GLU A 39 -5.29 6.57 13.65
CA GLU A 39 -6.37 5.55 13.65
C GLU A 39 -7.30 5.52 12.41
N SER A 40 -6.68 5.56 11.24
CA SER A 40 -7.28 5.54 9.89
C SER A 40 -6.40 4.68 8.96
N VAL A 41 -6.70 3.39 8.86
CA VAL A 41 -5.84 2.38 8.19
C VAL A 41 -5.52 2.75 6.73
N ASN A 42 -6.49 3.27 5.98
CA ASN A 42 -6.30 3.76 4.61
C ASN A 42 -5.29 4.93 4.52
N SER A 43 -5.43 5.93 5.41
CA SER A 43 -4.50 7.08 5.48
C SER A 43 -3.10 6.64 5.91
N PHE A 44 -3.02 5.77 6.92
CA PHE A 44 -1.78 5.13 7.36
C PHE A 44 -1.08 4.36 6.25
N VAL A 45 -1.80 3.53 5.48
CA VAL A 45 -1.23 2.79 4.34
C VAL A 45 -0.71 3.74 3.25
N LYS A 46 -1.48 4.78 2.88
CA LYS A 46 -1.00 5.80 1.91
C LYS A 46 0.30 6.47 2.39
N ARG A 47 0.37 6.86 3.67
CA ARG A 47 1.58 7.40 4.34
C ARG A 47 2.75 6.41 4.32
N HIS A 48 2.50 5.15 4.68
CA HIS A 48 3.48 4.04 4.65
C HIS A 48 4.11 3.87 3.28
N ILE A 49 3.29 3.80 2.23
CA ILE A 49 3.75 3.67 0.84
C ILE A 49 4.58 4.88 0.44
N LEU A 50 4.08 6.11 0.67
CA LEU A 50 4.81 7.33 0.35
C LEU A 50 6.20 7.35 1.03
N LYS A 51 6.25 7.19 2.36
CA LYS A 51 7.49 7.27 3.15
C LYS A 51 8.51 6.18 2.79
N THR A 52 8.05 4.95 2.51
CA THR A 52 8.93 3.84 2.11
C THR A 52 9.49 3.99 0.69
N ILE A 53 8.78 4.68 -0.21
CA ILE A 53 9.31 5.05 -1.55
C ILE A 53 10.31 6.21 -1.45
N ILE A 54 9.97 7.29 -0.73
CA ILE A 54 10.78 8.53 -0.64
C ILE A 54 10.42 9.35 0.61
N TYR A 55 11.34 10.18 1.09
CA TYR A 55 11.17 11.05 2.26
C TYR A 55 11.91 12.38 2.05
N LYS A 56 11.29 13.47 2.51
CA LYS A 56 11.69 14.89 2.31
C LYS A 56 12.01 15.23 0.85
N LYS A 57 11.18 14.74 -0.08
CA LYS A 57 11.31 14.93 -1.54
C LYS A 57 11.24 16.40 -1.98
N GLY A 58 11.68 16.68 -3.21
CA GLY A 58 11.68 18.02 -3.83
C GLY A 58 10.76 18.18 -5.05
N THR A 59 10.07 17.11 -5.48
CA THR A 59 9.16 17.12 -6.64
C THR A 59 7.90 17.96 -6.40
N ASN A 60 7.31 17.86 -5.20
CA ASN A 60 6.20 18.68 -4.70
C ASN A 60 6.11 18.60 -3.16
N GLN A 61 5.35 19.51 -2.55
CA GLN A 61 5.07 19.58 -1.11
C GLN A 61 3.70 20.21 -0.80
N ASP A 62 3.22 20.08 0.44
CA ASP A 62 1.96 20.64 0.93
C ASP A 62 2.04 20.97 2.44
N SER A 63 0.99 21.57 3.01
CA SER A 63 0.87 22.01 4.40
C SER A 63 -0.52 21.81 5.01
N SER A 64 -1.44 21.16 4.29
CA SER A 64 -2.83 20.89 4.70
C SER A 64 -3.32 19.51 4.22
N ILE A 65 -4.55 19.15 4.59
CA ILE A 65 -5.21 17.85 4.35
C ILE A 65 -6.69 18.01 3.97
N ASN A 66 -7.29 16.94 3.42
CA ASN A 66 -8.72 16.85 3.08
C ASN A 66 -9.66 17.03 4.28
N LYS B 13 -9.83 -19.12 5.47
CA LYS B 13 -9.93 -17.86 6.28
C LYS B 13 -10.64 -16.75 5.50
N ARG B 14 -11.25 -15.78 6.22
CA ARG B 14 -11.79 -14.52 5.66
C ARG B 14 -10.68 -13.61 5.08
N ASN B 15 -11.09 -12.58 4.35
CA ASN B 15 -10.21 -11.58 3.72
C ASN B 15 -10.61 -10.16 4.13
N PHE B 16 -9.64 -9.27 4.13
CA PHE B 16 -9.72 -7.89 4.63
C PHE B 16 -9.18 -6.92 3.58
N SER B 17 -9.85 -5.78 3.36
CA SER B 17 -9.61 -4.94 2.18
C SER B 17 -9.05 -3.56 2.52
N VAL B 18 -8.38 -2.93 1.56
CA VAL B 18 -7.70 -1.63 1.70
C VAL B 18 -7.94 -0.79 0.45
N THR B 19 -8.39 0.46 0.63
CA THR B 19 -8.72 1.39 -0.47
C THR B 19 -8.30 2.83 -0.12
N PHE B 20 -7.69 3.54 -1.07
CA PHE B 20 -7.21 4.93 -0.92
C PHE B 20 -6.93 5.58 -2.31
N TYR B 21 -6.35 6.79 -2.31
CA TYR B 21 -6.04 7.58 -3.51
C TYR B 21 -4.58 8.02 -3.56
N LEU B 22 -4.07 8.15 -4.79
CA LEU B 22 -2.77 8.70 -5.15
C LEU B 22 -2.93 9.84 -6.16
N SER B 23 -1.88 10.64 -6.29
CA SER B 23 -1.75 11.68 -7.31
C SER B 23 -1.34 11.08 -8.67
N LYS B 24 -1.58 11.83 -9.76
CA LYS B 24 -1.33 11.38 -11.14
C LYS B 24 0.11 10.88 -11.34
N GLU B 25 1.08 11.67 -10.88
CA GLU B 25 2.51 11.39 -11.10
C GLU B 25 3.01 10.22 -10.25
N GLU B 26 2.66 10.15 -8.97
CA GLU B 26 3.11 9.04 -8.10
C GLU B 26 2.46 7.70 -8.50
N HIS B 27 1.19 7.71 -8.92
CA HIS B 27 0.55 6.51 -9.48
C HIS B 27 1.19 6.10 -10.81
N ASP B 28 1.48 7.03 -11.72
CA ASP B 28 2.17 6.74 -12.99
C ASP B 28 3.59 6.19 -12.79
N VAL B 29 4.37 6.71 -11.83
CA VAL B 29 5.66 6.15 -11.43
C VAL B 29 5.50 4.72 -10.92
N LEU B 30 4.56 4.46 -9.99
CA LEU B 30 4.29 3.11 -9.53
C LEU B 30 3.76 2.17 -10.62
N ARG B 31 3.01 2.67 -11.60
CA ARG B 31 2.60 1.92 -12.80
C ARG B 31 3.80 1.51 -13.64
N ARG B 32 4.79 2.39 -13.88
CA ARG B 32 6.04 2.05 -14.59
C ARG B 32 6.86 1.00 -13.82
N LEU B 33 7.06 1.21 -12.53
CA LEU B 33 7.77 0.28 -11.64
C LEU B 33 7.07 -1.09 -11.56
N ALA B 34 5.73 -1.13 -11.59
CA ALA B 34 4.95 -2.36 -11.73
C ALA B 34 5.13 -3.00 -13.11
N ASP B 35 4.91 -2.25 -14.20
CA ASP B 35 5.04 -2.71 -15.60
C ASP B 35 6.42 -3.32 -15.94
N GLU B 36 7.48 -2.90 -15.25
CA GLU B 36 8.81 -3.52 -15.32
C GLU B 36 8.83 -5.04 -14.99
N GLU B 37 7.88 -5.56 -14.20
CA GLU B 37 7.86 -6.97 -13.73
C GLU B 37 6.46 -7.62 -13.66
N VAL B 38 5.46 -6.91 -13.10
CA VAL B 38 4.08 -7.35 -12.84
C VAL B 38 3.13 -6.15 -12.96
N GLU B 39 2.63 -5.89 -14.18
CA GLU B 39 1.91 -4.66 -14.56
C GLU B 39 0.64 -4.31 -13.76
N SER B 40 0.07 -5.27 -13.00
CA SER B 40 -1.06 -5.07 -12.10
C SER B 40 -0.68 -4.16 -10.90
N VAL B 41 -0.90 -2.84 -11.04
CA VAL B 41 -0.39 -1.81 -10.12
C VAL B 41 -0.85 -2.01 -8.67
N ASN B 42 -2.12 -2.36 -8.44
CA ASN B 42 -2.62 -2.64 -7.09
C ASN B 42 -1.99 -3.91 -6.47
N SER B 43 -1.70 -4.94 -7.27
CA SER B 43 -0.95 -6.12 -6.83
C SER B 43 0.51 -5.77 -6.53
N PHE B 44 1.16 -4.95 -7.34
CA PHE B 44 2.50 -4.41 -7.08
C PHE B 44 2.57 -3.63 -5.76
N VAL B 45 1.59 -2.76 -5.48
CA VAL B 45 1.46 -2.05 -4.19
C VAL B 45 1.23 -3.03 -3.02
N LYS B 46 0.33 -4.00 -3.15
CA LYS B 46 0.13 -5.09 -2.16
C LYS B 46 1.45 -5.80 -1.83
N ARG B 47 2.19 -6.21 -2.86
CA ARG B 47 3.51 -6.88 -2.76
C ARG B 47 4.56 -6.00 -2.07
N HIS B 48 4.62 -4.70 -2.41
CA HIS B 48 5.48 -3.71 -1.74
C HIS B 48 5.22 -3.63 -0.24
N ILE B 49 3.95 -3.55 0.16
CA ILE B 49 3.56 -3.48 1.58
C ILE B 49 3.90 -4.78 2.30
N LEU B 50 3.51 -5.93 1.74
CA LEU B 50 3.83 -7.25 2.30
C LEU B 50 5.34 -7.41 2.52
N LYS B 51 6.15 -7.21 1.47
CA LYS B 51 7.62 -7.36 1.54
C LYS B 51 8.28 -6.46 2.59
N THR B 52 7.75 -5.24 2.79
CA THR B 52 8.22 -4.31 3.82
C THR B 52 7.83 -4.75 5.23
N ILE B 53 6.58 -5.21 5.43
CA ILE B 53 6.02 -5.56 6.74
C ILE B 53 6.48 -6.94 7.24
N ILE B 54 6.63 -7.93 6.36
CA ILE B 54 6.91 -9.34 6.70
C ILE B 54 7.68 -10.07 5.58
N TYR B 55 8.60 -10.97 5.97
CA TYR B 55 9.47 -11.70 5.03
C TYR B 55 9.58 -13.22 5.33
N LYS B 56 8.82 -13.73 6.32
CA LYS B 56 8.83 -15.14 6.78
C LYS B 56 7.43 -15.60 7.22
N LYS B 57 6.40 -15.22 6.45
CA LYS B 57 4.98 -15.60 6.67
C LYS B 57 4.82 -17.13 6.75
N GLY B 58 4.03 -17.62 7.70
CA GLY B 58 3.95 -19.05 8.04
C GLY B 58 3.38 -19.96 6.94
N THR B 59 2.37 -19.48 6.21
CA THR B 59 1.66 -20.24 5.15
C THR B 59 1.16 -19.32 4.03
N ASN B 60 0.99 -19.85 2.82
CA ASN B 60 0.76 -19.10 1.58
C ASN B 60 -0.25 -19.81 0.63
N GLN B 61 -1.37 -20.29 1.18
CA GLN B 61 -2.43 -21.01 0.45
C GLN B 61 -3.05 -20.21 -0.71
N ASP B 62 -3.71 -20.92 -1.63
CA ASP B 62 -4.52 -20.37 -2.73
C ASP B 62 -5.82 -21.19 -2.94
N SER B 63 -6.82 -20.60 -3.59
CA SER B 63 -8.18 -21.15 -3.75
C SER B 63 -8.79 -20.97 -5.15
N SER B 64 -7.99 -20.53 -6.14
CA SER B 64 -8.42 -20.36 -7.54
C SER B 64 -8.83 -21.69 -8.19
N ILE B 65 -9.78 -21.62 -9.14
CA ILE B 65 -10.38 -22.77 -9.84
C ILE B 65 -10.65 -22.47 -11.34
N ASN B 66 -10.87 -23.52 -12.13
CA ASN B 66 -11.18 -23.45 -13.57
C ASN B 66 -12.53 -22.75 -13.85
N LYS A 13 -8.36 18.56 -10.88
CA LYS A 13 -8.26 17.27 -10.14
C LYS A 13 -7.40 16.25 -10.91
N ARG A 14 -6.56 15.47 -10.22
CA ARG A 14 -5.67 14.42 -10.79
C ARG A 14 -5.56 13.17 -9.89
N ASN A 15 -6.67 12.82 -9.26
CA ASN A 15 -6.87 11.68 -8.37
C ASN A 15 -6.76 10.35 -9.14
N PHE A 16 -5.88 9.47 -8.66
CA PHE A 16 -5.63 8.11 -9.16
C PHE A 16 -5.75 7.10 -8.01
N SER A 17 -6.82 6.30 -8.02
CA SER A 17 -7.18 5.43 -6.91
C SER A 17 -6.32 4.15 -6.84
N VAL A 18 -6.29 3.54 -5.65
CA VAL A 18 -5.61 2.27 -5.37
C VAL A 18 -6.52 1.41 -4.47
N THR A 19 -6.68 0.12 -4.81
CA THR A 19 -7.62 -0.80 -4.15
C THR A 19 -7.15 -2.25 -4.27
N PHE A 20 -7.04 -2.96 -3.13
CA PHE A 20 -6.54 -4.35 -3.07
C PHE A 20 -7.00 -5.10 -1.80
N TYR A 21 -6.61 -6.37 -1.68
CA TYR A 21 -7.00 -7.30 -0.61
C TYR A 21 -5.79 -7.92 0.12
N LEU A 22 -6.00 -8.24 1.40
CA LEU A 22 -5.01 -8.74 2.36
C LEU A 22 -5.62 -9.86 3.22
N SER A 23 -4.81 -10.41 4.14
CA SER A 23 -5.24 -11.34 5.20
C SER A 23 -5.69 -10.60 6.46
N LYS A 24 -6.53 -11.23 7.29
CA LYS A 24 -6.96 -10.70 8.59
C LYS A 24 -5.80 -10.33 9.51
N GLU A 25 -4.77 -11.20 9.60
CA GLU A 25 -3.59 -10.95 10.44
C GLU A 25 -2.77 -9.74 9.96
N GLU A 26 -2.59 -9.59 8.64
CA GLU A 26 -1.93 -8.44 8.02
C GLU A 26 -2.71 -7.13 8.27
N HIS A 27 -4.03 -7.15 8.02
CA HIS A 27 -4.87 -5.96 8.24
C HIS A 27 -4.91 -5.56 9.71
N ASP A 28 -4.97 -6.53 10.63
CA ASP A 28 -4.90 -6.29 12.08
C ASP A 28 -3.56 -5.68 12.52
N VAL A 29 -2.41 -6.19 12.09
CA VAL A 29 -1.12 -5.59 12.47
C VAL A 29 -0.90 -4.21 11.85
N LEU A 30 -1.33 -3.99 10.60
CA LEU A 30 -1.37 -2.64 9.99
C LEU A 30 -2.25 -1.69 10.81
N ARG A 31 -3.46 -2.11 11.22
CA ARG A 31 -4.35 -1.33 12.09
C ARG A 31 -3.73 -1.06 13.46
N ARG A 32 -2.98 -1.98 14.06
CA ARG A 32 -2.26 -1.77 15.34
C ARG A 32 -1.20 -0.67 15.21
N LEU A 33 -0.33 -0.80 14.21
CA LEU A 33 0.70 0.20 13.89
C LEU A 33 0.09 1.57 13.53
N ALA A 34 -1.08 1.60 12.91
CA ALA A 34 -1.87 2.82 12.72
C ALA A 34 -2.41 3.36 14.06
N ASP A 35 -3.12 2.55 14.85
CA ASP A 35 -3.76 2.90 16.13
C ASP A 35 -2.78 3.43 17.20
N GLU A 36 -1.50 3.08 17.12
CA GLU A 36 -0.42 3.74 17.88
C GLU A 36 -0.33 5.28 17.69
N GLU A 37 -0.95 5.84 16.63
CA GLU A 37 -1.03 7.31 16.39
C GLU A 37 -2.40 7.78 15.86
N VAL A 38 -2.89 7.18 14.77
CA VAL A 38 -4.13 7.51 14.02
C VAL A 38 -4.60 6.23 13.32
N GLU A 39 -5.60 5.55 13.89
CA GLU A 39 -6.05 4.21 13.46
C GLU A 39 -6.56 4.06 12.01
N SER A 40 -6.84 5.16 11.31
CA SER A 40 -7.35 5.21 9.93
C SER A 40 -6.44 4.49 8.91
N VAL A 41 -6.70 3.21 8.66
CA VAL A 41 -5.84 2.31 7.86
C VAL A 41 -5.56 2.85 6.45
N ASN A 42 -6.55 3.45 5.79
CA ASN A 42 -6.38 4.09 4.47
C ASN A 42 -5.30 5.20 4.47
N SER A 43 -5.37 6.14 5.41
CA SER A 43 -4.38 7.22 5.60
C SER A 43 -3.02 6.67 6.02
N PHE A 44 -2.99 5.76 7.00
CA PHE A 44 -1.77 5.09 7.46
C PHE A 44 -1.04 4.37 6.32
N VAL A 45 -1.74 3.56 5.53
CA VAL A 45 -1.16 2.83 4.38
C VAL A 45 -0.67 3.79 3.30
N LYS A 46 -1.46 4.82 2.93
CA LYS A 46 -1.02 5.87 1.98
C LYS A 46 0.31 6.53 2.41
N ARG A 47 0.39 6.95 3.68
CA ARG A 47 1.59 7.57 4.29
C ARG A 47 2.78 6.61 4.39
N HIS A 48 2.54 5.35 4.77
CA HIS A 48 3.52 4.26 4.78
C HIS A 48 4.18 4.04 3.41
N ILE A 49 3.35 3.96 2.36
CA ILE A 49 3.80 3.78 0.98
C ILE A 49 4.65 4.98 0.53
N LEU A 50 4.13 6.20 0.70
CA LEU A 50 4.82 7.44 0.37
C LEU A 50 6.21 7.51 1.04
N LYS A 51 6.26 7.35 2.36
CA LYS A 51 7.51 7.38 3.15
C LYS A 51 8.51 6.31 2.69
N THR A 52 8.05 5.07 2.47
CA THR A 52 8.90 3.96 2.02
C THR A 52 9.49 4.21 0.62
N ILE A 53 8.71 4.80 -0.30
CA ILE A 53 9.18 5.19 -1.65
C ILE A 53 10.17 6.36 -1.57
N ILE A 54 9.89 7.39 -0.77
CA ILE A 54 10.71 8.61 -0.66
C ILE A 54 10.60 9.28 0.72
N TYR A 55 11.75 9.52 1.34
CA TYR A 55 11.90 10.08 2.69
C TYR A 55 11.95 11.63 2.66
N LYS A 56 10.93 12.25 2.04
CA LYS A 56 10.79 13.70 1.81
C LYS A 56 9.36 14.15 2.15
N LYS A 57 9.20 14.72 3.34
CA LYS A 57 7.93 15.20 3.92
C LYS A 57 8.11 16.61 4.49
N GLY A 58 7.31 17.56 3.99
CA GLY A 58 7.31 18.97 4.43
C GLY A 58 6.69 19.95 3.41
N THR A 59 6.79 19.63 2.12
CA THR A 59 6.23 20.42 1.00
C THR A 59 4.70 20.51 1.03
N ASN A 60 4.03 19.52 1.64
CA ASN A 60 2.57 19.41 1.78
C ASN A 60 2.18 18.93 3.19
N GLN A 61 0.89 19.02 3.52
CA GLN A 61 0.35 18.77 4.87
C GLN A 61 -1.00 18.01 4.84
N ASP A 62 -1.16 17.08 3.90
CA ASP A 62 -2.37 16.26 3.70
C ASP A 62 -2.80 15.50 4.97
N SER A 63 -3.92 15.93 5.58
CA SER A 63 -4.49 15.35 6.81
C SER A 63 -6.03 15.37 6.86
N SER A 64 -6.68 15.73 5.75
CA SER A 64 -8.15 15.87 5.63
C SER A 64 -8.91 14.55 5.86
N ILE A 65 -10.17 14.66 6.31
CA ILE A 65 -11.07 13.52 6.51
C ILE A 65 -11.26 12.69 5.22
N ASN A 66 -11.05 11.37 5.31
CA ASN A 66 -11.11 10.40 4.21
C ASN A 66 -11.63 9.04 4.71
N LYS B 13 -14.49 -13.52 6.40
CA LYS B 13 -13.70 -13.79 7.64
C LYS B 13 -12.17 -13.74 7.45
N ARG B 14 -11.57 -14.54 6.54
CA ARG B 14 -10.09 -14.71 6.42
C ARG B 14 -9.35 -13.55 5.75
N ASN B 15 -10.06 -12.73 4.99
CA ASN B 15 -9.53 -11.68 4.13
C ASN B 15 -10.22 -10.33 4.38
N PHE B 16 -9.43 -9.28 4.21
CA PHE B 16 -9.70 -7.88 4.57
C PHE B 16 -9.15 -6.95 3.49
N SER B 17 -9.77 -5.79 3.26
CA SER B 17 -9.50 -4.97 2.07
C SER B 17 -9.01 -3.56 2.43
N VAL B 18 -8.31 -2.92 1.49
CA VAL B 18 -7.68 -1.60 1.65
C VAL B 18 -7.89 -0.75 0.39
N THR B 19 -8.31 0.50 0.56
CA THR B 19 -8.57 1.47 -0.52
C THR B 19 -8.12 2.88 -0.13
N PHE B 20 -7.56 3.63 -1.10
CA PHE B 20 -7.10 5.02 -0.94
C PHE B 20 -6.85 5.68 -2.32
N TYR B 21 -6.29 6.89 -2.32
CA TYR B 21 -5.92 7.66 -3.52
C TYR B 21 -4.45 8.10 -3.51
N LEU B 22 -3.91 8.31 -4.71
CA LEU B 22 -2.61 8.92 -4.98
C LEU B 22 -2.77 9.99 -6.09
N SER B 23 -1.70 10.70 -6.39
CA SER B 23 -1.64 11.62 -7.53
C SER B 23 -1.40 10.87 -8.85
N LYS B 24 -1.77 11.47 -9.98
CA LYS B 24 -1.43 10.98 -11.33
C LYS B 24 0.08 10.72 -11.48
N GLU B 25 0.93 11.61 -10.95
CA GLU B 25 2.39 11.49 -11.07
C GLU B 25 2.92 10.25 -10.32
N GLU B 26 2.52 10.08 -9.06
CA GLU B 26 2.87 8.91 -8.24
C GLU B 26 2.37 7.62 -8.88
N HIS B 27 1.09 7.59 -9.27
CA HIS B 27 0.47 6.41 -9.86
C HIS B 27 1.10 6.04 -11.21
N ASP B 28 1.46 7.02 -12.05
CA ASP B 28 2.20 6.78 -13.31
C ASP B 28 3.61 6.21 -13.08
N VAL B 29 4.37 6.74 -12.10
CA VAL B 29 5.68 6.20 -11.72
C VAL B 29 5.55 4.76 -11.21
N LEU B 30 4.62 4.49 -10.29
CA LEU B 30 4.36 3.13 -9.78
C LEU B 30 3.80 2.20 -10.87
N ARG B 31 3.01 2.70 -11.82
CA ARG B 31 2.54 1.93 -12.99
C ARG B 31 3.69 1.48 -13.87
N ARG B 32 4.63 2.36 -14.23
CA ARG B 32 5.85 1.98 -14.98
C ARG B 32 6.68 0.94 -14.22
N LEU B 33 6.92 1.19 -12.92
CA LEU B 33 7.68 0.30 -12.05
C LEU B 33 7.02 -1.09 -11.89
N ALA B 34 5.68 -1.14 -11.85
CA ALA B 34 4.91 -2.38 -11.88
C ALA B 34 4.94 -3.05 -13.27
N ASP B 35 4.75 -2.30 -14.36
CA ASP B 35 4.78 -2.82 -15.75
C ASP B 35 6.14 -3.45 -16.12
N GLU B 36 7.23 -3.01 -15.48
CA GLU B 36 8.55 -3.65 -15.60
C GLU B 36 8.58 -5.14 -15.19
N GLU B 37 7.72 -5.60 -14.25
CA GLU B 37 7.89 -6.93 -13.61
C GLU B 37 6.62 -7.63 -13.04
N VAL B 38 5.47 -6.96 -12.97
CA VAL B 38 4.20 -7.45 -12.37
C VAL B 38 2.97 -7.13 -13.24
N GLU B 39 2.99 -6.03 -14.01
CA GLU B 39 1.95 -5.61 -14.98
C GLU B 39 0.58 -5.23 -14.38
N SER B 40 0.49 -5.12 -13.05
CA SER B 40 -0.70 -4.76 -12.27
C SER B 40 -0.34 -3.89 -11.07
N VAL B 41 -0.73 -2.60 -11.09
CA VAL B 41 -0.27 -1.59 -10.13
C VAL B 41 -0.73 -1.89 -8.70
N ASN B 42 -1.99 -2.30 -8.52
CA ASN B 42 -2.55 -2.56 -7.19
C ASN B 42 -1.95 -3.79 -6.50
N SER B 43 -1.70 -4.89 -7.24
CA SER B 43 -1.02 -6.07 -6.68
C SER B 43 0.48 -5.83 -6.47
N PHE B 44 1.14 -5.02 -7.32
CA PHE B 44 2.48 -4.51 -7.07
C PHE B 44 2.57 -3.71 -5.75
N VAL B 45 1.62 -2.79 -5.50
CA VAL B 45 1.53 -2.05 -4.22
C VAL B 45 1.24 -2.98 -3.04
N LYS B 46 0.32 -3.94 -3.17
CA LYS B 46 0.07 -4.98 -2.15
C LYS B 46 1.34 -5.75 -1.78
N ARG B 47 2.11 -6.19 -2.79
CA ARG B 47 3.43 -6.84 -2.63
C ARG B 47 4.44 -5.92 -1.93
N HIS B 48 4.53 -4.66 -2.34
CA HIS B 48 5.40 -3.63 -1.71
C HIS B 48 5.16 -3.50 -0.21
N ILE B 49 3.89 -3.41 0.21
CA ILE B 49 3.51 -3.31 1.63
C ILE B 49 3.85 -4.62 2.37
N LEU B 50 3.44 -5.77 1.82
CA LEU B 50 3.67 -7.08 2.41
C LEU B 50 5.17 -7.34 2.62
N LYS B 51 6.01 -7.09 1.61
CA LYS B 51 7.48 -7.22 1.70
C LYS B 51 8.09 -6.33 2.79
N THR B 52 7.60 -5.10 2.93
CA THR B 52 8.07 -4.10 3.92
C THR B 52 7.66 -4.43 5.37
N ILE B 53 6.68 -5.32 5.59
CA ILE B 53 6.10 -5.62 6.92
C ILE B 53 6.30 -7.09 7.34
N ILE B 54 6.37 -8.02 6.38
CA ILE B 54 6.44 -9.48 6.56
C ILE B 54 7.61 -10.04 5.72
N TYR B 55 8.82 -9.64 6.12
CA TYR B 55 10.09 -9.99 5.47
C TYR B 55 10.37 -11.50 5.39
N LYS B 56 9.89 -12.29 6.37
CA LYS B 56 10.12 -13.74 6.50
C LYS B 56 9.04 -14.37 7.40
N LYS B 57 8.29 -15.31 6.83
CA LYS B 57 7.25 -16.12 7.50
C LYS B 57 7.31 -17.63 7.17
N GLY B 58 8.42 -18.07 6.58
CA GLY B 58 8.61 -19.42 6.03
C GLY B 58 7.54 -19.83 4.99
N THR B 59 7.41 -21.13 4.75
CA THR B 59 6.27 -21.69 4.00
C THR B 59 4.96 -21.61 4.80
N ASN B 60 3.82 -21.59 4.10
CA ASN B 60 2.47 -21.48 4.67
C ASN B 60 1.45 -22.37 3.91
N GLN B 61 1.93 -23.31 3.10
CA GLN B 61 1.16 -24.18 2.20
C GLN B 61 1.92 -25.49 1.88
N ASP B 62 1.24 -26.45 1.23
CA ASP B 62 1.81 -27.70 0.72
C ASP B 62 1.06 -28.20 -0.53
N SER B 63 1.80 -28.80 -1.47
CA SER B 63 1.30 -29.39 -2.72
C SER B 63 2.06 -30.66 -3.15
N SER B 64 2.92 -31.20 -2.28
CA SER B 64 3.75 -32.39 -2.56
C SER B 64 2.93 -33.66 -2.85
N ILE B 65 3.49 -34.58 -3.64
CA ILE B 65 2.89 -35.87 -4.00
C ILE B 65 2.67 -36.79 -2.77
N ASN B 66 1.63 -37.63 -2.83
CA ASN B 66 1.27 -38.63 -1.82
C ASN B 66 0.61 -39.87 -2.45
N LYS A 13 -6.31 19.59 -12.58
CA LYS A 13 -5.87 18.58 -11.55
C LYS A 13 -6.66 17.26 -11.71
N ARG A 14 -6.02 16.12 -11.43
CA ARG A 14 -6.61 14.75 -11.46
C ARG A 14 -6.13 13.90 -10.29
N ASN A 15 -6.89 12.86 -9.96
CA ASN A 15 -6.62 11.89 -8.89
C ASN A 15 -6.90 10.45 -9.35
N PHE A 16 -6.14 9.53 -8.77
CA PHE A 16 -6.02 8.13 -9.18
C PHE A 16 -6.02 7.23 -7.95
N SER A 17 -6.61 6.03 -8.05
CA SER A 17 -6.95 5.21 -6.88
C SER A 17 -6.23 3.86 -6.86
N VAL A 18 -6.15 3.25 -5.68
CA VAL A 18 -5.48 1.96 -5.42
C VAL A 18 -6.40 1.12 -4.53
N THR A 19 -6.62 -0.14 -4.89
CA THR A 19 -7.62 -1.03 -4.25
C THR A 19 -7.22 -2.51 -4.38
N PHE A 20 -7.08 -3.21 -3.25
CA PHE A 20 -6.56 -4.59 -3.15
C PHE A 20 -7.01 -5.28 -1.83
N TYR A 21 -6.47 -6.48 -1.57
CA TYR A 21 -6.74 -7.29 -0.37
C TYR A 21 -5.46 -7.73 0.35
N LEU A 22 -5.58 -7.94 1.66
CA LEU A 22 -4.60 -8.59 2.54
C LEU A 22 -5.33 -9.61 3.45
N SER A 23 -4.56 -10.30 4.28
CA SER A 23 -5.10 -11.28 5.25
C SER A 23 -5.57 -10.60 6.53
N LYS A 24 -6.55 -11.19 7.23
CA LYS A 24 -7.09 -10.71 8.53
C LYS A 24 -6.01 -10.34 9.54
N GLU A 25 -5.01 -11.21 9.71
CA GLU A 25 -3.91 -11.02 10.67
C GLU A 25 -2.98 -9.86 10.28
N GLU A 26 -2.65 -9.73 9.00
CA GLU A 26 -1.89 -8.59 8.46
C GLU A 26 -2.69 -7.28 8.64
N HIS A 27 -3.97 -7.28 8.28
CA HIS A 27 -4.85 -6.12 8.46
C HIS A 27 -4.96 -5.69 9.92
N ASP A 28 -5.12 -6.64 10.86
CA ASP A 28 -5.11 -6.39 12.30
C ASP A 28 -3.79 -5.75 12.79
N VAL A 29 -2.63 -6.27 12.36
CA VAL A 29 -1.33 -5.67 12.68
C VAL A 29 -1.21 -4.25 12.11
N LEU A 30 -1.53 -4.04 10.82
CA LEU A 30 -1.53 -2.70 10.21
C LEU A 30 -2.51 -1.74 10.90
N ARG A 31 -3.69 -2.22 11.32
CA ARG A 31 -4.71 -1.43 12.04
C ARG A 31 -4.21 -0.96 13.41
N ARG A 32 -3.55 -1.82 14.19
CA ARG A 32 -2.93 -1.43 15.47
C ARG A 32 -1.78 -0.42 15.26
N LEU A 33 -0.90 -0.68 14.30
CA LEU A 33 0.20 0.23 13.95
C LEU A 33 -0.33 1.60 13.46
N ALA A 34 -1.44 1.63 12.72
CA ALA A 34 -2.16 2.84 12.37
C ALA A 34 -2.76 3.53 13.61
N ASP A 35 -3.49 2.81 14.47
CA ASP A 35 -4.10 3.36 15.68
C ASP A 35 -3.10 4.01 16.64
N GLU A 36 -1.85 3.54 16.68
CA GLU A 36 -0.76 4.16 17.46
C GLU A 36 -0.36 5.59 17.01
N GLU A 37 -0.64 6.02 15.76
CA GLU A 37 -0.10 7.30 15.23
C GLU A 37 -0.89 8.02 14.12
N VAL A 38 -1.90 7.39 13.49
CA VAL A 38 -2.67 7.90 12.34
C VAL A 38 -4.18 7.67 12.47
N GLU A 39 -4.61 6.60 13.14
CA GLU A 39 -6.02 6.25 13.45
C GLU A 39 -6.92 5.92 12.23
N SER A 40 -6.34 5.84 11.03
CA SER A 40 -7.03 5.60 9.75
C SER A 40 -6.19 4.69 8.85
N VAL A 41 -6.58 3.41 8.69
CA VAL A 41 -5.75 2.38 8.03
C VAL A 41 -5.44 2.71 6.57
N ASN A 42 -6.41 3.25 5.82
CA ASN A 42 -6.23 3.73 4.45
C ASN A 42 -5.13 4.80 4.34
N SER A 43 -5.22 5.87 5.15
CA SER A 43 -4.23 6.95 5.21
C SER A 43 -2.87 6.45 5.68
N PHE A 44 -2.86 5.55 6.68
CA PHE A 44 -1.64 4.92 7.19
C PHE A 44 -0.90 4.12 6.12
N VAL A 45 -1.59 3.24 5.39
CA VAL A 45 -0.96 2.45 4.30
C VAL A 45 -0.48 3.37 3.16
N LYS A 46 -1.28 4.36 2.75
CA LYS A 46 -0.88 5.38 1.76
C LYS A 46 0.42 6.10 2.16
N ARG A 47 0.49 6.59 3.40
CA ARG A 47 1.68 7.26 3.98
C ARG A 47 2.87 6.32 4.15
N HIS A 48 2.66 5.06 4.56
CA HIS A 48 3.68 4.01 4.65
C HIS A 48 4.38 3.78 3.30
N ILE A 49 3.59 3.64 2.23
CA ILE A 49 4.10 3.46 0.87
C ILE A 49 4.88 4.70 0.42
N LEU A 50 4.30 5.90 0.59
CA LEU A 50 4.96 7.17 0.30
C LEU A 50 6.34 7.28 0.99
N LYS A 51 6.38 7.15 2.32
CA LYS A 51 7.60 7.23 3.14
C LYS A 51 8.65 6.18 2.75
N THR A 52 8.24 4.94 2.48
CA THR A 52 9.15 3.86 2.06
C THR A 52 9.78 4.13 0.68
N ILE A 53 8.99 4.66 -0.26
CA ILE A 53 9.45 4.99 -1.62
C ILE A 53 10.32 6.26 -1.64
N ILE A 54 9.96 7.30 -0.88
CA ILE A 54 10.66 8.59 -0.84
C ILE A 54 10.54 9.29 0.52
N TYR A 55 11.69 9.70 1.06
CA TYR A 55 11.82 10.34 2.38
C TYR A 55 11.70 11.88 2.27
N LYS A 56 10.56 12.35 1.74
CA LYS A 56 10.27 13.76 1.43
C LYS A 56 8.80 14.10 1.75
N LYS A 57 8.61 14.76 2.91
CA LYS A 57 7.32 15.33 3.36
C LYS A 57 6.78 16.42 2.41
N GLY A 58 5.52 16.81 2.59
CA GLY A 58 4.88 17.89 1.82
C GLY A 58 3.55 18.40 2.39
N THR A 59 2.73 17.53 2.99
CA THR A 59 1.43 17.87 3.60
C THR A 59 1.21 17.13 4.92
N ASN A 60 0.39 17.70 5.81
CA ASN A 60 -0.12 17.01 7.02
C ASN A 60 -1.27 16.06 6.69
N GLN A 61 -1.66 15.20 7.65
CA GLN A 61 -2.84 14.33 7.56
C GLN A 61 -4.15 15.15 7.39
N ASP A 62 -5.09 14.62 6.59
CA ASP A 62 -6.43 15.18 6.37
C ASP A 62 -7.45 14.06 6.09
N SER A 63 -8.75 14.35 6.31
CA SER A 63 -9.87 13.42 6.10
C SER A 63 -11.19 14.19 6.02
N SER A 64 -11.77 14.24 4.82
CA SER A 64 -13.09 14.86 4.55
C SER A 64 -14.29 14.07 5.10
N ILE A 65 -14.07 12.89 5.68
CA ILE A 65 -15.11 12.01 6.25
C ILE A 65 -15.76 12.69 7.47
N ASN A 66 -17.11 12.69 7.52
CA ASN A 66 -17.91 13.26 8.61
C ASN A 66 -17.64 12.61 9.98
N LYS B 13 -14.33 -14.59 4.67
CA LYS B 13 -13.72 -14.76 6.03
C LYS B 13 -12.37 -14.03 6.16
N ARG B 14 -11.26 -14.60 5.64
CA ARG B 14 -9.87 -14.12 5.89
C ARG B 14 -9.40 -12.95 5.02
N ASN B 15 -10.14 -12.64 3.96
CA ASN B 15 -9.91 -11.50 3.05
C ASN B 15 -10.34 -10.18 3.72
N PHE B 16 -9.37 -9.28 3.91
CA PHE B 16 -9.51 -7.95 4.50
C PHE B 16 -8.98 -6.89 3.52
N SER B 17 -9.88 -6.06 3.00
CA SER B 17 -9.59 -5.14 1.88
C SER B 17 -8.87 -3.86 2.32
N VAL B 18 -8.16 -3.22 1.38
CA VAL B 18 -7.42 -1.96 1.58
C VAL B 18 -7.61 -1.09 0.33
N THR B 19 -8.02 0.17 0.54
CA THR B 19 -8.27 1.14 -0.55
C THR B 19 -7.81 2.55 -0.15
N PHE B 20 -7.30 3.33 -1.10
CA PHE B 20 -6.91 4.75 -0.91
C PHE B 20 -6.73 5.49 -2.26
N TYR B 21 -6.40 6.79 -2.19
CA TYR B 21 -6.28 7.69 -3.34
C TYR B 21 -4.93 8.43 -3.37
N LEU B 22 -4.51 8.79 -4.59
CA LEU B 22 -3.22 9.39 -4.96
C LEU B 22 -3.43 10.46 -6.04
N SER B 23 -2.34 11.10 -6.45
CA SER B 23 -2.28 12.04 -7.59
C SER B 23 -1.88 11.33 -8.88
N LYS B 24 -2.18 11.93 -10.04
CA LYS B 24 -1.88 11.34 -11.37
C LYS B 24 -0.41 10.99 -11.57
N GLU B 25 0.49 11.93 -11.25
CA GLU B 25 1.95 11.74 -11.39
C GLU B 25 2.48 10.63 -10.45
N GLU B 26 2.00 10.60 -9.21
CA GLU B 26 2.33 9.54 -8.25
C GLU B 26 1.89 8.16 -8.75
N HIS B 27 0.64 8.03 -9.22
CA HIS B 27 0.11 6.78 -9.74
C HIS B 27 0.83 6.34 -11.03
N ASP B 28 1.18 7.27 -11.92
CA ASP B 28 1.98 6.99 -13.12
C ASP B 28 3.40 6.47 -12.78
N VAL B 29 4.08 7.06 -11.78
CA VAL B 29 5.36 6.56 -11.26
C VAL B 29 5.20 5.15 -10.68
N LEU B 30 4.18 4.91 -9.84
CA LEU B 30 3.87 3.56 -9.35
C LEU B 30 3.55 2.59 -10.49
N ARG B 31 2.81 3.00 -11.52
CA ARG B 31 2.45 2.16 -12.68
C ARG B 31 3.68 1.71 -13.46
N ARG B 32 4.64 2.60 -13.73
CA ARG B 32 5.93 2.24 -14.36
C ARG B 32 6.76 1.29 -13.48
N LEU B 33 6.93 1.66 -12.20
CA LEU B 33 7.68 0.89 -11.21
C LEU B 33 7.10 -0.53 -11.01
N ALA B 34 5.77 -0.65 -11.04
CA ALA B 34 5.05 -1.92 -11.06
C ALA B 34 5.26 -2.67 -12.38
N ASP B 35 4.90 -2.09 -13.53
CA ASP B 35 4.94 -2.72 -14.85
C ASP B 35 6.32 -3.24 -15.28
N GLU B 36 7.40 -2.71 -14.70
CA GLU B 36 8.75 -3.31 -14.77
C GLU B 36 8.79 -4.82 -14.41
N GLU B 37 7.88 -5.32 -13.55
CA GLU B 37 7.84 -6.71 -13.05
C GLU B 37 6.43 -7.32 -12.89
N VAL B 38 5.40 -6.50 -12.65
CA VAL B 38 4.04 -6.86 -12.24
C VAL B 38 3.07 -5.80 -12.81
N GLU B 39 2.48 -6.09 -13.97
CA GLU B 39 1.58 -5.17 -14.70
C GLU B 39 0.37 -4.64 -13.89
N SER B 40 -0.12 -5.39 -12.90
CA SER B 40 -1.15 -4.93 -11.95
C SER B 40 -0.56 -4.04 -10.85
N VAL B 41 -0.83 -2.73 -10.91
CA VAL B 41 -0.36 -1.74 -9.93
C VAL B 41 -0.83 -2.09 -8.52
N ASN B 42 -2.07 -2.55 -8.35
CA ASN B 42 -2.60 -2.92 -7.03
C ASN B 42 -1.99 -4.23 -6.49
N SER B 43 -1.69 -5.21 -7.35
CA SER B 43 -0.96 -6.42 -6.95
C SER B 43 0.49 -6.11 -6.57
N PHE B 44 1.15 -5.21 -7.31
CA PHE B 44 2.45 -4.65 -6.95
C PHE B 44 2.43 -3.95 -5.58
N VAL B 45 1.43 -3.12 -5.28
CA VAL B 45 1.29 -2.49 -3.95
C VAL B 45 1.11 -3.53 -2.84
N LYS B 46 0.23 -4.53 -3.04
CA LYS B 46 0.09 -5.69 -2.13
C LYS B 46 1.45 -6.40 -1.89
N ARG B 47 2.18 -6.72 -2.96
CA ARG B 47 3.52 -7.32 -2.89
C ARG B 47 4.52 -6.43 -2.14
N HIS B 48 4.54 -5.12 -2.41
CA HIS B 48 5.37 -4.13 -1.72
C HIS B 48 5.16 -4.13 -0.21
N ILE B 49 3.91 -4.09 0.24
CA ILE B 49 3.56 -4.10 1.67
C ILE B 49 3.99 -5.42 2.30
N LEU B 50 3.66 -6.56 1.67
CA LEU B 50 4.08 -7.88 2.15
C LEU B 50 5.60 -8.01 2.26
N LYS B 51 6.36 -7.70 1.20
CA LYS B 51 7.84 -7.76 1.18
C LYS B 51 8.52 -6.83 2.20
N THR B 52 7.85 -5.74 2.60
CA THR B 52 8.35 -4.79 3.61
C THR B 52 8.13 -5.27 5.07
N ILE B 53 7.23 -6.24 5.30
CA ILE B 53 6.72 -6.58 6.65
C ILE B 53 6.80 -8.09 6.97
N ILE B 54 6.77 -8.96 5.96
CA ILE B 54 6.66 -10.43 6.06
C ILE B 54 7.82 -11.08 5.27
N TYR B 55 8.50 -12.03 5.92
CA TYR B 55 9.75 -12.64 5.43
C TYR B 55 9.79 -14.18 5.54
N LYS B 56 8.70 -14.80 6.03
CA LYS B 56 8.58 -16.25 6.28
C LYS B 56 7.15 -16.72 5.98
N LYS B 57 6.97 -17.39 4.83
CA LYS B 57 5.71 -18.06 4.40
C LYS B 57 6.00 -19.36 3.63
N GLY B 58 4.94 -20.10 3.28
CA GLY B 58 5.01 -21.29 2.42
C GLY B 58 5.26 -20.97 0.93
N THR B 59 5.54 -22.00 0.14
CA THR B 59 5.83 -21.91 -1.30
C THR B 59 4.63 -21.50 -2.17
N ASN B 60 3.41 -21.74 -1.69
CA ASN B 60 2.15 -21.48 -2.41
C ASN B 60 1.94 -20.00 -2.82
N GLN B 61 1.21 -19.79 -3.91
CA GLN B 61 0.80 -18.49 -4.47
C GLN B 61 -0.51 -18.62 -5.29
N ASP B 62 -1.05 -17.50 -5.76
CA ASP B 62 -2.22 -17.44 -6.66
C ASP B 62 -2.12 -16.26 -7.66
N SER B 63 -2.74 -16.45 -8.84
CA SER B 63 -2.80 -15.48 -9.94
C SER B 63 -4.11 -15.56 -10.76
N SER B 64 -5.10 -16.32 -10.28
CA SER B 64 -6.39 -16.53 -10.96
C SER B 64 -7.16 -15.22 -11.21
N ILE B 65 -7.83 -15.11 -12.36
CA ILE B 65 -8.61 -13.94 -12.81
C ILE B 65 -9.71 -14.37 -13.81
N ASN B 66 -10.80 -13.59 -13.89
CA ASN B 66 -11.93 -13.78 -14.80
C ASN B 66 -12.57 -12.44 -15.22
N LYS A 13 -9.44 18.67 -9.21
CA LYS A 13 -8.21 18.11 -9.88
C LYS A 13 -8.35 16.58 -10.10
N ARG A 14 -7.58 16.01 -11.05
CA ARG A 14 -7.50 14.54 -11.28
C ARG A 14 -6.90 13.81 -10.07
N ASN A 15 -7.33 12.57 -9.86
CA ASN A 15 -6.81 11.62 -8.86
C ASN A 15 -6.88 10.18 -9.40
N PHE A 16 -6.03 9.32 -8.84
CA PHE A 16 -5.80 7.94 -9.28
C PHE A 16 -5.98 6.99 -8.09
N SER A 17 -6.85 5.99 -8.20
CA SER A 17 -7.24 5.16 -7.05
C SER A 17 -6.42 3.87 -6.95
N VAL A 18 -6.41 3.26 -5.75
CA VAL A 18 -5.76 1.98 -5.44
C VAL A 18 -6.70 1.14 -4.55
N THR A 19 -6.84 -0.15 -4.85
CA THR A 19 -7.79 -1.06 -4.19
C THR A 19 -7.31 -2.51 -4.28
N PHE A 20 -7.16 -3.18 -3.13
CA PHE A 20 -6.70 -4.59 -3.04
C PHE A 20 -7.20 -5.30 -1.77
N TYR A 21 -7.06 -6.63 -1.73
CA TYR A 21 -7.37 -7.46 -0.57
C TYR A 21 -6.09 -7.87 0.20
N LEU A 22 -6.28 -8.15 1.49
CA LEU A 22 -5.31 -8.65 2.46
C LEU A 22 -5.90 -9.82 3.26
N SER A 23 -5.00 -10.56 3.91
CA SER A 23 -5.34 -11.48 4.99
C SER A 23 -5.75 -10.72 6.25
N LYS A 24 -6.57 -11.34 7.11
CA LYS A 24 -6.88 -10.83 8.46
C LYS A 24 -5.61 -10.52 9.27
N GLU A 25 -4.58 -11.34 9.15
CA GLU A 25 -3.34 -11.21 9.94
C GLU A 25 -2.53 -9.97 9.54
N GLU A 26 -2.21 -9.80 8.24
CA GLU A 26 -1.46 -8.63 7.77
C GLU A 26 -2.28 -7.33 7.87
N HIS A 27 -3.60 -7.40 7.65
CA HIS A 27 -4.51 -6.27 7.89
C HIS A 27 -4.51 -5.85 9.37
N ASP A 28 -4.61 -6.79 10.31
CA ASP A 28 -4.52 -6.51 11.74
C ASP A 28 -3.17 -5.87 12.13
N VAL A 29 -2.04 -6.39 11.62
CA VAL A 29 -0.71 -5.76 11.83
C VAL A 29 -0.72 -4.31 11.37
N LEU A 30 -1.14 -4.03 10.14
CA LEU A 30 -1.27 -2.66 9.62
C LEU A 30 -2.24 -1.81 10.46
N ARG A 31 -3.36 -2.37 10.91
CA ARG A 31 -4.35 -1.68 11.76
C ARG A 31 -3.76 -1.25 13.10
N ARG A 32 -3.04 -2.11 13.82
CA ARG A 32 -2.39 -1.72 15.10
C ARG A 32 -1.28 -0.69 14.88
N LEU A 33 -0.46 -0.88 13.83
CA LEU A 33 0.58 0.10 13.46
C LEU A 33 -0.03 1.47 13.09
N ALA A 34 -1.18 1.49 12.41
CA ALA A 34 -1.95 2.70 12.14
C ALA A 34 -2.55 3.31 13.43
N ASP A 35 -3.22 2.52 14.27
CA ASP A 35 -3.84 2.99 15.53
C ASP A 35 -2.82 3.60 16.51
N GLU A 36 -1.56 3.17 16.45
CA GLU A 36 -0.47 3.77 17.24
C GLU A 36 -0.18 5.26 16.91
N GLU A 37 -0.46 5.76 15.69
CA GLU A 37 -0.01 7.09 15.25
C GLU A 37 -0.86 7.86 14.20
N VAL A 38 -1.88 7.22 13.58
CA VAL A 38 -2.73 7.81 12.51
C VAL A 38 -4.23 7.49 12.70
N GLU A 39 -4.57 6.32 13.25
CA GLU A 39 -5.95 5.89 13.58
C GLU A 39 -6.92 5.72 12.38
N SER A 40 -6.38 5.77 11.15
CA SER A 40 -7.11 5.63 9.88
C SER A 40 -6.29 4.80 8.88
N VAL A 41 -6.62 3.52 8.74
CA VAL A 41 -5.79 2.51 8.02
C VAL A 41 -5.52 2.91 6.56
N ASN A 42 -6.51 3.46 5.84
CA ASN A 42 -6.34 3.93 4.47
C ASN A 42 -5.28 5.06 4.35
N SER A 43 -5.36 6.06 5.23
CA SER A 43 -4.41 7.18 5.31
C SER A 43 -3.02 6.71 5.75
N PHE A 44 -2.96 5.81 6.74
CA PHE A 44 -1.73 5.15 7.16
C PHE A 44 -1.05 4.39 6.01
N VAL A 45 -1.80 3.60 5.22
CA VAL A 45 -1.25 2.87 4.07
C VAL A 45 -0.74 3.83 2.98
N LYS A 46 -1.49 4.90 2.66
CA LYS A 46 -1.04 5.97 1.73
C LYS A 46 0.30 6.58 2.18
N ARG A 47 0.38 6.97 3.47
CA ARG A 47 1.59 7.50 4.12
C ARG A 47 2.75 6.50 4.14
N HIS A 48 2.49 5.23 4.45
CA HIS A 48 3.46 4.12 4.42
C HIS A 48 4.08 3.95 3.05
N ILE A 49 3.27 3.93 1.99
CA ILE A 49 3.76 3.79 0.61
C ILE A 49 4.60 5.01 0.22
N LEU A 50 4.14 6.24 0.51
CA LEU A 50 4.95 7.44 0.29
C LEU A 50 6.31 7.35 1.01
N LYS A 51 6.30 7.10 2.32
CA LYS A 51 7.51 7.02 3.18
C LYS A 51 8.50 5.95 2.72
N THR A 52 8.02 4.79 2.26
CA THR A 52 8.86 3.66 1.83
C THR A 52 9.36 3.80 0.39
N ILE A 53 8.65 4.53 -0.47
CA ILE A 53 9.08 4.85 -1.85
C ILE A 53 10.09 6.01 -1.87
N ILE A 54 9.93 7.05 -1.04
CA ILE A 54 10.77 8.26 -1.04
C ILE A 54 10.92 8.88 0.37
N TYR A 55 12.11 9.41 0.65
CA TYR A 55 12.57 9.82 1.99
C TYR A 55 12.94 11.32 2.06
N LYS A 56 12.28 12.16 1.24
CA LYS A 56 12.54 13.60 1.02
C LYS A 56 12.21 14.55 2.20
N LYS A 57 12.25 14.04 3.44
CA LYS A 57 11.99 14.78 4.69
C LYS A 57 12.94 15.97 4.90
N GLY A 58 12.52 16.96 5.69
CA GLY A 58 13.33 18.13 6.06
C GLY A 58 12.54 19.26 6.73
N THR A 59 11.27 19.45 6.36
CA THR A 59 10.36 20.49 6.89
C THR A 59 8.94 19.93 7.06
N ASN A 60 8.21 20.42 8.06
CA ASN A 60 6.83 20.01 8.34
C ASN A 60 5.87 20.34 7.17
N GLN A 61 5.08 19.36 6.73
CA GLN A 61 4.05 19.49 5.69
C GLN A 61 2.97 18.39 5.87
N ASP A 62 1.74 18.65 5.43
CA ASP A 62 0.66 17.64 5.36
C ASP A 62 1.03 16.43 4.49
N SER A 63 0.65 15.23 4.94
CA SER A 63 0.95 13.94 4.27
C SER A 63 -0.05 12.86 4.75
N SER A 64 -1.32 13.06 4.39
CA SER A 64 -2.48 12.26 4.83
C SER A 64 -3.68 12.43 3.88
N ILE A 65 -4.71 11.58 4.04
CA ILE A 65 -5.99 11.63 3.29
C ILE A 65 -7.20 11.41 4.23
N ASN A 66 -8.42 11.65 3.71
CA ASN A 66 -9.70 11.49 4.40
C ASN A 66 -9.91 10.09 5.03
N LYS B 13 -8.96 -18.88 4.89
CA LYS B 13 -8.60 -17.72 5.77
C LYS B 13 -9.54 -16.53 5.52
N ARG B 14 -9.89 -15.75 6.55
CA ARG B 14 -10.66 -14.49 6.42
C ARG B 14 -9.88 -13.44 5.58
N ASN B 15 -10.61 -12.58 4.88
CA ASN B 15 -10.09 -11.58 3.95
C ASN B 15 -10.62 -10.18 4.29
N PHE B 16 -9.75 -9.19 4.15
CA PHE B 16 -9.94 -7.80 4.55
C PHE B 16 -9.43 -6.87 3.44
N SER B 17 -10.26 -5.99 2.90
CA SER B 17 -9.90 -5.12 1.77
C SER B 17 -9.43 -3.74 2.23
N VAL B 18 -8.60 -3.09 1.40
CA VAL B 18 -7.97 -1.79 1.62
C VAL B 18 -8.11 -0.95 0.34
N THR B 19 -8.60 0.28 0.48
CA THR B 19 -8.86 1.21 -0.64
C THR B 19 -8.47 2.65 -0.27
N PHE B 20 -7.88 3.38 -1.23
CA PHE B 20 -7.43 4.77 -1.07
C PHE B 20 -7.18 5.47 -2.42
N TYR B 21 -6.74 6.73 -2.38
CA TYR B 21 -6.47 7.57 -3.55
C TYR B 21 -5.06 8.17 -3.51
N LEU B 22 -4.54 8.47 -4.70
CA LEU B 22 -3.21 9.01 -4.97
C LEU B 22 -3.28 10.17 -5.98
N SER B 23 -2.16 10.87 -6.08
CA SER B 23 -1.87 11.86 -7.12
C SER B 23 -1.43 11.18 -8.43
N LYS B 24 -1.56 11.90 -9.55
CA LYS B 24 -1.20 11.43 -10.89
C LYS B 24 0.26 10.98 -10.97
N GLU B 25 1.18 11.77 -10.39
CA GLU B 25 2.62 11.51 -10.43
C GLU B 25 3.04 10.31 -9.57
N GLU B 26 2.56 10.20 -8.34
CA GLU B 26 2.93 9.07 -7.47
C GLU B 26 2.30 7.75 -7.98
N HIS B 27 1.07 7.78 -8.51
CA HIS B 27 0.49 6.60 -9.17
C HIS B 27 1.25 6.23 -10.45
N ASP B 28 1.64 7.20 -11.28
CA ASP B 28 2.49 6.96 -12.46
C ASP B 28 3.84 6.29 -12.12
N VAL B 29 4.52 6.74 -11.06
CA VAL B 29 5.74 6.09 -10.53
C VAL B 29 5.46 4.65 -10.09
N LEU B 30 4.43 4.42 -9.27
CA LEU B 30 4.05 3.06 -8.85
C LEU B 30 3.69 2.17 -10.05
N ARG B 31 2.94 2.67 -11.03
CA ARG B 31 2.57 1.94 -12.25
C ARG B 31 3.77 1.61 -13.13
N ARG B 32 4.77 2.48 -13.24
CA ARG B 32 6.04 2.19 -13.97
C ARG B 32 6.84 1.08 -13.27
N LEU B 33 7.06 1.23 -11.97
CA LEU B 33 7.76 0.23 -11.16
C LEU B 33 7.01 -1.11 -11.09
N ALA B 34 5.67 -1.09 -11.14
CA ALA B 34 4.85 -2.27 -11.33
C ALA B 34 5.07 -2.90 -12.72
N ASP B 35 4.82 -2.15 -13.80
CA ASP B 35 4.96 -2.61 -15.20
C ASP B 35 6.35 -3.18 -15.54
N GLU B 36 7.40 -2.78 -14.83
CA GLU B 36 8.74 -3.40 -14.89
C GLU B 36 8.75 -4.93 -14.63
N GLU B 37 7.79 -5.49 -13.90
CA GLU B 37 7.76 -6.93 -13.55
C GLU B 37 6.37 -7.56 -13.27
N VAL B 38 5.40 -6.78 -12.75
CA VAL B 38 4.04 -7.19 -12.35
C VAL B 38 3.08 -6.02 -12.65
N GLU B 39 2.60 -5.94 -13.90
CA GLU B 39 1.80 -4.81 -14.40
C GLU B 39 0.48 -4.51 -13.65
N SER B 40 -0.04 -5.46 -12.86
CA SER B 40 -1.15 -5.25 -11.94
C SER B 40 -0.74 -4.34 -10.76
N VAL B 41 -0.94 -3.03 -10.91
CA VAL B 41 -0.47 -1.99 -9.96
C VAL B 41 -0.94 -2.25 -8.53
N ASN B 42 -2.20 -2.65 -8.34
CA ASN B 42 -2.75 -2.97 -7.03
C ASN B 42 -2.11 -4.23 -6.40
N SER B 43 -1.82 -5.28 -7.20
CA SER B 43 -1.08 -6.45 -6.73
C SER B 43 0.38 -6.11 -6.38
N PHE B 44 1.03 -5.28 -7.21
CA PHE B 44 2.36 -4.73 -6.93
C PHE B 44 2.39 -3.93 -5.61
N VAL B 45 1.39 -3.07 -5.35
CA VAL B 45 1.29 -2.34 -4.07
C VAL B 45 1.06 -3.30 -2.89
N LYS B 46 0.17 -4.29 -3.02
CA LYS B 46 -0.03 -5.35 -2.00
C LYS B 46 1.29 -6.04 -1.65
N ARG B 47 2.05 -6.46 -2.67
CA ARG B 47 3.41 -7.06 -2.55
C ARG B 47 4.42 -6.12 -1.89
N HIS B 48 4.47 -4.85 -2.31
CA HIS B 48 5.33 -3.80 -1.74
C HIS B 48 5.13 -3.63 -0.24
N ILE B 49 3.87 -3.54 0.20
CA ILE B 49 3.52 -3.41 1.62
C ILE B 49 3.93 -4.69 2.37
N LEU B 50 3.52 -5.86 1.87
CA LEU B 50 3.84 -7.16 2.47
C LEU B 50 5.36 -7.32 2.69
N LYS B 51 6.16 -7.22 1.62
CA LYS B 51 7.61 -7.47 1.65
C LYS B 51 8.39 -6.47 2.52
N THR B 52 7.88 -5.23 2.67
CA THR B 52 8.48 -4.22 3.56
C THR B 52 8.11 -4.48 5.03
N ILE B 53 6.87 -4.89 5.32
CA ILE B 53 6.38 -5.17 6.68
C ILE B 53 6.97 -6.48 7.25
N ILE B 54 7.11 -7.54 6.44
CA ILE B 54 7.56 -8.87 6.87
C ILE B 54 8.15 -9.69 5.69
N TYR B 55 9.06 -10.62 5.99
CA TYR B 55 9.76 -11.43 4.97
C TYR B 55 9.72 -12.96 5.23
N LYS B 56 9.41 -13.39 6.45
CA LYS B 56 9.39 -14.80 6.91
C LYS B 56 8.13 -15.11 7.74
N LYS B 57 6.95 -14.72 7.21
CA LYS B 57 5.62 -14.84 7.85
C LYS B 57 5.28 -16.26 8.32
N GLY B 58 4.35 -16.36 9.27
CA GLY B 58 3.85 -17.63 9.83
C GLY B 58 2.53 -18.13 9.21
N THR B 59 1.87 -17.33 8.39
CA THR B 59 0.59 -17.66 7.71
C THR B 59 0.73 -18.89 6.80
N ASN B 60 -0.31 -19.73 6.76
CA ASN B 60 -0.37 -20.94 5.91
C ASN B 60 -0.60 -20.60 4.41
N GLN B 61 -0.54 -21.63 3.55
CA GLN B 61 -0.79 -21.55 2.10
C GLN B 61 -1.55 -22.78 1.57
N ASP B 62 -1.72 -22.85 0.25
CA ASP B 62 -2.26 -24.00 -0.50
C ASP B 62 -1.28 -24.46 -1.60
N SER B 63 -1.60 -25.58 -2.27
CA SER B 63 -0.81 -26.16 -3.38
C SER B 63 -0.97 -25.43 -4.73
N SER B 64 -1.74 -24.34 -4.76
CA SER B 64 -2.04 -23.51 -5.94
C SER B 64 -0.80 -22.90 -6.63
N ILE B 65 -0.95 -22.53 -7.89
CA ILE B 65 0.10 -21.94 -8.74
C ILE B 65 -0.46 -20.71 -9.48
N ASN B 66 0.31 -19.61 -9.52
CA ASN B 66 -0.03 -18.36 -10.22
C ASN B 66 -0.35 -18.54 -11.72
N LYS A 13 -7.91 16.53 -13.49
CA LYS A 13 -7.72 16.46 -12.01
C LYS A 13 -6.64 15.40 -11.66
N ARG A 14 -5.96 15.53 -10.51
CA ARG A 14 -4.69 14.81 -10.19
C ARG A 14 -4.78 13.66 -9.18
N ASN A 15 -5.97 13.35 -8.67
CA ASN A 15 -6.22 12.17 -7.82
C ASN A 15 -6.24 10.89 -8.68
N PHE A 16 -5.46 9.92 -8.24
CA PHE A 16 -5.26 8.60 -8.88
C PHE A 16 -5.35 7.49 -7.82
N SER A 17 -6.40 6.68 -7.89
CA SER A 17 -6.78 5.76 -6.80
C SER A 17 -5.97 4.45 -6.78
N VAL A 18 -5.90 3.82 -5.61
CA VAL A 18 -5.19 2.56 -5.36
C VAL A 18 -6.04 1.68 -4.44
N THR A 19 -6.28 0.43 -4.83
CA THR A 19 -7.13 -0.52 -4.11
C THR A 19 -6.55 -1.93 -4.17
N PHE A 20 -6.63 -2.70 -3.08
CA PHE A 20 -6.22 -4.12 -3.00
C PHE A 20 -6.79 -4.81 -1.74
N TYR A 21 -6.40 -6.07 -1.53
CA TYR A 21 -6.79 -6.90 -0.39
C TYR A 21 -5.57 -7.40 0.41
N LEU A 22 -5.80 -7.77 1.67
CA LEU A 22 -4.83 -8.33 2.62
C LEU A 22 -5.47 -9.48 3.41
N SER A 23 -4.66 -10.19 4.20
CA SER A 23 -5.15 -11.22 5.14
C SER A 23 -5.73 -10.62 6.42
N LYS A 24 -6.44 -11.45 7.21
CA LYS A 24 -7.08 -11.03 8.48
C LYS A 24 -6.04 -10.54 9.50
N GLU A 25 -5.02 -11.38 9.74
CA GLU A 25 -3.94 -11.07 10.69
C GLU A 25 -3.00 -9.98 10.17
N GLU A 26 -2.75 -9.94 8.86
CA GLU A 26 -1.98 -8.88 8.20
C GLU A 26 -2.62 -7.50 8.37
N HIS A 27 -3.92 -7.39 8.08
CA HIS A 27 -4.66 -6.13 8.27
C HIS A 27 -4.80 -5.77 9.75
N ASP A 28 -4.99 -6.73 10.65
CA ASP A 28 -4.97 -6.49 12.10
C ASP A 28 -3.62 -5.94 12.63
N VAL A 29 -2.49 -6.48 12.13
CA VAL A 29 -1.14 -5.93 12.41
C VAL A 29 -1.02 -4.50 11.88
N LEU A 30 -1.42 -4.23 10.63
CA LEU A 30 -1.47 -2.86 10.12
C LEU A 30 -2.40 -1.96 10.94
N ARG A 31 -3.53 -2.46 11.45
CA ARG A 31 -4.43 -1.70 12.35
C ARG A 31 -3.77 -1.36 13.69
N ARG A 32 -2.96 -2.23 14.29
CA ARG A 32 -2.14 -1.89 15.47
C ARG A 32 -1.12 -0.79 15.17
N LEU A 33 -0.34 -0.98 14.10
CA LEU A 33 0.66 -0.01 13.61
C LEU A 33 0.02 1.35 13.27
N ALA A 34 -1.20 1.35 12.72
CA ALA A 34 -2.00 2.53 12.47
C ALA A 34 -2.52 3.16 13.79
N ASP A 35 -3.17 2.39 14.65
CA ASP A 35 -3.74 2.82 15.95
C ASP A 35 -2.70 3.42 16.91
N GLU A 36 -1.41 3.13 16.72
CA GLU A 36 -0.30 3.90 17.32
C GLU A 36 -0.41 5.44 17.16
N GLU A 37 -1.10 5.95 16.12
CA GLU A 37 -1.26 7.39 15.86
C GLU A 37 -2.52 7.81 15.08
N VAL A 38 -2.97 7.03 14.09
CA VAL A 38 -4.09 7.31 13.15
C VAL A 38 -4.68 5.96 12.72
N GLU A 39 -5.71 5.48 13.42
CA GLU A 39 -6.21 4.08 13.33
C GLU A 39 -6.75 3.61 11.96
N SER A 40 -7.08 4.52 11.05
CA SER A 40 -7.57 4.21 9.69
C SER A 40 -6.48 3.60 8.81
N VAL A 41 -6.50 2.28 8.63
CA VAL A 41 -5.46 1.50 7.91
C VAL A 41 -5.19 2.03 6.49
N ASN A 42 -6.21 2.43 5.74
CA ASN A 42 -6.02 3.00 4.40
C ASN A 42 -5.26 4.34 4.41
N SER A 43 -5.55 5.23 5.36
CA SER A 43 -4.79 6.48 5.56
C SER A 43 -3.36 6.19 6.04
N PHE A 44 -3.19 5.23 6.96
CA PHE A 44 -1.87 4.75 7.39
C PHE A 44 -1.04 4.20 6.23
N VAL A 45 -1.62 3.37 5.36
CA VAL A 45 -0.96 2.86 4.14
C VAL A 45 -0.58 4.01 3.19
N LYS A 46 -1.46 4.99 2.96
CA LYS A 46 -1.13 6.19 2.16
C LYS A 46 0.09 6.95 2.74
N ARG A 47 0.10 7.20 4.05
CA ARG A 47 1.21 7.87 4.77
C ARG A 47 2.51 7.06 4.69
N HIS A 48 2.42 5.75 4.95
CA HIS A 48 3.51 4.77 4.82
C HIS A 48 4.17 4.82 3.44
N ILE A 49 3.38 4.83 2.37
CA ILE A 49 3.85 4.98 0.99
C ILE A 49 4.53 6.35 0.78
N LEU A 50 3.86 7.44 1.19
CA LEU A 50 4.41 8.81 1.17
C LEU A 50 5.67 9.03 2.04
N LYS A 51 6.00 8.06 2.91
CA LYS A 51 7.19 8.09 3.80
C LYS A 51 8.20 6.95 3.54
N THR A 52 7.97 6.07 2.54
CA THR A 52 8.89 4.95 2.23
C THR A 52 9.09 4.66 0.74
N ILE A 53 8.06 4.84 -0.10
CA ILE A 53 8.18 4.82 -1.57
C ILE A 53 8.79 6.13 -2.09
N ILE A 54 8.66 7.21 -1.31
CA ILE A 54 9.22 8.54 -1.51
C ILE A 54 9.55 9.15 -0.12
N TYR A 55 10.45 10.13 -0.08
CA TYR A 55 10.91 10.79 1.16
C TYR A 55 11.22 12.28 0.90
N LYS A 56 10.20 13.02 0.48
CA LYS A 56 10.30 14.38 -0.10
C LYS A 56 9.28 15.35 0.53
N LYS A 57 9.22 15.34 1.87
CA LYS A 57 8.40 16.25 2.71
C LYS A 57 8.70 17.74 2.47
N GLY A 58 7.81 18.61 2.95
CA GLY A 58 8.00 20.08 2.91
C GLY A 58 6.71 20.92 2.99
N THR A 59 5.53 20.34 2.80
CA THR A 59 4.23 21.03 2.83
C THR A 59 3.09 20.13 3.37
N ASN A 60 1.89 20.69 3.50
CA ASN A 60 0.68 20.03 4.02
C ASN A 60 -0.58 20.53 3.27
N GLN A 61 -1.65 19.73 3.26
CA GLN A 61 -2.93 20.05 2.62
C GLN A 61 -3.70 21.13 3.40
N ASP A 62 -4.69 21.75 2.74
CA ASP A 62 -5.68 22.64 3.37
C ASP A 62 -6.74 21.90 4.22
N SER A 63 -6.72 20.56 4.21
CA SER A 63 -7.63 19.67 4.93
C SER A 63 -6.96 18.29 5.11
N SER A 64 -6.53 18.03 6.34
CA SER A 64 -5.91 16.78 6.82
C SER A 64 -6.58 16.27 8.11
N ILE A 65 -6.41 14.99 8.42
CA ILE A 65 -7.11 14.28 9.51
C ILE A 65 -6.17 13.40 10.35
N ASN A 66 -6.58 13.07 11.58
CA ASN A 66 -5.92 12.15 12.51
C ASN A 66 -6.95 11.43 13.42
N LYS B 13 -13.53 -17.97 0.39
CA LYS B 13 -12.41 -17.29 1.10
C LYS B 13 -12.85 -15.95 1.71
N ARG B 14 -12.10 -15.40 2.66
CA ARG B 14 -12.27 -14.04 3.24
C ARG B 14 -10.95 -13.24 3.19
N ASN B 15 -11.05 -11.93 3.00
CA ASN B 15 -9.95 -10.98 2.95
C ASN B 15 -10.38 -9.60 3.52
N PHE B 16 -9.39 -8.80 3.89
CA PHE B 16 -9.53 -7.46 4.49
C PHE B 16 -9.01 -6.41 3.52
N SER B 17 -9.86 -5.46 3.12
CA SER B 17 -9.58 -4.58 1.97
C SER B 17 -8.87 -3.28 2.36
N VAL B 18 -8.20 -2.66 1.39
CA VAL B 18 -7.42 -1.41 1.54
C VAL B 18 -7.69 -0.52 0.32
N THR B 19 -8.16 0.72 0.53
CA THR B 19 -8.65 1.63 -0.53
C THR B 19 -8.29 3.10 -0.26
N PHE B 20 -7.47 3.72 -1.11
CA PHE B 20 -6.93 5.07 -0.93
C PHE B 20 -6.55 5.76 -2.26
N TYR B 21 -5.85 6.91 -2.19
CA TYR B 21 -5.45 7.73 -3.33
C TYR B 21 -3.97 8.14 -3.28
N LEU B 22 -3.39 8.38 -4.46
CA LEU B 22 -2.07 8.99 -4.69
C LEU B 22 -2.18 10.07 -5.78
N SER B 23 -1.06 10.72 -6.08
CA SER B 23 -0.95 11.76 -7.12
C SER B 23 -0.67 11.16 -8.51
N LYS B 24 -1.08 11.86 -9.58
CA LYS B 24 -0.94 11.42 -10.99
C LYS B 24 0.46 10.93 -11.38
N GLU B 25 1.48 11.74 -11.15
CA GLU B 25 2.87 11.41 -11.55
C GLU B 25 3.45 10.26 -10.72
N GLU B 26 3.17 10.24 -9.41
CA GLU B 26 3.51 9.14 -8.50
C GLU B 26 2.86 7.82 -8.96
N HIS B 27 1.55 7.84 -9.24
CA HIS B 27 0.80 6.68 -9.73
C HIS B 27 1.32 6.18 -11.08
N ASP B 28 1.61 7.08 -12.03
CA ASP B 28 2.23 6.74 -13.32
C ASP B 28 3.58 6.03 -13.15
N VAL B 29 4.49 6.57 -12.33
CA VAL B 29 5.79 5.94 -12.03
C VAL B 29 5.61 4.57 -11.38
N LEU B 30 4.73 4.43 -10.38
CA LEU B 30 4.44 3.14 -9.73
C LEU B 30 3.79 2.14 -10.70
N ARG B 31 2.92 2.58 -11.61
CA ARG B 31 2.30 1.75 -12.66
C ARG B 31 3.33 1.27 -13.69
N ARG B 32 4.30 2.10 -14.07
CA ARG B 32 5.45 1.70 -14.91
C ARG B 32 6.35 0.67 -14.21
N LEU B 33 6.63 0.89 -12.92
CA LEU B 33 7.37 -0.07 -12.07
C LEU B 33 6.63 -1.41 -11.94
N ALA B 34 5.30 -1.38 -11.78
CA ALA B 34 4.46 -2.57 -11.82
C ALA B 34 4.50 -3.26 -13.19
N ASP B 35 4.32 -2.53 -14.29
CA ASP B 35 4.38 -3.06 -15.66
C ASP B 35 5.72 -3.75 -15.99
N GLU B 36 6.82 -3.28 -15.41
CA GLU B 36 8.16 -3.89 -15.56
C GLU B 36 8.27 -5.34 -15.01
N GLU B 37 7.47 -5.76 -14.01
CA GLU B 37 7.68 -7.04 -13.30
C GLU B 37 6.44 -7.75 -12.70
N VAL B 38 5.25 -7.13 -12.69
CA VAL B 38 4.01 -7.68 -12.09
C VAL B 38 2.76 -7.45 -12.98
N GLU B 39 2.76 -6.42 -13.83
CA GLU B 39 1.71 -6.07 -14.82
C GLU B 39 0.36 -5.58 -14.24
N SER B 40 0.19 -5.55 -12.92
CA SER B 40 -1.04 -5.13 -12.22
C SER B 40 -0.73 -4.32 -10.96
N VAL B 41 -1.25 -3.10 -10.86
CA VAL B 41 -0.93 -2.14 -9.77
C VAL B 41 -1.39 -2.65 -8.41
N ASN B 42 -2.60 -3.24 -8.33
CA ASN B 42 -3.16 -3.72 -7.06
C ASN B 42 -2.27 -4.80 -6.40
N SER B 43 -1.86 -5.82 -7.14
CA SER B 43 -0.98 -6.88 -6.65
C SER B 43 0.47 -6.41 -6.48
N PHE B 44 0.96 -5.48 -7.31
CA PHE B 44 2.26 -4.84 -7.13
C PHE B 44 2.37 -4.08 -5.79
N VAL B 45 1.39 -3.22 -5.46
CA VAL B 45 1.38 -2.51 -4.17
C VAL B 45 1.15 -3.48 -3.01
N LYS B 46 0.25 -4.47 -3.13
CA LYS B 46 0.09 -5.55 -2.13
C LYS B 46 1.43 -6.24 -1.80
N ARG B 47 2.17 -6.66 -2.83
CA ARG B 47 3.51 -7.27 -2.76
C ARG B 47 4.54 -6.35 -2.11
N HIS B 48 4.59 -5.08 -2.50
CA HIS B 48 5.44 -4.05 -1.87
C HIS B 48 5.17 -3.91 -0.37
N ILE B 49 3.90 -3.73 -0.01
CA ILE B 49 3.46 -3.49 1.37
C ILE B 49 3.71 -4.71 2.26
N LEU B 50 3.46 -5.93 1.76
CA LEU B 50 3.88 -7.17 2.40
C LEU B 50 5.39 -7.17 2.65
N LYS B 51 6.21 -7.11 1.58
CA LYS B 51 7.66 -7.28 1.63
C LYS B 51 8.35 -6.27 2.56
N THR B 52 8.00 -4.98 2.44
CA THR B 52 8.64 -3.91 3.24
C THR B 52 8.27 -3.98 4.74
N ILE B 53 7.06 -4.44 5.07
CA ILE B 53 6.63 -4.67 6.47
C ILE B 53 7.26 -5.95 7.03
N ILE B 54 7.30 -7.05 6.27
CA ILE B 54 7.84 -8.35 6.70
C ILE B 54 8.34 -9.19 5.52
N TYR B 55 9.58 -9.68 5.62
CA TYR B 55 10.27 -10.49 4.61
C TYR B 55 9.89 -11.99 4.68
N LYS B 56 8.58 -12.27 4.58
CA LYS B 56 7.96 -13.60 4.78
C LYS B 56 7.01 -13.95 3.63
N LYS B 57 7.56 -13.97 2.41
CA LYS B 57 6.89 -14.44 1.17
C LYS B 57 6.44 -15.91 1.24
N GLY B 58 5.58 -16.31 0.30
CA GLY B 58 5.15 -17.72 0.11
C GLY B 58 3.69 -18.01 0.48
N THR B 59 2.92 -17.01 0.88
CA THR B 59 1.48 -17.10 1.19
C THR B 59 0.63 -17.49 -0.03
N ASN B 60 -0.55 -18.09 0.22
CA ASN B 60 -1.52 -18.43 -0.83
C ASN B 60 -2.13 -17.17 -1.50
N GLN B 61 -2.63 -17.32 -2.74
CA GLN B 61 -3.03 -16.20 -3.59
C GLN B 61 -4.30 -15.46 -3.13
N ASP B 62 -4.31 -14.14 -3.32
CA ASP B 62 -5.46 -13.22 -3.24
C ASP B 62 -5.15 -11.91 -3.99
N SER B 63 -6.18 -11.10 -4.30
CA SER B 63 -6.10 -9.93 -5.19
C SER B 63 -5.46 -10.22 -6.58
N SER B 64 -5.54 -11.49 -7.03
CA SER B 64 -4.92 -11.99 -8.26
C SER B 64 -5.70 -11.68 -9.57
N ILE B 65 -6.83 -10.97 -9.46
CA ILE B 65 -7.75 -10.62 -10.56
C ILE B 65 -8.41 -9.24 -10.30
N ASN B 66 -8.91 -8.60 -11.37
CA ASN B 66 -9.59 -7.29 -11.36
C ASN B 66 -10.82 -7.30 -12.27
N LYS A 13 -5.83 19.11 -12.26
CA LYS A 13 -5.47 18.26 -11.08
C LYS A 13 -6.34 16.98 -11.04
N ARG A 14 -5.73 15.82 -10.71
CA ARG A 14 -6.39 14.50 -10.60
C ARG A 14 -5.91 13.73 -9.36
N ASN A 15 -6.63 12.65 -9.01
CA ASN A 15 -6.30 11.70 -7.95
C ASN A 15 -6.46 10.27 -8.49
N PHE A 16 -5.62 9.35 -8.01
CA PHE A 16 -5.40 8.03 -8.57
C PHE A 16 -5.44 6.96 -7.47
N SER A 17 -6.52 6.19 -7.39
CA SER A 17 -6.79 5.28 -6.27
C SER A 17 -6.15 3.89 -6.45
N VAL A 18 -6.00 3.18 -5.33
CA VAL A 18 -5.36 1.86 -5.17
C VAL A 18 -6.23 1.01 -4.24
N THR A 19 -6.56 -0.22 -4.66
CA THR A 19 -7.56 -1.09 -4.00
C THR A 19 -7.15 -2.58 -4.05
N PHE A 20 -6.96 -3.23 -2.90
CA PHE A 20 -6.49 -4.64 -2.82
C PHE A 20 -6.95 -5.38 -1.53
N TYR A 21 -6.52 -6.65 -1.40
CA TYR A 21 -6.88 -7.57 -0.32
C TYR A 21 -5.65 -8.11 0.42
N LEU A 22 -5.87 -8.49 1.69
CA LEU A 22 -4.90 -8.97 2.68
C LEU A 22 -5.53 -10.10 3.53
N SER A 23 -4.68 -10.73 4.35
CA SER A 23 -5.11 -11.72 5.36
C SER A 23 -5.62 -11.04 6.64
N LYS A 24 -6.38 -11.77 7.47
CA LYS A 24 -7.01 -11.26 8.71
C LYS A 24 -5.98 -10.75 9.73
N GLU A 25 -4.97 -11.56 10.06
CA GLU A 25 -3.94 -11.18 11.04
C GLU A 25 -3.05 -10.04 10.53
N GLU A 26 -2.71 -10.06 9.24
CA GLU A 26 -2.01 -8.98 8.53
C GLU A 26 -2.78 -7.66 8.59
N HIS A 27 -4.08 -7.66 8.26
CA HIS A 27 -4.94 -6.48 8.36
C HIS A 27 -5.09 -5.99 9.81
N ASP A 28 -5.24 -6.90 10.78
CA ASP A 28 -5.27 -6.56 12.21
C ASP A 28 -3.96 -5.89 12.70
N VAL A 29 -2.80 -6.35 12.22
CA VAL A 29 -1.51 -5.68 12.46
C VAL A 29 -1.49 -4.27 11.84
N LEU A 30 -1.94 -4.09 10.59
CA LEU A 30 -2.05 -2.75 10.00
C LEU A 30 -3.02 -1.84 10.77
N ARG A 31 -4.18 -2.36 11.21
CA ARG A 31 -5.15 -1.67 12.08
C ARG A 31 -4.50 -1.19 13.38
N ARG A 32 -3.76 -2.06 14.09
CA ARG A 32 -3.05 -1.71 15.32
C ARG A 32 -1.97 -0.64 15.09
N LEU A 33 -1.11 -0.84 14.10
CA LEU A 33 -0.05 0.10 13.74
C LEU A 33 -0.61 1.49 13.34
N ALA A 34 -1.73 1.52 12.60
CA ALA A 34 -2.43 2.76 12.28
C ALA A 34 -3.07 3.40 13.52
N ASP A 35 -3.78 2.64 14.35
CA ASP A 35 -4.45 3.14 15.57
C ASP A 35 -3.46 3.78 16.57
N GLU A 36 -2.23 3.26 16.68
CA GLU A 36 -1.16 3.85 17.50
C GLU A 36 -0.63 5.22 16.99
N GLU A 37 -0.93 5.64 15.76
CA GLU A 37 -0.24 6.79 15.11
C GLU A 37 -1.16 7.77 14.36
N VAL A 38 -2.15 7.28 13.61
CA VAL A 38 -2.94 8.04 12.60
C VAL A 38 -4.43 7.67 12.53
N GLU A 39 -4.89 6.71 13.35
CA GLU A 39 -6.29 6.26 13.52
C GLU A 39 -6.91 5.45 12.36
N SER A 40 -6.41 5.57 11.11
CA SER A 40 -7.00 4.91 9.93
C SER A 40 -5.98 4.28 8.98
N VAL A 41 -6.30 3.07 8.48
CA VAL A 41 -5.40 2.28 7.61
C VAL A 41 -5.21 2.92 6.24
N ASN A 42 -6.24 3.57 5.67
CA ASN A 42 -6.12 4.22 4.36
C ASN A 42 -5.05 5.34 4.36
N SER A 43 -5.02 6.16 5.41
CA SER A 43 -4.01 7.22 5.57
C SER A 43 -2.66 6.68 6.05
N PHE A 44 -2.64 5.64 6.89
CA PHE A 44 -1.42 4.92 7.23
C PHE A 44 -0.69 4.38 5.99
N VAL A 45 -1.41 3.66 5.11
CA VAL A 45 -0.82 3.07 3.91
C VAL A 45 -0.45 4.13 2.86
N LYS A 46 -1.30 5.15 2.60
CA LYS A 46 -0.91 6.22 1.66
C LYS A 46 0.36 6.96 2.11
N ARG A 47 0.50 7.28 3.41
CA ARG A 47 1.74 7.87 3.97
C ARG A 47 2.93 6.91 3.96
N HIS A 48 2.73 5.62 4.22
CA HIS A 48 3.79 4.58 4.10
C HIS A 48 4.41 4.56 2.71
N ILE A 49 3.58 4.55 1.67
CA ILE A 49 4.00 4.56 0.26
C ILE A 49 4.70 5.88 -0.08
N LEU A 50 4.09 7.02 0.29
CA LEU A 50 4.67 8.36 0.10
C LEU A 50 6.07 8.45 0.72
N LYS A 51 6.23 8.11 2.01
CA LYS A 51 7.51 8.09 2.71
C LYS A 51 8.54 7.20 1.99
N THR A 52 8.23 5.91 1.84
CA THR A 52 9.23 4.90 1.44
C THR A 52 9.70 5.01 -0.03
N ILE A 53 8.97 5.74 -0.87
CA ILE A 53 9.30 5.95 -2.30
C ILE A 53 9.66 7.43 -2.61
N ILE A 54 9.14 8.40 -1.84
CA ILE A 54 9.19 9.84 -2.15
C ILE A 54 9.59 10.67 -0.92
N TYR A 55 10.78 10.38 -0.39
CA TYR A 55 11.48 11.17 0.64
C TYR A 55 11.67 12.66 0.30
N LYS A 56 11.50 13.07 -0.98
CA LYS A 56 11.37 14.46 -1.45
C LYS A 56 10.07 15.17 -1.03
N LYS A 57 9.26 14.55 -0.17
CA LYS A 57 8.00 15.04 0.41
C LYS A 57 6.96 15.46 -0.66
N GLY A 58 6.53 14.48 -1.45
CA GLY A 58 5.46 14.64 -2.45
C GLY A 58 4.09 15.01 -1.86
N THR A 59 3.12 15.31 -2.73
CA THR A 59 1.72 15.63 -2.37
C THR A 59 0.97 14.42 -1.77
N ASN A 60 -0.15 14.69 -1.10
CA ASN A 60 -0.92 13.71 -0.30
C ASN A 60 -2.44 13.98 -0.34
N GLN A 61 -3.24 13.02 0.15
CA GLN A 61 -4.71 13.04 0.21
C GLN A 61 -5.22 12.79 1.64
N ASP A 62 -4.75 13.61 2.58
CA ASP A 62 -5.21 13.66 3.98
C ASP A 62 -5.20 15.11 4.55
N SER A 63 -5.31 16.12 3.65
CA SER A 63 -5.15 17.55 3.97
C SER A 63 -6.07 18.43 3.09
N SER A 64 -7.27 17.93 2.79
CA SER A 64 -8.21 18.48 1.79
C SER A 64 -9.61 18.78 2.33
N ILE A 65 -9.82 18.63 3.65
CA ILE A 65 -11.10 18.83 4.37
C ILE A 65 -10.83 19.67 5.63
N ASN A 66 -11.72 20.63 5.93
CA ASN A 66 -11.64 21.54 7.09
C ASN A 66 -11.63 20.81 8.44
N LYS B 13 -13.88 -16.10 8.28
CA LYS B 13 -13.45 -15.00 7.36
C LYS B 13 -11.98 -15.18 6.93
N ARG B 14 -11.66 -15.07 5.63
CA ARG B 14 -10.32 -15.35 5.05
C ARG B 14 -9.73 -14.19 4.21
N ASN B 15 -10.44 -13.08 4.08
CA ASN B 15 -10.07 -11.90 3.29
C ASN B 15 -10.46 -10.60 4.00
N PHE B 16 -9.56 -9.62 3.98
CA PHE B 16 -9.71 -8.29 4.56
C PHE B 16 -9.13 -7.25 3.58
N SER B 17 -9.77 -6.09 3.42
CA SER B 17 -9.52 -5.22 2.25
C SER B 17 -8.97 -3.83 2.61
N VAL B 18 -8.26 -3.21 1.68
CA VAL B 18 -7.57 -1.91 1.85
C VAL B 18 -7.78 -1.07 0.58
N THR B 19 -8.19 0.19 0.76
CA THR B 19 -8.50 1.13 -0.34
C THR B 19 -8.07 2.56 0.03
N PHE B 20 -7.39 3.28 -0.87
CA PHE B 20 -6.92 4.66 -0.65
C PHE B 20 -6.54 5.39 -1.97
N TYR B 21 -6.61 6.72 -1.95
CA TYR B 21 -6.07 7.56 -3.03
C TYR B 21 -4.55 7.77 -2.92
N LEU B 22 -3.92 8.00 -4.08
CA LEU B 22 -2.56 8.51 -4.29
C LEU B 22 -2.60 9.67 -5.32
N SER B 23 -1.44 10.29 -5.55
CA SER B 23 -1.27 11.35 -6.56
C SER B 23 -0.98 10.78 -7.96
N LYS B 24 -1.22 11.57 -9.02
CA LYS B 24 -1.06 11.14 -10.44
C LYS B 24 0.37 10.68 -10.75
N GLU B 25 1.37 11.50 -10.46
CA GLU B 25 2.79 11.19 -10.77
C GLU B 25 3.32 10.03 -9.90
N GLU B 26 2.88 9.96 -8.65
CA GLU B 26 3.15 8.84 -7.73
C GLU B 26 2.58 7.51 -8.29
N HIS B 27 1.31 7.49 -8.69
CA HIS B 27 0.69 6.32 -9.31
C HIS B 27 1.33 5.94 -10.65
N ASP B 28 1.76 6.92 -11.46
CA ASP B 28 2.51 6.68 -12.71
C ASP B 28 3.91 6.06 -12.45
N VAL B 29 4.63 6.51 -11.43
CA VAL B 29 5.87 5.87 -10.96
C VAL B 29 5.61 4.43 -10.52
N LEU B 30 4.58 4.18 -9.71
CA LEU B 30 4.17 2.82 -9.34
C LEU B 30 3.80 1.97 -10.58
N ARG B 31 3.09 2.53 -11.56
CA ARG B 31 2.74 1.86 -12.82
C ARG B 31 3.99 1.43 -13.60
N ARG B 32 5.03 2.26 -13.71
CA ARG B 32 6.32 1.87 -14.34
C ARG B 32 7.05 0.79 -13.55
N LEU B 33 7.20 0.97 -12.23
CA LEU B 33 7.84 -0.01 -11.34
C LEU B 33 7.12 -1.37 -11.38
N ALA B 34 5.79 -1.37 -11.47
CA ALA B 34 4.97 -2.56 -11.71
C ALA B 34 5.18 -3.13 -13.13
N ASP B 35 5.05 -2.31 -14.17
CA ASP B 35 5.17 -2.67 -15.59
C ASP B 35 6.52 -3.29 -16.00
N GLU B 36 7.60 -3.04 -15.24
CA GLU B 36 8.83 -3.84 -15.35
C GLU B 36 8.64 -5.37 -15.18
N GLU B 37 7.54 -5.85 -14.59
CA GLU B 37 7.22 -7.28 -14.41
C GLU B 37 5.72 -7.62 -14.63
N VAL B 38 4.80 -6.93 -13.93
CA VAL B 38 3.35 -7.13 -13.89
C VAL B 38 2.70 -5.78 -13.56
N GLU B 39 2.19 -5.09 -14.57
CA GLU B 39 1.69 -3.70 -14.55
C GLU B 39 0.51 -3.39 -13.61
N SER B 40 -0.12 -4.40 -13.01
CA SER B 40 -1.22 -4.30 -12.05
C SER B 40 -0.81 -3.60 -10.75
N VAL B 41 -0.88 -2.26 -10.71
CA VAL B 41 -0.42 -1.40 -9.60
C VAL B 41 -0.94 -1.86 -8.23
N ASN B 42 -2.22 -2.21 -8.11
CA ASN B 42 -2.77 -2.65 -6.83
C ASN B 42 -2.15 -3.96 -6.31
N SER B 43 -1.97 -4.97 -7.17
CA SER B 43 -1.27 -6.22 -6.83
C SER B 43 0.20 -5.98 -6.51
N PHE B 44 0.87 -5.13 -7.30
CA PHE B 44 2.25 -4.70 -7.07
C PHE B 44 2.43 -4.01 -5.70
N VAL B 45 1.56 -3.04 -5.36
CA VAL B 45 1.56 -2.37 -4.05
C VAL B 45 1.27 -3.34 -2.91
N LYS B 46 0.32 -4.26 -3.06
CA LYS B 46 0.05 -5.34 -2.09
C LYS B 46 1.30 -6.18 -1.81
N ARG B 47 1.99 -6.63 -2.87
CA ARG B 47 3.26 -7.39 -2.80
C ARG B 47 4.38 -6.58 -2.12
N HIS B 48 4.52 -5.31 -2.48
CA HIS B 48 5.47 -4.36 -1.87
C HIS B 48 5.27 -4.20 -0.37
N ILE B 49 4.03 -3.98 0.08
CA ILE B 49 3.69 -3.83 1.50
C ILE B 49 3.95 -5.13 2.26
N LEU B 50 3.54 -6.27 1.72
CA LEU B 50 3.83 -7.60 2.27
C LEU B 50 5.35 -7.77 2.48
N LYS B 51 6.16 -7.63 1.43
CA LYS B 51 7.64 -7.76 1.50
C LYS B 51 8.32 -6.74 2.42
N THR B 52 7.73 -5.57 2.62
CA THR B 52 8.25 -4.53 3.54
C THR B 52 7.98 -4.84 5.01
N ILE B 53 6.96 -5.64 5.33
CA ILE B 53 6.44 -5.82 6.70
C ILE B 53 6.55 -7.29 7.19
N ILE B 54 6.62 -8.26 6.28
CA ILE B 54 6.70 -9.71 6.55
C ILE B 54 7.82 -10.33 5.70
N TYR B 55 8.64 -11.18 6.33
CA TYR B 55 9.85 -11.77 5.71
C TYR B 55 9.92 -13.31 5.82
N LYS B 56 9.40 -13.89 6.92
CA LYS B 56 9.26 -15.34 7.16
C LYS B 56 8.23 -15.59 8.27
N LYS B 57 7.12 -16.25 7.93
CA LYS B 57 5.95 -16.46 8.82
C LYS B 57 5.27 -17.83 8.66
N GLY B 58 5.97 -18.80 8.09
CA GLY B 58 5.50 -20.17 7.87
C GLY B 58 6.25 -20.94 6.78
N THR B 59 5.81 -22.17 6.52
CA THR B 59 6.38 -23.11 5.52
C THR B 59 5.41 -23.49 4.40
N ASN B 60 4.11 -23.37 4.66
CA ASN B 60 3.00 -23.78 3.80
C ASN B 60 1.76 -22.85 3.98
N GLN B 61 0.79 -22.94 3.06
CA GLN B 61 -0.41 -22.09 3.04
C GLN B 61 -1.63 -22.79 2.41
N ASP B 62 -2.79 -22.12 2.48
CA ASP B 62 -4.06 -22.51 1.83
C ASP B 62 -4.74 -21.28 1.23
N SER B 63 -5.12 -21.36 -0.05
CA SER B 63 -5.48 -20.21 -0.90
C SER B 63 -6.61 -20.50 -1.91
N SER B 64 -7.38 -21.57 -1.69
CA SER B 64 -8.53 -21.96 -2.52
C SER B 64 -9.66 -20.90 -2.57
N ILE B 65 -10.52 -21.01 -3.59
CA ILE B 65 -11.59 -20.02 -3.91
C ILE B 65 -12.94 -20.73 -4.15
N ASN B 66 -13.19 -21.81 -3.37
CA ASN B 66 -14.34 -22.74 -3.48
C ASN B 66 -14.66 -23.17 -4.93
N LYS A 13 -5.49 19.98 -11.86
CA LYS A 13 -4.80 18.79 -11.26
C LYS A 13 -5.76 17.60 -11.12
N ARG A 14 -5.24 16.37 -10.95
CA ARG A 14 -6.01 15.11 -10.82
C ARG A 14 -5.48 14.22 -9.69
N ASN A 15 -6.29 13.25 -9.29
CA ASN A 15 -5.99 12.23 -8.26
C ASN A 15 -6.36 10.83 -8.76
N PHE A 16 -5.63 9.85 -8.26
CA PHE A 16 -5.59 8.47 -8.76
C PHE A 16 -5.64 7.49 -7.58
N SER A 17 -6.28 6.33 -7.76
CA SER A 17 -6.70 5.48 -6.64
C SER A 17 -6.08 4.07 -6.70
N VAL A 18 -6.00 3.41 -5.54
CA VAL A 18 -5.37 2.09 -5.35
C VAL A 18 -6.25 1.24 -4.42
N THR A 19 -6.60 0.03 -4.85
CA THR A 19 -7.50 -0.90 -4.13
C THR A 19 -7.05 -2.36 -4.27
N PHE A 20 -7.09 -3.12 -3.16
CA PHE A 20 -6.66 -4.53 -3.08
C PHE A 20 -7.14 -5.21 -1.78
N TYR A 21 -6.69 -6.44 -1.54
CA TYR A 21 -7.03 -7.26 -0.36
C TYR A 21 -5.78 -7.79 0.37
N LEU A 22 -5.90 -8.00 1.68
CA LEU A 22 -4.91 -8.57 2.59
C LEU A 22 -5.54 -9.64 3.49
N SER A 23 -4.67 -10.32 4.25
CA SER A 23 -5.04 -11.37 5.21
C SER A 23 -5.45 -10.78 6.57
N LYS A 24 -6.14 -11.56 7.41
CA LYS A 24 -6.67 -11.11 8.72
C LYS A 24 -5.58 -10.52 9.63
N GLU A 25 -4.51 -11.28 9.86
CA GLU A 25 -3.42 -10.89 10.76
C GLU A 25 -2.57 -9.76 10.20
N GLU A 26 -2.36 -9.71 8.88
CA GLU A 26 -1.71 -8.57 8.21
C GLU A 26 -2.50 -7.28 8.45
N HIS A 27 -3.81 -7.29 8.15
CA HIS A 27 -4.67 -6.13 8.37
C HIS A 27 -4.74 -5.72 9.85
N ASP A 28 -4.78 -6.67 10.79
CA ASP A 28 -4.71 -6.40 12.23
C ASP A 28 -3.39 -5.71 12.64
N VAL A 29 -2.23 -6.16 12.12
CA VAL A 29 -0.93 -5.51 12.37
C VAL A 29 -0.92 -4.08 11.80
N LEU A 30 -1.33 -3.90 10.54
CA LEU A 30 -1.42 -2.56 9.93
C LEU A 30 -2.39 -1.65 10.69
N ARG A 31 -3.53 -2.17 11.17
CA ARG A 31 -4.49 -1.45 12.01
C ARG A 31 -3.87 -1.02 13.34
N ARG A 32 -3.14 -1.89 14.05
CA ARG A 32 -2.46 -1.50 15.31
C ARG A 32 -1.40 -0.41 15.09
N LEU A 33 -0.54 -0.59 14.08
CA LEU A 33 0.49 0.38 13.69
C LEU A 33 -0.12 1.72 13.23
N ALA A 34 -1.29 1.70 12.58
CA ALA A 34 -2.07 2.91 12.30
C ALA A 34 -2.67 3.53 13.57
N ASP A 35 -3.36 2.75 14.39
CA ASP A 35 -4.02 3.20 15.64
C ASP A 35 -3.05 3.80 16.67
N GLU A 36 -1.75 3.48 16.57
CA GLU A 36 -0.68 4.17 17.31
C GLU A 36 -0.69 5.71 17.16
N GLU A 37 -1.07 6.26 15.99
CA GLU A 37 -1.16 7.73 15.77
C GLU A 37 -1.98 8.20 14.56
N VAL A 38 -2.10 7.41 13.48
CA VAL A 38 -2.84 7.76 12.24
C VAL A 38 -4.35 7.45 12.35
N GLU A 39 -4.71 6.41 13.12
CA GLU A 39 -6.10 6.01 13.46
C GLU A 39 -6.95 5.45 12.28
N SER A 40 -6.34 5.24 11.09
CA SER A 40 -7.01 4.60 9.94
C SER A 40 -6.04 3.87 9.00
N VAL A 41 -6.38 2.64 8.60
CA VAL A 41 -5.53 1.79 7.73
C VAL A 41 -5.29 2.40 6.34
N ASN A 42 -6.29 3.04 5.74
CA ASN A 42 -6.18 3.62 4.39
C ASN A 42 -5.17 4.77 4.36
N SER A 43 -5.27 5.74 5.28
CA SER A 43 -4.33 6.86 5.39
C SER A 43 -2.94 6.38 5.83
N PHE A 44 -2.87 5.39 6.72
CA PHE A 44 -1.61 4.75 7.12
C PHE A 44 -0.88 4.10 5.94
N VAL A 45 -1.54 3.22 5.17
CA VAL A 45 -0.92 2.54 4.02
C VAL A 45 -0.53 3.53 2.92
N LYS A 46 -1.38 4.53 2.63
CA LYS A 46 -1.03 5.68 1.77
C LYS A 46 0.30 6.33 2.18
N ARG A 47 0.39 6.78 3.44
CA ARG A 47 1.58 7.45 4.00
C ARG A 47 2.81 6.53 4.05
N HIS A 48 2.63 5.26 4.40
CA HIS A 48 3.67 4.22 4.41
C HIS A 48 4.33 4.06 3.03
N ILE A 49 3.52 3.92 1.97
CA ILE A 49 4.03 3.77 0.60
C ILE A 49 4.70 5.07 0.14
N LEU A 50 4.11 6.24 0.39
CA LEU A 50 4.73 7.52 0.06
C LEU A 50 6.10 7.70 0.72
N LYS A 51 6.22 7.44 2.04
CA LYS A 51 7.49 7.49 2.77
C LYS A 51 8.53 6.46 2.27
N THR A 52 8.07 5.29 1.81
CA THR A 52 8.94 4.22 1.27
C THR A 52 9.43 4.52 -0.15
N ILE A 53 8.62 5.18 -1.00
CA ILE A 53 8.88 5.32 -2.44
C ILE A 53 9.34 6.75 -2.79
N ILE A 54 8.50 7.77 -2.60
CA ILE A 54 8.81 9.19 -2.88
C ILE A 54 7.82 10.16 -2.21
N TYR A 55 8.36 11.23 -1.61
CA TYR A 55 7.65 12.36 -1.01
C TYR A 55 8.61 13.55 -0.91
N LYS A 56 8.07 14.77 -0.79
CA LYS A 56 8.82 16.04 -0.74
C LYS A 56 8.15 17.03 0.24
N LYS A 57 8.47 16.88 1.53
CA LYS A 57 7.79 17.54 2.68
C LYS A 57 6.25 17.33 2.69
N GLY A 58 5.81 16.21 2.10
CA GLY A 58 4.41 15.87 1.84
C GLY A 58 4.17 15.47 0.37
N THR A 59 2.90 15.42 -0.02
CA THR A 59 2.41 15.38 -1.42
C THR A 59 0.94 15.83 -1.49
N ASN A 60 0.41 15.99 -2.71
CA ASN A 60 -1.00 16.31 -2.95
C ASN A 60 -1.95 15.21 -2.40
N GLN A 61 -2.81 15.59 -1.45
CA GLN A 61 -3.73 14.72 -0.69
C GLN A 61 -5.08 15.44 -0.45
N ASP A 62 -6.07 14.72 0.10
CA ASP A 62 -7.41 15.24 0.40
C ASP A 62 -7.95 14.71 1.75
N SER A 63 -8.79 15.50 2.42
CA SER A 63 -9.36 15.22 3.74
C SER A 63 -10.81 15.71 3.90
N SER A 64 -11.49 16.06 2.80
CA SER A 64 -12.81 16.72 2.78
C SER A 64 -14.01 15.78 3.07
N ILE A 65 -13.75 14.50 3.34
CA ILE A 65 -14.76 13.47 3.69
C ILE A 65 -14.20 12.46 4.70
N ASN A 66 -15.07 11.92 5.57
CA ASN A 66 -14.74 10.90 6.59
C ASN A 66 -14.19 9.59 5.97
N LYS B 13 -15.34 -12.88 8.34
CA LYS B 13 -14.77 -12.76 6.96
C LYS B 13 -13.32 -13.28 6.91
N ARG B 14 -12.86 -13.75 5.73
CA ARG B 14 -11.52 -14.34 5.51
C ARG B 14 -10.56 -13.49 4.64
N ASN B 15 -11.03 -12.31 4.23
CA ASN B 15 -10.29 -11.32 3.44
C ASN B 15 -10.59 -9.90 3.97
N PHE B 16 -9.56 -9.06 4.02
CA PHE B 16 -9.56 -7.74 4.65
C PHE B 16 -9.05 -6.68 3.66
N SER B 17 -9.96 -5.83 3.17
CA SER B 17 -9.68 -4.94 2.04
C SER B 17 -8.91 -3.67 2.45
N VAL B 18 -8.25 -3.06 1.46
CA VAL B 18 -7.53 -1.77 1.59
C VAL B 18 -7.82 -0.92 0.34
N THR B 19 -8.11 0.37 0.54
CA THR B 19 -8.56 1.29 -0.52
C THR B 19 -8.20 2.75 -0.16
N PHE B 20 -7.44 3.44 -1.03
CA PHE B 20 -6.97 4.82 -0.79
C PHE B 20 -6.67 5.59 -2.10
N TYR B 21 -6.28 6.86 -1.96
CA TYR B 21 -6.04 7.82 -3.05
C TYR B 21 -4.65 8.47 -2.97
N LEU B 22 -4.14 8.86 -4.14
CA LEU B 22 -2.79 9.39 -4.41
C LEU B 22 -2.85 10.50 -5.47
N SER B 23 -1.69 11.06 -5.80
CA SER B 23 -1.51 12.00 -6.91
C SER B 23 -1.32 11.27 -8.25
N LYS B 24 -1.53 11.97 -9.38
CA LYS B 24 -1.19 11.46 -10.72
C LYS B 24 0.31 11.09 -10.84
N GLU B 25 1.18 11.93 -10.29
CA GLU B 25 2.63 11.72 -10.29
C GLU B 25 3.03 10.42 -9.56
N GLU B 26 2.51 10.21 -8.34
CA GLU B 26 2.77 8.98 -7.58
C GLU B 26 2.19 7.75 -8.27
N HIS B 27 0.95 7.81 -8.78
CA HIS B 27 0.36 6.67 -9.49
C HIS B 27 1.16 6.32 -10.76
N ASP B 28 1.63 7.30 -11.53
CA ASP B 28 2.52 7.07 -12.68
C ASP B 28 3.87 6.44 -12.29
N VAL B 29 4.49 6.88 -11.17
CA VAL B 29 5.67 6.22 -10.60
C VAL B 29 5.37 4.76 -10.25
N LEU B 30 4.27 4.48 -9.54
CA LEU B 30 3.85 3.10 -9.21
C LEU B 30 3.51 2.27 -10.45
N ARG B 31 2.87 2.85 -11.47
CA ARG B 31 2.59 2.20 -12.78
C ARG B 31 3.90 1.71 -13.43
N ARG B 32 4.90 2.58 -13.58
CA ARG B 32 6.20 2.23 -14.16
C ARG B 32 6.96 1.19 -13.31
N LEU B 33 7.05 1.44 -12.01
CA LEU B 33 7.75 0.57 -11.05
C LEU B 33 7.14 -0.83 -10.97
N ALA B 34 5.81 -0.95 -11.08
CA ALA B 34 5.10 -2.21 -11.21
C ALA B 34 5.33 -2.84 -12.60
N ASP B 35 5.05 -2.12 -13.68
CA ASP B 35 5.17 -2.59 -15.09
C ASP B 35 6.56 -3.12 -15.47
N GLU B 36 7.62 -2.69 -14.77
CA GLU B 36 8.96 -3.30 -14.84
C GLU B 36 8.97 -4.84 -14.63
N GLU B 37 7.99 -5.41 -13.91
CA GLU B 37 7.88 -6.85 -13.61
C GLU B 37 6.45 -7.43 -13.68
N VAL B 38 5.43 -6.66 -13.27
CA VAL B 38 4.02 -7.05 -13.10
C VAL B 38 3.12 -5.81 -13.29
N GLU B 39 2.55 -5.66 -14.49
CA GLU B 39 1.69 -4.52 -14.87
C GLU B 39 0.48 -4.24 -13.95
N SER B 40 0.02 -5.24 -13.18
CA SER B 40 -1.01 -5.11 -12.14
C SER B 40 -0.52 -4.30 -10.94
N VAL B 41 -0.81 -2.99 -10.90
CA VAL B 41 -0.43 -2.09 -9.78
C VAL B 41 -1.01 -2.57 -8.45
N ASN B 42 -2.24 -3.08 -8.42
CA ASN B 42 -2.84 -3.64 -7.20
C ASN B 42 -2.10 -4.89 -6.68
N SER B 43 -1.71 -5.82 -7.57
CA SER B 43 -0.86 -6.97 -7.19
C SER B 43 0.53 -6.53 -6.72
N PHE B 44 1.15 -5.60 -7.43
CA PHE B 44 2.43 -5.00 -7.04
C PHE B 44 2.38 -4.35 -5.65
N VAL B 45 1.39 -3.51 -5.36
CA VAL B 45 1.23 -2.86 -4.05
C VAL B 45 0.96 -3.90 -2.95
N LYS B 46 0.12 -4.92 -3.18
CA LYS B 46 -0.07 -6.03 -2.25
C LYS B 46 1.26 -6.73 -1.91
N ARG B 47 2.03 -7.13 -2.93
CA ARG B 47 3.36 -7.76 -2.76
C ARG B 47 4.37 -6.85 -2.05
N HIS B 48 4.39 -5.56 -2.38
CA HIS B 48 5.21 -4.52 -1.73
C HIS B 48 4.95 -4.44 -0.22
N ILE B 49 3.68 -4.41 0.18
CA ILE B 49 3.26 -4.36 1.59
C ILE B 49 3.66 -5.66 2.31
N LEU B 50 3.31 -6.82 1.75
CA LEU B 50 3.68 -8.13 2.31
C LEU B 50 5.19 -8.23 2.54
N LYS B 51 6.01 -7.93 1.52
CA LYS B 51 7.48 -7.97 1.60
C LYS B 51 8.05 -6.98 2.62
N THR B 52 7.51 -5.77 2.70
CA THR B 52 8.03 -4.70 3.57
C THR B 52 7.73 -4.94 5.05
N ILE B 53 6.55 -5.46 5.40
CA ILE B 53 6.15 -5.70 6.81
C ILE B 53 6.48 -7.13 7.28
N ILE B 54 6.56 -8.13 6.39
CA ILE B 54 6.78 -9.55 6.73
C ILE B 54 7.92 -10.14 5.88
N TYR B 55 9.03 -10.47 6.55
CA TYR B 55 10.23 -11.05 5.95
C TYR B 55 10.05 -12.52 5.53
N LYS B 56 9.34 -13.31 6.35
CA LYS B 56 9.05 -14.75 6.18
C LYS B 56 7.63 -15.06 6.67
N LYS B 57 6.71 -15.26 5.72
CA LYS B 57 5.29 -15.60 5.95
C LYS B 57 5.12 -16.88 6.80
N GLY B 58 3.97 -16.98 7.48
CA GLY B 58 3.57 -18.17 8.24
C GLY B 58 3.09 -19.35 7.37
N THR B 59 2.70 -19.08 6.12
CA THR B 59 2.17 -20.08 5.15
C THR B 59 2.70 -19.75 3.75
N ASN B 60 2.90 -20.78 2.91
CA ASN B 60 3.53 -20.67 1.58
C ASN B 60 2.62 -20.11 0.46
N GLN B 61 1.33 -19.90 0.74
CA GLN B 61 0.32 -19.44 -0.22
C GLN B 61 0.59 -18.02 -0.77
N ASP B 62 0.07 -17.75 -1.98
CA ASP B 62 0.17 -16.47 -2.69
C ASP B 62 -0.95 -16.29 -3.73
N SER B 63 -1.00 -15.12 -4.40
CA SER B 63 -1.96 -14.80 -5.46
C SER B 63 -1.29 -14.24 -6.75
N SER B 64 0.02 -14.50 -6.93
CA SER B 64 0.83 -14.05 -8.07
C SER B 64 0.65 -14.95 -9.31
N ILE B 65 -0.61 -15.25 -9.66
CA ILE B 65 -1.00 -16.14 -10.77
C ILE B 65 -0.60 -15.62 -12.17
N ASN B 66 -0.68 -16.51 -13.17
CA ASN B 66 -0.35 -16.24 -14.58
C ASN B 66 -1.22 -17.08 -15.54
N LYS A 13 -4.03 19.29 -9.78
CA LYS A 13 -3.57 18.13 -10.61
C LYS A 13 -4.48 16.90 -10.38
N ARG A 14 -4.69 16.05 -11.41
CA ARG A 14 -5.58 14.87 -11.34
C ARG A 14 -5.14 13.83 -10.30
N ASN A 15 -6.09 12.99 -9.88
CA ASN A 15 -5.93 11.96 -8.85
C ASN A 15 -6.34 10.57 -9.37
N PHE A 16 -5.68 9.56 -8.81
CA PHE A 16 -5.66 8.17 -9.25
C PHE A 16 -5.69 7.22 -8.04
N SER A 17 -6.33 6.05 -8.18
CA SER A 17 -6.73 5.24 -7.02
C SER A 17 -6.07 3.86 -7.00
N VAL A 18 -6.01 3.25 -5.81
CA VAL A 18 -5.38 1.95 -5.55
C VAL A 18 -6.28 1.15 -4.60
N THR A 19 -6.64 -0.08 -4.99
CA THR A 19 -7.60 -0.95 -4.27
C THR A 19 -7.19 -2.43 -4.32
N PHE A 20 -7.12 -3.10 -3.17
CA PHE A 20 -6.72 -4.52 -3.05
C PHE A 20 -7.21 -5.17 -1.74
N TYR A 21 -6.81 -6.42 -1.48
CA TYR A 21 -7.18 -7.20 -0.31
C TYR A 21 -5.96 -7.76 0.45
N LEU A 22 -6.13 -7.93 1.76
CA LEU A 22 -5.18 -8.53 2.70
C LEU A 22 -5.88 -9.59 3.58
N SER A 23 -5.08 -10.30 4.35
CA SER A 23 -5.54 -11.27 5.37
C SER A 23 -5.94 -10.56 6.67
N LYS A 24 -6.77 -11.20 7.49
CA LYS A 24 -7.26 -10.64 8.78
C LYS A 24 -6.12 -10.25 9.73
N GLU A 25 -5.15 -11.15 9.94
CA GLU A 25 -4.01 -10.91 10.84
C GLU A 25 -3.06 -9.81 10.32
N GLU A 26 -2.82 -9.77 9.00
CA GLU A 26 -2.06 -8.69 8.35
C GLU A 26 -2.75 -7.34 8.55
N HIS A 27 -4.04 -7.24 8.21
CA HIS A 27 -4.82 -6.00 8.35
C HIS A 27 -4.91 -5.53 9.81
N ASP A 28 -5.06 -6.45 10.77
CA ASP A 28 -5.03 -6.16 12.21
C ASP A 28 -3.66 -5.64 12.69
N VAL A 29 -2.54 -6.22 12.23
CA VAL A 29 -1.19 -5.68 12.50
C VAL A 29 -1.03 -4.27 11.93
N LEU A 30 -1.45 -4.02 10.67
CA LEU A 30 -1.48 -2.67 10.11
C LEU A 30 -2.37 -1.72 10.93
N ARG A 31 -3.54 -2.18 11.42
CA ARG A 31 -4.44 -1.40 12.27
C ARG A 31 -3.79 -0.99 13.60
N ARG A 32 -3.01 -1.85 14.24
CA ARG A 32 -2.22 -1.52 15.46
C ARG A 32 -1.11 -0.49 15.16
N LEU A 33 -0.32 -0.75 14.11
CA LEU A 33 0.74 0.14 13.65
C LEU A 33 0.19 1.54 13.26
N ALA A 34 -1.01 1.58 12.69
CA ALA A 34 -1.76 2.80 12.44
C ALA A 34 -2.29 3.45 13.74
N ASP A 35 -2.94 2.68 14.62
CA ASP A 35 -3.52 3.13 15.90
C ASP A 35 -2.51 3.73 16.88
N GLU A 36 -1.21 3.46 16.70
CA GLU A 36 -0.12 4.26 17.28
C GLU A 36 -0.28 5.79 17.10
N GLU A 37 -1.02 6.26 16.07
CA GLU A 37 -1.37 7.66 15.82
C GLU A 37 -2.84 7.89 15.37
N VAL A 38 -3.36 7.06 14.47
CA VAL A 38 -4.70 7.13 13.85
C VAL A 38 -4.96 5.81 13.09
N GLU A 39 -5.88 4.99 13.60
CA GLU A 39 -6.10 3.58 13.20
C GLU A 39 -6.46 3.29 11.73
N SER A 40 -6.79 4.31 10.93
CA SER A 40 -7.17 4.22 9.51
C SER A 40 -6.12 3.53 8.63
N VAL A 41 -6.25 2.21 8.41
CA VAL A 41 -5.28 1.36 7.69
C VAL A 41 -4.96 1.88 6.29
N ASN A 42 -5.95 2.35 5.54
CA ASN A 42 -5.74 2.88 4.18
C ASN A 42 -4.89 4.17 4.17
N SER A 43 -5.14 5.11 5.09
CA SER A 43 -4.30 6.30 5.29
C SER A 43 -2.90 5.95 5.78
N PHE A 44 -2.78 4.99 6.70
CA PHE A 44 -1.49 4.45 7.13
C PHE A 44 -0.69 3.82 5.98
N VAL A 45 -1.34 3.04 5.12
CA VAL A 45 -0.72 2.49 3.90
C VAL A 45 -0.27 3.60 2.94
N LYS A 46 -1.06 4.65 2.73
CA LYS A 46 -0.63 5.82 1.94
C LYS A 46 0.66 6.44 2.50
N ARG A 47 0.70 6.69 3.81
CA ARG A 47 1.89 7.22 4.53
C ARG A 47 3.09 6.27 4.45
N HIS A 48 2.88 4.97 4.59
CA HIS A 48 3.91 3.92 4.43
C HIS A 48 4.57 3.96 3.06
N ILE A 49 3.77 4.02 1.99
CA ILE A 49 4.26 4.09 0.61
C ILE A 49 5.02 5.40 0.37
N LEU A 50 4.48 6.54 0.83
CA LEU A 50 5.16 7.84 0.78
C LEU A 50 6.53 7.81 1.48
N LYS A 51 6.60 7.35 2.74
CA LYS A 51 7.86 7.22 3.50
C LYS A 51 8.87 6.28 2.84
N THR A 52 8.41 5.21 2.19
CA THR A 52 9.27 4.23 1.51
C THR A 52 9.87 4.76 0.20
N ILE A 53 9.20 5.68 -0.49
CA ILE A 53 9.54 6.09 -1.87
C ILE A 53 10.04 7.55 -1.95
N ILE A 54 9.65 8.43 -1.02
CA ILE A 54 9.89 9.87 -1.04
C ILE A 54 10.61 10.32 0.25
N TYR A 55 11.68 11.09 0.08
CA TYR A 55 12.50 11.66 1.18
C TYR A 55 12.95 13.12 0.95
N LYS A 56 12.44 13.76 -0.12
CA LYS A 56 12.72 15.15 -0.55
C LYS A 56 11.42 15.90 -0.92
N LYS A 57 10.34 15.60 -0.19
CA LYS A 57 8.97 16.12 -0.40
C LYS A 57 8.93 17.65 -0.45
N GLY A 58 8.10 18.20 -1.36
CA GLY A 58 7.91 19.64 -1.56
C GLY A 58 6.52 20.05 -2.07
N THR A 59 5.53 19.15 -1.93
CA THR A 59 4.14 19.31 -2.40
C THR A 59 3.16 18.71 -1.38
N ASN A 60 1.88 19.09 -1.47
CA ASN A 60 0.81 18.64 -0.56
C ASN A 60 -0.59 18.63 -1.22
N GLN A 61 -1.57 18.04 -0.53
CA GLN A 61 -2.98 17.95 -0.94
C GLN A 61 -3.92 18.19 0.27
N ASP A 62 -3.74 19.33 0.95
CA ASP A 62 -4.55 19.72 2.12
C ASP A 62 -6.07 19.76 1.84
N SER A 63 -6.87 19.54 2.89
CA SER A 63 -8.34 19.47 2.87
C SER A 63 -8.94 18.35 1.97
N SER A 64 -8.12 17.42 1.47
CA SER A 64 -8.58 16.20 0.80
C SER A 64 -9.28 15.22 1.77
N ILE A 65 -10.11 14.33 1.22
CA ILE A 65 -10.97 13.37 1.93
C ILE A 65 -10.92 11.97 1.26
N ASN A 66 -9.81 11.66 0.57
CA ASN A 66 -9.70 10.58 -0.42
C ASN A 66 -8.56 9.59 -0.08
N LYS B 13 -8.87 -17.92 4.97
CA LYS B 13 -10.36 -17.86 4.76
C LYS B 13 -10.93 -16.43 4.72
N ARG B 14 -10.76 -15.61 5.77
CA ARG B 14 -11.25 -14.20 5.81
C ARG B 14 -10.51 -13.29 4.81
N ASN B 15 -11.13 -12.14 4.51
CA ASN B 15 -10.66 -11.12 3.57
C ASN B 15 -10.89 -9.70 4.15
N PHE B 16 -9.87 -8.85 4.07
CA PHE B 16 -9.84 -7.51 4.67
C PHE B 16 -9.28 -6.50 3.66
N SER B 17 -10.14 -5.61 3.17
CA SER B 17 -9.81 -4.75 2.02
C SER B 17 -9.02 -3.49 2.39
N VAL B 18 -8.35 -2.91 1.39
CA VAL B 18 -7.59 -1.65 1.48
C VAL B 18 -7.87 -0.81 0.23
N THR B 19 -8.20 0.47 0.39
CA THR B 19 -8.66 1.37 -0.68
C THR B 19 -8.30 2.83 -0.40
N PHE B 20 -7.55 3.48 -1.31
CA PHE B 20 -7.06 4.85 -1.14
C PHE B 20 -6.75 5.56 -2.48
N TYR B 21 -6.40 6.85 -2.39
CA TYR B 21 -6.14 7.73 -3.54
C TYR B 21 -4.76 8.41 -3.46
N LEU B 22 -4.21 8.71 -4.63
CA LEU B 22 -2.88 9.27 -4.92
C LEU B 22 -3.00 10.31 -6.05
N SER B 23 -1.90 10.95 -6.41
CA SER B 23 -1.83 11.83 -7.59
C SER B 23 -1.58 11.05 -8.89
N LYS B 24 -1.86 11.67 -10.05
CA LYS B 24 -1.54 11.11 -11.37
C LYS B 24 -0.07 10.75 -11.52
N GLU B 25 0.84 11.65 -11.13
CA GLU B 25 2.30 11.44 -11.25
C GLU B 25 2.82 10.36 -10.31
N GLU B 26 2.30 10.30 -9.08
CA GLU B 26 2.60 9.20 -8.14
C GLU B 26 2.11 7.84 -8.68
N HIS B 27 0.87 7.78 -9.18
CA HIS B 27 0.34 6.57 -9.80
C HIS B 27 1.13 6.17 -11.06
N ASP B 28 1.55 7.12 -11.89
CA ASP B 28 2.44 6.87 -13.04
C ASP B 28 3.79 6.25 -12.62
N VAL B 29 4.43 6.76 -11.56
CA VAL B 29 5.66 6.16 -10.99
C VAL B 29 5.40 4.73 -10.52
N LEU B 30 4.36 4.50 -9.70
CA LEU B 30 3.99 3.15 -9.25
C LEU B 30 3.66 2.23 -10.42
N ARG B 31 2.96 2.71 -11.45
CA ARG B 31 2.57 1.98 -12.66
C ARG B 31 3.78 1.53 -13.48
N ARG B 32 4.80 2.38 -13.65
CA ARG B 32 6.07 2.02 -14.31
C ARG B 32 6.85 0.97 -13.50
N LEU B 33 7.06 1.23 -12.20
CA LEU B 33 7.75 0.31 -11.29
C LEU B 33 7.04 -1.06 -11.18
N ALA B 34 5.70 -1.07 -11.25
CA ALA B 34 4.89 -2.28 -11.37
C ALA B 34 5.11 -2.95 -12.73
N ASP B 35 4.78 -2.29 -13.84
CA ASP B 35 4.81 -2.83 -15.21
C ASP B 35 6.18 -3.37 -15.66
N GLU B 36 7.28 -2.95 -15.02
CA GLU B 36 8.59 -3.59 -15.13
C GLU B 36 8.58 -5.12 -14.90
N GLU B 37 7.62 -5.66 -14.13
CA GLU B 37 7.51 -7.09 -13.77
C GLU B 37 6.08 -7.63 -13.50
N VAL B 38 5.13 -6.76 -13.15
CA VAL B 38 3.76 -7.06 -12.68
C VAL B 38 2.84 -5.92 -13.13
N GLU B 39 2.19 -6.07 -14.30
CA GLU B 39 1.29 -5.05 -14.87
C GLU B 39 0.12 -4.63 -13.95
N SER B 40 -0.30 -5.50 -13.03
CA SER B 40 -1.36 -5.25 -12.02
C SER B 40 -0.85 -4.36 -10.89
N VAL B 41 -0.91 -3.03 -11.07
CA VAL B 41 -0.37 -2.01 -10.14
C VAL B 41 -0.83 -2.21 -8.70
N ASN B 42 -2.11 -2.52 -8.47
CA ASN B 42 -2.65 -2.79 -7.13
C ASN B 42 -2.06 -4.04 -6.47
N SER B 43 -1.90 -5.15 -7.21
CA SER B 43 -1.26 -6.38 -6.72
C SER B 43 0.25 -6.19 -6.47
N PHE B 44 0.91 -5.39 -7.31
CA PHE B 44 2.28 -4.91 -7.05
C PHE B 44 2.36 -4.12 -5.74
N VAL B 45 1.47 -3.14 -5.50
CA VAL B 45 1.44 -2.38 -4.23
C VAL B 45 1.16 -3.30 -3.03
N LYS B 46 0.21 -4.24 -3.13
CA LYS B 46 -0.06 -5.25 -2.10
C LYS B 46 1.19 -6.04 -1.72
N ARG B 47 1.92 -6.58 -2.70
CA ARG B 47 3.18 -7.31 -2.48
C ARG B 47 4.34 -6.41 -2.02
N HIS B 48 4.41 -5.16 -2.47
CA HIS B 48 5.35 -4.15 -1.95
C HIS B 48 5.18 -3.91 -0.45
N ILE B 49 3.95 -3.77 0.01
CA ILE B 49 3.63 -3.60 1.44
C ILE B 49 3.97 -4.88 2.21
N LEU B 50 3.60 -6.07 1.70
CA LEU B 50 3.98 -7.35 2.29
C LEU B 50 5.52 -7.42 2.49
N LYS B 51 6.30 -7.19 1.44
CA LYS B 51 7.78 -7.18 1.43
C LYS B 51 8.44 -6.10 2.30
N THR B 52 7.67 -5.17 2.89
CA THR B 52 8.14 -4.09 3.76
C THR B 52 7.47 -4.08 5.15
N ILE B 53 6.71 -5.13 5.47
CA ILE B 53 6.02 -5.34 6.77
C ILE B 53 6.24 -6.79 7.29
N ILE B 54 6.46 -7.76 6.39
CA ILE B 54 6.64 -9.19 6.67
C ILE B 54 7.95 -9.67 6.02
N TYR B 55 8.67 -10.54 6.73
CA TYR B 55 10.05 -10.95 6.42
C TYR B 55 10.22 -12.47 6.59
N LYS B 56 9.38 -13.24 5.88
CA LYS B 56 9.24 -14.70 5.95
C LYS B 56 9.04 -15.28 4.54
N LYS B 57 10.12 -15.82 3.97
CA LYS B 57 10.21 -16.39 2.61
C LYS B 57 11.11 -17.64 2.60
N GLY B 58 10.85 -18.56 1.66
CA GLY B 58 11.64 -19.80 1.52
C GLY B 58 11.25 -20.72 0.34
N THR B 59 10.06 -20.54 -0.25
CA THR B 59 9.60 -21.22 -1.48
C THR B 59 10.47 -20.93 -2.72
N ASN B 60 10.37 -21.81 -3.73
CA ASN B 60 11.23 -21.82 -4.92
C ASN B 60 10.44 -22.17 -6.21
N GLN B 61 9.17 -21.74 -6.29
CA GLN B 61 8.21 -22.14 -7.33
C GLN B 61 8.49 -21.56 -8.74
N ASP B 62 9.48 -20.68 -8.87
CA ASP B 62 9.96 -20.09 -10.13
C ASP B 62 11.48 -19.83 -10.11
N SER B 63 12.07 -19.68 -11.31
CA SER B 63 13.53 -19.56 -11.53
C SER B 63 13.91 -18.65 -12.71
N SER B 64 12.97 -17.84 -13.20
CA SER B 64 13.13 -16.98 -14.39
C SER B 64 14.31 -16.01 -14.32
N ILE B 65 14.99 -15.80 -15.46
CA ILE B 65 16.11 -14.86 -15.60
C ILE B 65 15.67 -13.38 -15.46
N ASN B 66 16.64 -12.50 -15.17
CA ASN B 66 16.48 -11.03 -15.14
C ASN B 66 16.01 -10.45 -16.49
N LYS A 13 -7.94 17.47 -8.69
CA LYS A 13 -7.16 16.96 -9.87
C LYS A 13 -6.04 15.99 -9.42
N ARG A 14 -5.47 15.21 -10.37
CA ARG A 14 -4.33 14.27 -10.20
C ARG A 14 -4.49 13.16 -9.14
N ASN A 15 -5.73 12.81 -8.78
CA ASN A 15 -6.06 11.69 -7.89
C ASN A 15 -6.08 10.37 -8.68
N PHE A 16 -5.23 9.43 -8.28
CA PHE A 16 -5.04 8.11 -8.87
C PHE A 16 -5.20 7.02 -7.81
N SER A 17 -6.36 6.36 -7.81
CA SER A 17 -6.78 5.45 -6.75
C SER A 17 -6.00 4.12 -6.73
N VAL A 18 -5.95 3.49 -5.55
CA VAL A 18 -5.33 2.17 -5.32
C VAL A 18 -6.18 1.38 -4.32
N THR A 19 -6.44 0.11 -4.63
CA THR A 19 -7.26 -0.80 -3.81
C THR A 19 -6.69 -2.23 -3.83
N PHE A 20 -6.66 -2.93 -2.69
CA PHE A 20 -6.28 -4.35 -2.64
C PHE A 20 -6.71 -5.05 -1.34
N TYR A 21 -6.88 -6.38 -1.41
CA TYR A 21 -7.04 -7.25 -0.24
C TYR A 21 -5.72 -7.51 0.50
N LEU A 22 -5.83 -7.78 1.80
CA LEU A 22 -4.80 -8.31 2.70
C LEU A 22 -5.40 -9.45 3.56
N SER A 23 -4.55 -10.08 4.36
CA SER A 23 -4.96 -11.14 5.31
C SER A 23 -5.52 -10.55 6.61
N LYS A 24 -6.37 -11.29 7.34
CA LYS A 24 -7.00 -10.84 8.59
C LYS A 24 -5.99 -10.40 9.66
N GLU A 25 -4.99 -11.24 9.93
CA GLU A 25 -3.96 -10.96 10.95
C GLU A 25 -3.10 -9.74 10.57
N GLU A 26 -2.70 -9.65 9.29
CA GLU A 26 -1.98 -8.49 8.73
C GLU A 26 -2.78 -7.19 8.83
N HIS A 27 -4.07 -7.20 8.44
CA HIS A 27 -4.94 -6.04 8.59
C HIS A 27 -5.10 -5.62 10.05
N ASP A 28 -5.19 -6.58 10.98
CA ASP A 28 -5.24 -6.30 12.43
C ASP A 28 -3.93 -5.71 12.99
N VAL A 29 -2.75 -6.24 12.64
CA VAL A 29 -1.48 -5.63 13.07
C VAL A 29 -1.26 -4.24 12.48
N LEU A 30 -1.63 -4.02 11.20
CA LEU A 30 -1.62 -2.69 10.59
C LEU A 30 -2.65 -1.75 11.27
N ARG A 31 -3.82 -2.24 11.68
CA ARG A 31 -4.80 -1.48 12.49
C ARG A 31 -4.23 -1.06 13.84
N ARG A 32 -3.47 -1.91 14.55
CA ARG A 32 -2.79 -1.55 15.81
C ARG A 32 -1.71 -0.48 15.61
N LEU A 33 -0.85 -0.68 14.61
CA LEU A 33 0.19 0.28 14.21
C LEU A 33 -0.40 1.63 13.76
N ALA A 34 -1.56 1.61 13.10
CA ALA A 34 -2.36 2.80 12.79
C ALA A 34 -2.94 3.44 14.06
N ASP A 35 -3.65 2.68 14.91
CA ASP A 35 -4.29 3.14 16.15
C ASP A 35 -3.32 3.79 17.16
N GLU A 36 -2.02 3.45 17.09
CA GLU A 36 -0.96 4.19 17.79
C GLU A 36 -0.95 5.72 17.53
N GLU A 37 -1.46 6.19 16.38
CA GLU A 37 -1.45 7.62 15.98
C GLU A 37 -2.72 8.09 15.23
N VAL A 38 -3.16 7.35 14.20
CA VAL A 38 -4.26 7.68 13.28
C VAL A 38 -4.90 6.35 12.82
N GLU A 39 -5.95 5.92 13.52
CA GLU A 39 -6.51 4.55 13.47
C GLU A 39 -6.98 4.01 12.11
N SER A 40 -7.27 4.86 11.13
CA SER A 40 -7.73 4.48 9.79
C SER A 40 -6.63 3.77 8.97
N VAL A 41 -6.75 2.45 8.80
CA VAL A 41 -5.78 1.59 8.08
C VAL A 41 -5.40 2.11 6.69
N ASN A 42 -6.34 2.67 5.94
CA ASN A 42 -6.08 3.18 4.59
C ASN A 42 -5.26 4.47 4.58
N SER A 43 -5.52 5.41 5.50
CA SER A 43 -4.69 6.60 5.72
C SER A 43 -3.28 6.21 6.19
N PHE A 44 -3.18 5.26 7.13
CA PHE A 44 -1.92 4.69 7.60
C PHE A 44 -1.11 4.04 6.46
N VAL A 45 -1.75 3.24 5.60
CA VAL A 45 -1.10 2.63 4.41
C VAL A 45 -0.68 3.69 3.39
N LYS A 46 -1.51 4.70 3.08
CA LYS A 46 -1.14 5.83 2.21
C LYS A 46 0.11 6.56 2.74
N ARG A 47 0.15 6.83 4.06
CA ARG A 47 1.31 7.41 4.77
C ARG A 47 2.55 6.50 4.75
N HIS A 48 2.38 5.18 4.92
CA HIS A 48 3.45 4.18 4.76
C HIS A 48 4.08 4.24 3.36
N ILE A 49 3.26 4.29 2.32
CA ILE A 49 3.71 4.35 0.92
C ILE A 49 4.49 5.64 0.65
N LEU A 50 3.92 6.82 0.98
CA LEU A 50 4.62 8.09 0.75
C LEU A 50 5.93 8.16 1.55
N LYS A 51 5.97 7.68 2.80
CA LYS A 51 7.20 7.61 3.62
C LYS A 51 8.26 6.67 3.02
N THR A 52 7.84 5.55 2.44
CA THR A 52 8.74 4.56 1.80
C THR A 52 9.36 5.08 0.50
N ILE A 53 8.66 5.95 -0.25
CA ILE A 53 9.05 6.33 -1.63
C ILE A 53 9.51 7.80 -1.75
N ILE A 54 9.18 8.67 -0.80
CA ILE A 54 9.51 10.10 -0.78
C ILE A 54 10.10 10.50 0.58
N TYR A 55 11.18 11.29 0.56
CA TYR A 55 11.86 11.83 1.74
C TYR A 55 12.34 13.28 1.46
N LYS A 56 11.52 14.26 1.83
CA LYS A 56 11.71 15.69 1.55
C LYS A 56 11.17 16.55 2.72
N LYS A 57 11.80 16.42 3.89
CA LYS A 57 11.45 17.12 5.15
C LYS A 57 11.46 18.66 4.99
N GLY A 58 10.68 19.34 5.84
CA GLY A 58 10.58 20.81 5.88
C GLY A 58 9.32 21.33 6.59
N THR A 59 8.25 20.53 6.61
CA THR A 59 6.95 20.81 7.27
C THR A 59 6.43 19.57 8.02
N ASN A 60 5.41 19.76 8.86
CA ASN A 60 4.87 18.76 9.78
C ASN A 60 3.32 18.68 9.72
N GLN A 61 2.74 18.97 8.54
CA GLN A 61 1.31 19.27 8.33
C GLN A 61 0.77 20.39 9.25
N ASP A 62 1.65 21.30 9.66
CA ASP A 62 1.40 22.48 10.49
C ASP A 62 0.51 23.56 9.84
N SER A 63 0.15 23.37 8.56
CA SER A 63 -0.91 24.13 7.85
C SER A 63 -2.34 23.70 8.24
N SER A 64 -2.48 22.83 9.25
CA SER A 64 -3.75 22.28 9.77
C SER A 64 -4.63 21.61 8.69
N ILE A 65 -4.04 20.64 7.97
CA ILE A 65 -4.65 19.94 6.83
C ILE A 65 -4.35 18.42 6.89
N ASN A 66 -5.29 17.61 6.38
CA ASN A 66 -5.19 16.14 6.32
C ASN A 66 -4.05 15.63 5.42
N LYS B 13 -9.05 -18.64 4.27
CA LYS B 13 -9.83 -18.35 5.51
C LYS B 13 -10.69 -17.08 5.37
N ARG B 14 -10.12 -15.88 5.50
CA ARG B 14 -10.79 -14.56 5.37
C ARG B 14 -9.95 -13.57 4.56
N ASN B 15 -10.57 -12.47 4.11
CA ASN B 15 -9.96 -11.42 3.28
C ASN B 15 -10.39 -10.03 3.79
N PHE B 16 -9.43 -9.12 3.90
CA PHE B 16 -9.56 -7.81 4.56
C PHE B 16 -8.95 -6.69 3.70
N SER B 17 -9.80 -5.87 3.08
CA SER B 17 -9.37 -4.92 2.04
C SER B 17 -8.93 -3.55 2.58
N VAL B 18 -8.15 -2.84 1.76
CA VAL B 18 -7.60 -1.50 2.01
C VAL B 18 -7.74 -0.65 0.73
N THR B 19 -8.26 0.58 0.84
CA THR B 19 -8.68 1.42 -0.30
C THR B 19 -8.36 2.91 -0.11
N PHE B 20 -7.56 3.51 -1.01
CA PHE B 20 -7.00 4.87 -0.85
C PHE B 20 -6.62 5.54 -2.20
N TYR B 21 -5.95 6.69 -2.13
CA TYR B 21 -5.50 7.47 -3.29
C TYR B 21 -4.00 7.80 -3.24
N LEU B 22 -3.38 7.81 -4.41
CA LEU B 22 -2.03 8.31 -4.68
C LEU B 22 -2.08 9.46 -5.70
N SER B 23 -0.95 10.13 -5.88
CA SER B 23 -0.79 11.21 -6.87
C SER B 23 -0.48 10.66 -8.26
N LYS B 24 -0.81 11.41 -9.33
CA LYS B 24 -0.62 11.00 -10.74
C LYS B 24 0.79 10.50 -11.07
N GLU B 25 1.83 11.29 -10.78
CA GLU B 25 3.22 10.93 -11.11
C GLU B 25 3.73 9.76 -10.26
N GLU B 26 3.35 9.72 -8.98
CA GLU B 26 3.62 8.60 -8.07
C GLU B 26 3.00 7.28 -8.59
N HIS B 27 1.72 7.31 -8.96
CA HIS B 27 1.02 6.16 -9.54
C HIS B 27 1.65 5.74 -10.87
N ASP B 28 1.99 6.68 -11.74
CA ASP B 28 2.63 6.41 -13.04
C ASP B 28 4.02 5.76 -12.91
N VAL B 29 4.85 6.21 -11.96
CA VAL B 29 6.14 5.57 -11.64
C VAL B 29 5.92 4.15 -11.10
N LEU B 30 5.05 3.96 -10.11
CA LEU B 30 4.75 2.62 -9.57
C LEU B 30 4.17 1.68 -10.65
N ARG B 31 3.30 2.19 -11.53
CA ARG B 31 2.71 1.48 -12.67
C ARG B 31 3.74 1.13 -13.76
N ARG B 32 4.77 1.96 -13.99
CA ARG B 32 5.92 1.61 -14.86
C ARG B 32 6.75 0.48 -14.25
N LEU B 33 7.12 0.60 -12.97
CA LEU B 33 7.83 -0.45 -12.22
C LEU B 33 7.03 -1.76 -12.15
N ALA B 34 5.70 -1.69 -12.09
CA ALA B 34 4.81 -2.83 -12.28
C ALA B 34 4.90 -3.38 -13.72
N ASP B 35 4.69 -2.54 -14.75
CA ASP B 35 4.70 -2.90 -16.17
C ASP B 35 5.99 -3.58 -16.67
N GLU B 36 7.13 -3.34 -16.01
CA GLU B 36 8.36 -4.12 -16.23
C GLU B 36 8.21 -5.65 -16.07
N GLU B 37 7.16 -6.16 -15.41
CA GLU B 37 6.90 -7.61 -15.24
C GLU B 37 5.42 -8.02 -15.05
N VAL B 38 4.62 -7.25 -14.30
CA VAL B 38 3.18 -7.48 -14.01
C VAL B 38 2.48 -6.13 -13.79
N GLU B 39 1.92 -5.54 -14.85
CA GLU B 39 1.37 -4.17 -14.89
C GLU B 39 0.27 -3.81 -13.86
N SER B 40 -0.40 -4.81 -13.27
CA SER B 40 -1.52 -4.66 -12.34
C SER B 40 -1.13 -3.93 -11.04
N VAL B 41 -1.41 -2.61 -10.95
CA VAL B 41 -1.04 -1.76 -9.80
C VAL B 41 -1.51 -2.28 -8.45
N ASN B 42 -2.72 -2.87 -8.37
CA ASN B 42 -3.25 -3.46 -7.13
C ASN B 42 -2.33 -4.57 -6.59
N SER B 43 -1.98 -5.55 -7.44
CA SER B 43 -1.08 -6.66 -7.10
C SER B 43 0.34 -6.17 -6.81
N PHE B 44 0.88 -5.28 -7.66
CA PHE B 44 2.23 -4.72 -7.50
C PHE B 44 2.39 -3.93 -6.19
N VAL B 45 1.46 -3.01 -5.88
CA VAL B 45 1.52 -2.19 -4.66
C VAL B 45 1.27 -3.06 -3.41
N LYS B 46 0.33 -4.01 -3.45
CA LYS B 46 0.16 -5.03 -2.38
C LYS B 46 1.47 -5.77 -2.09
N ARG B 47 2.11 -6.32 -3.13
CA ARG B 47 3.41 -7.02 -3.08
C ARG B 47 4.52 -6.14 -2.50
N HIS B 48 4.69 -4.92 -3.01
CA HIS B 48 5.67 -3.94 -2.53
C HIS B 48 5.53 -3.67 -1.03
N ILE B 49 4.30 -3.43 -0.56
CA ILE B 49 4.00 -3.15 0.85
C ILE B 49 4.25 -4.39 1.72
N LEU B 50 3.79 -5.56 1.31
CA LEU B 50 4.03 -6.83 2.01
C LEU B 50 5.54 -7.11 2.18
N LYS B 51 6.32 -7.03 1.09
CA LYS B 51 7.79 -7.19 1.12
C LYS B 51 8.52 -6.13 1.96
N THR B 52 7.93 -4.94 2.14
CA THR B 52 8.45 -3.90 3.04
C THR B 52 8.13 -4.22 4.51
N ILE B 53 6.92 -4.72 4.81
CA ILE B 53 6.48 -5.09 6.17
C ILE B 53 7.23 -6.33 6.69
N ILE B 54 7.45 -7.35 5.85
CA ILE B 54 8.02 -8.65 6.24
C ILE B 54 8.79 -9.29 5.07
N TYR B 55 9.78 -10.12 5.39
CA TYR B 55 10.53 -10.94 4.44
C TYR B 55 10.91 -12.29 5.07
N LYS B 56 10.59 -13.37 4.34
CA LYS B 56 10.86 -14.78 4.67
C LYS B 56 10.67 -15.62 3.40
N LYS B 57 11.60 -16.54 3.16
CA LYS B 57 11.72 -17.39 1.95
C LYS B 57 11.94 -18.88 2.28
N GLY B 58 11.40 -19.31 3.41
CA GLY B 58 11.45 -20.70 3.92
C GLY B 58 10.08 -21.23 4.40
N THR B 59 8.99 -20.63 3.92
CA THR B 59 7.60 -21.00 4.21
C THR B 59 7.17 -22.32 3.52
N ASN B 60 5.99 -22.83 3.88
CA ASN B 60 5.42 -24.09 3.37
C ASN B 60 3.94 -23.92 2.92
N GLN B 61 3.63 -22.76 2.32
CA GLN B 61 2.31 -22.37 1.83
C GLN B 61 2.40 -21.50 0.57
N ASP B 62 1.24 -21.15 -0.03
CA ASP B 62 1.11 -20.41 -1.29
C ASP B 62 0.01 -19.33 -1.21
N SER B 63 -0.01 -18.41 -2.19
CA SER B 63 -0.90 -17.24 -2.25
C SER B 63 -1.42 -16.98 -3.69
N SER B 64 -1.64 -18.06 -4.45
CA SER B 64 -2.13 -18.05 -5.83
C SER B 64 -3.00 -19.28 -6.13
N ILE B 65 -3.75 -19.23 -7.24
CA ILE B 65 -4.73 -20.25 -7.66
C ILE B 65 -4.58 -20.51 -9.17
N ASN B 66 -4.60 -21.80 -9.57
CA ASN B 66 -4.50 -22.27 -10.96
C ASN B 66 -5.62 -21.72 -11.89
N LYS A 13 -8.99 15.91 -14.56
CA LYS A 13 -8.95 15.30 -13.18
C LYS A 13 -7.53 14.79 -12.84
N ARG A 14 -7.17 14.75 -11.55
CA ARG A 14 -5.86 14.26 -11.03
C ARG A 14 -5.97 13.18 -9.94
N ASN A 15 -7.18 12.72 -9.64
CA ASN A 15 -7.46 11.67 -8.66
C ASN A 15 -7.28 10.29 -9.30
N PHE A 16 -6.38 9.50 -8.73
CA PHE A 16 -6.05 8.13 -9.12
C PHE A 16 -6.13 7.20 -7.90
N SER A 17 -6.61 5.97 -8.07
CA SER A 17 -7.04 5.13 -6.94
C SER A 17 -6.30 3.79 -6.87
N VAL A 18 -6.28 3.19 -5.68
CA VAL A 18 -5.56 1.94 -5.39
C VAL A 18 -6.42 1.06 -4.47
N THR A 19 -6.70 -0.19 -4.90
CA THR A 19 -7.65 -1.10 -4.23
C THR A 19 -7.19 -2.57 -4.28
N PHE A 20 -7.06 -3.23 -3.12
CA PHE A 20 -6.56 -4.61 -2.99
C PHE A 20 -6.99 -5.28 -1.66
N TYR A 21 -6.46 -6.48 -1.38
CA TYR A 21 -6.76 -7.27 -0.17
C TYR A 21 -5.49 -7.72 0.56
N LEU A 22 -5.58 -7.81 1.88
CA LEU A 22 -4.57 -8.31 2.81
C LEU A 22 -5.16 -9.40 3.73
N SER A 23 -4.29 -10.05 4.49
CA SER A 23 -4.68 -11.11 5.44
C SER A 23 -5.15 -10.53 6.78
N LYS A 24 -5.91 -11.32 7.56
CA LYS A 24 -6.51 -10.93 8.85
C LYS A 24 -5.49 -10.34 9.84
N GLU A 25 -4.47 -11.11 10.22
CA GLU A 25 -3.45 -10.68 11.20
C GLU A 25 -2.55 -9.56 10.67
N GLU A 26 -2.26 -9.56 9.36
CA GLU A 26 -1.53 -8.49 8.66
C GLU A 26 -2.28 -7.15 8.76
N HIS A 27 -3.58 -7.13 8.42
CA HIS A 27 -4.41 -5.95 8.54
C HIS A 27 -4.59 -5.50 10.00
N ASP A 28 -4.71 -6.42 10.96
CA ASP A 28 -4.72 -6.09 12.39
C ASP A 28 -3.43 -5.39 12.87
N VAL A 29 -2.24 -5.87 12.44
CA VAL A 29 -0.96 -5.20 12.74
C VAL A 29 -0.91 -3.80 12.12
N LEU A 30 -1.27 -3.67 10.83
CA LEU A 30 -1.36 -2.35 10.18
C LEU A 30 -2.35 -1.42 10.88
N ARG A 31 -3.51 -1.94 11.32
CA ARG A 31 -4.53 -1.20 12.08
C ARG A 31 -4.02 -0.71 13.43
N ARG A 32 -3.30 -1.54 14.20
CA ARG A 32 -2.66 -1.13 15.47
C ARG A 32 -1.62 -0.02 15.26
N LEU A 33 -0.71 -0.21 14.31
CA LEU A 33 0.33 0.78 13.99
C LEU A 33 -0.27 2.08 13.40
N ALA A 34 -1.38 2.00 12.67
CA ALA A 34 -2.16 3.17 12.27
C ALA A 34 -2.82 3.86 13.49
N ASP A 35 -3.53 3.12 14.35
CA ASP A 35 -4.19 3.64 15.55
C ASP A 35 -3.22 4.34 16.53
N GLU A 36 -1.95 3.94 16.54
CA GLU A 36 -0.89 4.62 17.29
C GLU A 36 -0.68 6.11 16.92
N GLU A 37 -0.90 6.52 15.66
CA GLU A 37 -0.46 7.85 15.16
C GLU A 37 -1.21 8.46 13.95
N VAL A 38 -2.16 7.75 13.32
CA VAL A 38 -2.93 8.19 12.12
C VAL A 38 -4.43 7.88 12.23
N GLU A 39 -4.82 6.78 12.90
CA GLU A 39 -6.21 6.34 13.17
C GLU A 39 -7.10 6.05 11.93
N SER A 40 -6.49 5.95 10.74
CA SER A 40 -7.15 5.72 9.44
C SER A 40 -6.32 4.74 8.60
N VAL A 41 -6.59 3.43 8.72
CA VAL A 41 -5.72 2.34 8.23
C VAL A 41 -5.33 2.48 6.76
N ASN A 42 -6.29 2.78 5.87
CA ASN A 42 -5.98 2.93 4.44
C ASN A 42 -5.09 4.15 4.12
N SER A 43 -5.17 5.22 4.92
CA SER A 43 -4.36 6.44 4.75
C SER A 43 -2.98 6.31 5.43
N PHE A 44 -2.90 5.53 6.51
CA PHE A 44 -1.63 5.01 7.04
C PHE A 44 -0.91 4.13 6.01
N VAL A 45 -1.62 3.21 5.35
CA VAL A 45 -1.05 2.38 4.26
C VAL A 45 -0.62 3.25 3.07
N LYS A 46 -1.41 4.25 2.64
CA LYS A 46 -1.00 5.27 1.65
C LYS A 46 0.36 5.89 2.00
N ARG A 47 0.51 6.41 3.23
CA ARG A 47 1.79 6.97 3.74
C ARG A 47 2.92 5.94 3.73
N HIS A 48 2.69 4.73 4.21
CA HIS A 48 3.67 3.62 4.24
C HIS A 48 4.26 3.33 2.86
N ILE A 49 3.41 3.18 1.85
CA ILE A 49 3.83 2.92 0.47
C ILE A 49 4.61 4.11 -0.08
N LEU A 50 4.03 5.32 0.01
CA LEU A 50 4.65 6.53 -0.53
C LEU A 50 6.03 6.78 0.08
N LYS A 51 6.18 6.69 1.41
CA LYS A 51 7.48 6.84 2.08
C LYS A 51 8.48 5.76 1.65
N THR A 52 8.06 4.49 1.62
CA THR A 52 8.96 3.37 1.28
C THR A 52 9.54 3.49 -0.14
N ILE A 53 8.75 3.93 -1.13
CA ILE A 53 9.26 4.18 -2.50
C ILE A 53 9.99 5.53 -2.61
N ILE A 54 9.47 6.61 -2.00
CA ILE A 54 9.99 7.98 -2.12
C ILE A 54 9.72 8.82 -0.86
N TYR A 55 10.71 8.84 0.03
CA TYR A 55 10.69 9.55 1.32
C TYR A 55 10.53 11.07 1.20
N LYS A 56 10.98 11.67 0.09
CA LYS A 56 10.98 13.12 -0.18
C LYS A 56 10.70 13.39 -1.67
N LYS A 57 9.46 13.80 -1.97
CA LYS A 57 9.08 14.36 -3.29
C LYS A 57 9.93 15.60 -3.64
N GLY A 58 10.07 15.90 -4.93
CA GLY A 58 10.81 17.07 -5.44
C GLY A 58 10.01 18.38 -5.44
N THR A 59 8.68 18.30 -5.33
CA THR A 59 7.71 19.42 -5.38
C THR A 59 6.58 19.24 -4.35
N ASN A 60 5.73 20.27 -4.20
CA ASN A 60 4.58 20.28 -3.27
C ASN A 60 3.37 21.04 -3.86
N GLN A 61 2.18 20.75 -3.32
CA GLN A 61 0.93 21.47 -3.57
C GLN A 61 0.05 21.43 -2.30
N ASP A 62 -0.63 22.53 -2.00
CA ASP A 62 -1.21 22.81 -0.67
C ASP A 62 -2.63 23.43 -0.78
N SER A 63 -3.40 23.01 -1.78
CA SER A 63 -4.75 23.49 -2.13
C SER A 63 -5.87 23.14 -1.13
N SER A 64 -5.53 22.55 0.02
CA SER A 64 -6.47 22.04 1.04
C SER A 64 -6.02 22.40 2.46
N ILE A 65 -6.97 22.50 3.40
CA ILE A 65 -6.77 23.02 4.76
C ILE A 65 -7.43 22.12 5.84
N ASN A 66 -7.74 20.86 5.49
CA ASN A 66 -8.38 19.85 6.36
C ASN A 66 -7.88 18.42 6.03
N LYS B 13 -14.51 -14.58 8.30
CA LYS B 13 -13.78 -14.24 7.03
C LYS B 13 -12.31 -13.88 7.33
N ARG B 14 -11.39 -14.13 6.38
CA ARG B 14 -9.92 -13.90 6.52
C ARG B 14 -9.32 -12.93 5.49
N ASN B 15 -10.15 -12.35 4.61
CA ASN B 15 -9.77 -11.35 3.61
C ASN B 15 -10.17 -9.95 4.12
N PHE B 16 -9.18 -9.07 4.23
CA PHE B 16 -9.27 -7.74 4.83
C PHE B 16 -8.83 -6.68 3.81
N SER B 17 -9.80 -5.94 3.27
CA SER B 17 -9.57 -5.05 2.12
C SER B 17 -8.84 -3.75 2.48
N VAL B 18 -8.23 -3.14 1.46
CA VAL B 18 -7.54 -1.84 1.53
C VAL B 18 -7.91 -1.03 0.29
N THR B 19 -8.32 0.24 0.48
CA THR B 19 -8.82 1.11 -0.58
C THR B 19 -8.54 2.59 -0.27
N PHE B 20 -7.79 3.27 -1.15
CA PHE B 20 -7.40 4.68 -0.98
C PHE B 20 -7.13 5.41 -2.32
N TYR B 21 -6.81 6.70 -2.23
CA TYR B 21 -6.54 7.59 -3.37
C TYR B 21 -5.13 8.22 -3.31
N LEU B 22 -4.67 8.63 -4.48
CA LEU B 22 -3.38 9.24 -4.81
C LEU B 22 -3.55 10.33 -5.87
N SER B 23 -2.51 11.12 -6.05
CA SER B 23 -2.34 12.01 -7.21
C SER B 23 -1.91 11.21 -8.46
N LYS B 24 -2.24 11.72 -9.65
CA LYS B 24 -1.77 11.19 -10.95
C LYS B 24 -0.25 10.97 -10.99
N GLU B 25 0.52 11.93 -10.48
CA GLU B 25 1.99 11.88 -10.52
C GLU B 25 2.56 10.71 -9.68
N GLU B 26 2.17 10.60 -8.40
CA GLU B 26 2.66 9.55 -7.52
C GLU B 26 2.09 8.16 -7.88
N HIS B 27 0.85 8.09 -8.36
CA HIS B 27 0.30 6.86 -8.95
C HIS B 27 1.08 6.42 -10.19
N ASP B 28 1.45 7.34 -11.08
CA ASP B 28 2.31 7.04 -12.24
C ASP B 28 3.73 6.58 -11.85
N VAL B 29 4.32 7.15 -10.79
CA VAL B 29 5.59 6.63 -10.21
C VAL B 29 5.42 5.19 -9.74
N LEU B 30 4.37 4.88 -8.95
CA LEU B 30 4.09 3.50 -8.54
C LEU B 30 3.78 2.58 -9.75
N ARG B 31 3.12 3.08 -10.79
CA ARG B 31 2.85 2.37 -12.05
C ARG B 31 4.13 2.04 -12.82
N ARG B 32 5.13 2.95 -12.86
CA ARG B 32 6.46 2.67 -13.45
C ARG B 32 7.21 1.60 -12.65
N LEU B 33 7.26 1.75 -11.32
CA LEU B 33 7.85 0.76 -10.40
C LEU B 33 7.18 -0.62 -10.53
N ALA B 34 5.87 -0.66 -10.74
CA ALA B 34 5.13 -1.88 -11.06
C ALA B 34 5.48 -2.43 -12.45
N ASP B 35 5.38 -1.63 -13.51
CA ASP B 35 5.67 -1.99 -14.92
C ASP B 35 7.09 -2.54 -15.14
N GLU B 36 8.05 -2.18 -14.29
CA GLU B 36 9.38 -2.82 -14.24
C GLU B 36 9.34 -4.37 -14.10
N GLU B 37 8.27 -4.95 -13.52
CA GLU B 37 8.15 -6.41 -13.27
C GLU B 37 6.72 -6.98 -13.49
N VAL B 38 5.69 -6.30 -12.99
CA VAL B 38 4.27 -6.71 -12.95
C VAL B 38 3.37 -5.46 -12.97
N GLU B 39 2.97 -5.03 -14.17
CA GLU B 39 2.31 -3.74 -14.43
C GLU B 39 0.99 -3.45 -13.68
N SER B 40 0.32 -4.47 -13.13
CA SER B 40 -0.90 -4.37 -12.31
C SER B 40 -0.65 -3.65 -10.99
N VAL B 41 -0.74 -2.31 -10.98
CA VAL B 41 -0.30 -1.41 -9.87
C VAL B 41 -0.80 -1.84 -8.49
N ASN B 42 -2.08 -2.20 -8.36
CA ASN B 42 -2.66 -2.63 -7.09
C ASN B 42 -2.11 -3.99 -6.60
N SER B 43 -1.91 -4.96 -7.50
CA SER B 43 -1.28 -6.25 -7.20
C SER B 43 0.21 -6.08 -6.83
N PHE B 44 0.93 -5.21 -7.56
CA PHE B 44 2.28 -4.77 -7.20
C PHE B 44 2.33 -4.17 -5.79
N VAL B 45 1.44 -3.23 -5.44
CA VAL B 45 1.36 -2.63 -4.10
C VAL B 45 1.08 -3.70 -3.02
N LYS B 46 0.12 -4.61 -3.26
CA LYS B 46 -0.18 -5.75 -2.35
C LYS B 46 1.07 -6.60 -2.10
N ARG B 47 1.77 -7.03 -3.16
CA ARG B 47 3.01 -7.81 -3.10
C ARG B 47 4.16 -7.06 -2.39
N HIS B 48 4.29 -5.76 -2.66
CA HIS B 48 5.24 -4.85 -2.01
C HIS B 48 5.04 -4.79 -0.50
N ILE B 49 3.81 -4.60 -0.03
CA ILE B 49 3.48 -4.54 1.40
C ILE B 49 3.74 -5.88 2.08
N LEU B 50 3.29 -6.98 1.44
CA LEU B 50 3.55 -8.34 1.91
C LEU B 50 5.07 -8.57 2.08
N LYS B 51 5.88 -8.35 1.04
CA LYS B 51 7.34 -8.53 1.06
C LYS B 51 8.05 -7.62 2.08
N THR B 52 7.57 -6.39 2.26
CA THR B 52 8.14 -5.40 3.21
C THR B 52 7.95 -5.81 4.68
N ILE B 53 6.88 -6.56 5.00
CA ILE B 53 6.45 -6.82 6.40
C ILE B 53 6.56 -8.31 6.78
N ILE B 54 6.53 -9.23 5.82
CA ILE B 54 6.64 -10.69 5.99
C ILE B 54 7.59 -11.27 4.94
N TYR B 55 8.51 -12.15 5.36
CA TYR B 55 9.46 -12.84 4.48
C TYR B 55 9.82 -14.22 5.02
N LYS B 56 9.68 -15.25 4.16
CA LYS B 56 10.03 -16.66 4.41
C LYS B 56 10.22 -17.36 3.06
N LYS B 57 11.45 -17.79 2.76
CA LYS B 57 11.81 -18.53 1.53
C LYS B 57 11.00 -19.83 1.37
N GLY B 58 10.66 -20.16 0.13
CA GLY B 58 9.93 -21.38 -0.26
C GLY B 58 9.08 -21.23 -1.52
N THR B 59 8.58 -20.03 -1.80
CA THR B 59 7.88 -19.66 -3.05
C THR B 59 8.81 -19.66 -4.27
N ASN B 60 8.23 -19.77 -5.47
CA ASN B 60 8.97 -19.91 -6.74
C ASN B 60 8.49 -18.98 -7.88
N GLN B 61 7.50 -18.12 -7.62
CA GLN B 61 6.89 -17.20 -8.60
C GLN B 61 6.50 -15.85 -7.97
N ASP B 62 6.44 -14.80 -8.80
CA ASP B 62 6.11 -13.41 -8.40
C ASP B 62 5.07 -12.75 -9.35
N SER B 63 4.58 -13.48 -10.35
CA SER B 63 3.82 -12.97 -11.51
C SER B 63 2.67 -13.90 -11.96
N SER B 64 2.25 -14.83 -11.10
CA SER B 64 1.23 -15.86 -11.36
C SER B 64 -0.10 -15.30 -11.91
N ILE B 65 -0.76 -16.07 -12.79
CA ILE B 65 -2.07 -15.74 -13.38
C ILE B 65 -3.18 -15.60 -12.31
N ASN B 66 -4.17 -14.73 -12.57
CA ASN B 66 -5.35 -14.51 -11.73
C ASN B 66 -6.18 -15.78 -11.47
N LYS A 13 -5.86 18.18 -7.20
CA LYS A 13 -6.43 18.37 -8.57
C LYS A 13 -6.86 17.05 -9.21
N ARG A 14 -5.91 16.22 -9.71
CA ARG A 14 -6.16 14.85 -10.22
C ARG A 14 -6.51 13.87 -9.08
N ASN A 15 -7.05 12.71 -9.45
CA ASN A 15 -7.37 11.59 -8.56
C ASN A 15 -7.01 10.25 -9.24
N PHE A 16 -6.25 9.41 -8.51
CA PHE A 16 -5.75 8.11 -8.96
C PHE A 16 -5.86 7.08 -7.81
N SER A 17 -7.06 6.55 -7.59
CA SER A 17 -7.32 5.57 -6.51
C SER A 17 -6.57 4.24 -6.71
N VAL A 18 -6.25 3.57 -5.59
CA VAL A 18 -5.57 2.28 -5.48
C VAL A 18 -6.31 1.42 -4.46
N THR A 19 -6.61 0.17 -4.82
CA THR A 19 -7.38 -0.78 -4.00
C THR A 19 -6.82 -2.20 -4.10
N PHE A 20 -6.84 -2.96 -2.99
CA PHE A 20 -6.34 -4.34 -2.90
C PHE A 20 -6.86 -5.05 -1.62
N TYR A 21 -6.43 -6.30 -1.40
CA TYR A 21 -6.84 -7.17 -0.29
C TYR A 21 -5.64 -7.78 0.44
N LEU A 22 -5.77 -7.89 1.77
CA LEU A 22 -4.75 -8.39 2.70
C LEU A 22 -5.33 -9.51 3.59
N SER A 23 -4.44 -10.16 4.34
CA SER A 23 -4.78 -11.20 5.32
C SER A 23 -5.21 -10.62 6.68
N LYS A 24 -5.90 -11.43 7.50
CA LYS A 24 -6.52 -11.00 8.77
C LYS A 24 -5.50 -10.41 9.76
N GLU A 25 -4.45 -11.16 10.07
CA GLU A 25 -3.41 -10.77 11.04
C GLU A 25 -2.55 -9.62 10.49
N GLU A 26 -2.26 -9.62 9.19
CA GLU A 26 -1.55 -8.55 8.47
C GLU A 26 -2.29 -7.21 8.59
N HIS A 27 -3.58 -7.19 8.26
CA HIS A 27 -4.41 -5.98 8.39
C HIS A 27 -4.58 -5.56 9.86
N ASP A 28 -4.74 -6.50 10.79
CA ASP A 28 -4.79 -6.21 12.23
C ASP A 28 -3.50 -5.53 12.76
N VAL A 29 -2.32 -6.00 12.33
CA VAL A 29 -1.03 -5.34 12.64
C VAL A 29 -0.97 -3.93 12.03
N LEU A 30 -1.34 -3.76 10.76
CA LEU A 30 -1.42 -2.43 10.15
C LEU A 30 -2.40 -1.51 10.90
N ARG A 31 -3.56 -2.02 11.31
CA ARG A 31 -4.56 -1.29 12.11
C ARG A 31 -4.02 -0.90 13.48
N ARG A 32 -3.28 -1.77 14.18
CA ARG A 32 -2.64 -1.45 15.48
C ARG A 32 -1.61 -0.32 15.33
N LEU A 33 -0.69 -0.45 14.38
CA LEU A 33 0.34 0.57 14.10
C LEU A 33 -0.27 1.89 13.60
N ALA A 34 -1.40 1.85 12.88
CA ALA A 34 -2.20 3.03 12.56
C ALA A 34 -2.82 3.64 13.83
N ASP A 35 -3.63 2.89 14.58
CA ASP A 35 -4.33 3.34 15.81
C ASP A 35 -3.41 3.92 16.89
N GLU A 36 -2.13 3.51 16.92
CA GLU A 36 -1.09 4.14 17.76
C GLU A 36 -0.91 5.66 17.52
N GLU A 37 -1.21 6.20 16.33
CA GLU A 37 -0.96 7.61 15.96
C GLU A 37 -2.03 8.26 15.05
N VAL A 38 -2.52 7.54 14.05
CA VAL A 38 -3.42 7.99 12.96
C VAL A 38 -4.34 6.81 12.59
N GLU A 39 -5.44 6.66 13.33
CA GLU A 39 -6.34 5.47 13.27
C GLU A 39 -6.97 5.15 11.90
N SER A 40 -7.02 6.11 10.97
CA SER A 40 -7.46 5.93 9.59
C SER A 40 -6.50 5.03 8.78
N VAL A 41 -6.72 3.71 8.84
CA VAL A 41 -5.85 2.68 8.24
C VAL A 41 -5.56 2.92 6.76
N ASN A 42 -6.55 3.38 6.00
CA ASN A 42 -6.40 3.80 4.60
C ASN A 42 -5.33 4.90 4.41
N SER A 43 -5.41 5.99 5.18
CA SER A 43 -4.41 7.09 5.17
C SER A 43 -3.05 6.60 5.66
N PHE A 44 -3.00 5.82 6.76
CA PHE A 44 -1.78 5.21 7.28
C PHE A 44 -1.04 4.35 6.23
N VAL A 45 -1.75 3.45 5.55
CA VAL A 45 -1.17 2.60 4.49
C VAL A 45 -0.76 3.43 3.27
N LYS A 46 -1.58 4.39 2.82
CA LYS A 46 -1.24 5.35 1.76
C LYS A 46 0.08 6.08 2.03
N ARG A 47 0.23 6.63 3.24
CA ARG A 47 1.43 7.32 3.74
C ARG A 47 2.63 6.37 3.82
N HIS A 48 2.46 5.17 4.36
CA HIS A 48 3.50 4.12 4.41
C HIS A 48 4.10 3.80 3.05
N ILE A 49 3.25 3.57 2.04
CA ILE A 49 3.68 3.27 0.67
C ILE A 49 4.39 4.49 0.07
N LEU A 50 3.77 5.67 0.13
CA LEU A 50 4.32 6.90 -0.42
C LEU A 50 5.72 7.20 0.16
N LYS A 51 5.88 7.17 1.48
CA LYS A 51 7.17 7.39 2.17
C LYS A 51 8.26 6.35 1.85
N THR A 52 7.86 5.13 1.47
CA THR A 52 8.82 4.04 1.15
C THR A 52 9.39 4.16 -0.27
N ILE A 53 8.66 4.76 -1.22
CA ILE A 53 9.11 4.93 -2.63
C ILE A 53 9.55 6.39 -2.93
N ILE A 54 9.01 7.39 -2.23
CA ILE A 54 9.19 8.83 -2.49
C ILE A 54 9.43 9.57 -1.17
N TYR A 55 10.25 10.63 -1.20
CA TYR A 55 10.54 11.49 -0.03
C TYR A 55 10.56 12.98 -0.42
N LYS A 56 9.60 13.73 0.13
CA LYS A 56 9.41 15.19 -0.07
C LYS A 56 8.79 15.83 1.20
N LYS A 57 9.32 15.43 2.37
CA LYS A 57 8.80 15.75 3.72
C LYS A 57 8.54 17.25 3.93
N GLY A 58 7.40 17.55 4.55
CA GLY A 58 6.94 18.91 4.90
C GLY A 58 5.55 18.92 5.55
N THR A 59 5.07 20.10 5.94
CA THR A 59 3.72 20.29 6.52
C THR A 59 2.62 19.82 5.55
N ASN A 60 1.66 19.03 6.05
CA ASN A 60 0.62 18.37 5.27
C ASN A 60 -0.63 18.03 6.11
N GLN A 61 -1.74 17.72 5.43
CA GLN A 61 -3.02 17.26 6.01
C GLN A 61 -3.85 16.46 4.99
N ASP A 62 -4.88 15.74 5.46
CA ASP A 62 -5.90 15.10 4.62
C ASP A 62 -7.27 15.04 5.34
N SER A 63 -8.32 14.65 4.59
CA SER A 63 -9.72 14.59 5.04
C SER A 63 -10.40 13.26 4.68
N SER A 64 -9.62 12.18 4.52
CA SER A 64 -10.12 10.85 4.14
C SER A 64 -11.05 10.23 5.20
N ILE A 65 -11.95 9.33 4.77
CA ILE A 65 -12.88 8.60 5.64
C ILE A 65 -12.15 7.73 6.69
N ASN A 66 -12.71 7.63 7.90
CA ASN A 66 -12.20 6.82 9.02
C ASN A 66 -12.05 5.32 8.68
N LYS B 13 -10.04 -18.15 3.92
CA LYS B 13 -11.50 -17.86 3.77
C LYS B 13 -11.78 -16.36 3.65
N ARG B 14 -11.91 -15.62 4.78
CA ARG B 14 -12.10 -14.14 4.79
C ARG B 14 -10.85 -13.38 4.32
N ASN B 15 -11.03 -12.12 3.93
CA ASN B 15 -10.00 -11.17 3.51
C ASN B 15 -10.33 -9.76 4.05
N PHE B 16 -9.29 -8.93 4.18
CA PHE B 16 -9.33 -7.60 4.77
C PHE B 16 -8.87 -6.55 3.76
N SER B 17 -9.79 -5.70 3.28
CA SER B 17 -9.53 -4.82 2.14
C SER B 17 -8.78 -3.53 2.52
N VAL B 18 -8.17 -2.90 1.51
CA VAL B 18 -7.49 -1.60 1.61
C VAL B 18 -7.86 -0.78 0.36
N THR B 19 -8.14 0.52 0.56
CA THR B 19 -8.61 1.43 -0.50
C THR B 19 -8.27 2.89 -0.15
N PHE B 20 -7.58 3.60 -1.04
CA PHE B 20 -7.19 5.01 -0.85
C PHE B 20 -6.92 5.74 -2.19
N TYR B 21 -7.04 7.06 -2.20
CA TYR B 21 -6.61 7.90 -3.32
C TYR B 21 -5.09 8.18 -3.29
N LEU B 22 -4.47 8.12 -4.47
CA LEU B 22 -3.22 8.82 -4.81
C LEU B 22 -3.52 9.93 -5.82
N SER B 23 -2.45 10.61 -6.25
CA SER B 23 -2.45 11.56 -7.36
C SER B 23 -1.45 11.15 -8.45
N LYS B 24 -1.46 11.89 -9.57
CA LYS B 24 -0.88 11.50 -10.86
C LYS B 24 0.60 11.11 -10.78
N GLU B 25 1.43 11.91 -10.11
CA GLU B 25 2.88 11.70 -10.08
C GLU B 25 3.29 10.43 -9.33
N GLU B 26 2.82 10.25 -8.08
CA GLU B 26 3.10 9.03 -7.31
C GLU B 26 2.46 7.78 -7.93
N HIS B 27 1.26 7.88 -8.53
CA HIS B 27 0.64 6.75 -9.23
C HIS B 27 1.45 6.36 -10.47
N ASP B 28 1.87 7.32 -11.29
CA ASP B 28 2.75 7.10 -12.44
C ASP B 28 4.09 6.44 -12.06
N VAL B 29 4.72 6.87 -10.95
CA VAL B 29 5.92 6.20 -10.40
C VAL B 29 5.64 4.74 -10.05
N LEU B 30 4.61 4.46 -9.25
CA LEU B 30 4.23 3.08 -8.89
C LEU B 30 3.83 2.25 -10.12
N ARG B 31 3.16 2.85 -11.11
CA ARG B 31 2.75 2.23 -12.38
C ARG B 31 3.94 1.77 -13.22
N ARG B 32 5.00 2.59 -13.33
CA ARG B 32 6.26 2.21 -14.02
C ARG B 32 7.03 1.14 -13.25
N LEU B 33 7.15 1.29 -11.93
CA LEU B 33 7.79 0.28 -11.06
C LEU B 33 7.05 -1.08 -11.12
N ALA B 34 5.72 -1.07 -11.24
CA ALA B 34 4.91 -2.25 -11.52
C ALA B 34 5.18 -2.80 -12.92
N ASP B 35 5.02 -1.99 -13.97
CA ASP B 35 5.22 -2.37 -15.39
C ASP B 35 6.60 -2.99 -15.69
N GLU B 36 7.64 -2.65 -14.92
CA GLU B 36 8.96 -3.30 -14.96
C GLU B 36 8.92 -4.84 -14.76
N GLU B 37 7.90 -5.40 -14.09
CA GLU B 37 7.79 -6.84 -13.78
C GLU B 37 6.37 -7.43 -13.90
N VAL B 38 5.35 -6.68 -13.47
CA VAL B 38 3.93 -7.08 -13.40
C VAL B 38 3.05 -5.82 -13.38
N GLU B 39 2.54 -5.43 -14.55
CA GLU B 39 1.82 -4.15 -14.78
C GLU B 39 0.55 -3.92 -13.94
N SER B 40 0.01 -4.95 -13.29
CA SER B 40 -1.10 -4.86 -12.33
C SER B 40 -0.68 -4.12 -11.05
N VAL B 41 -0.82 -2.78 -11.04
CA VAL B 41 -0.31 -1.90 -9.97
C VAL B 41 -0.85 -2.28 -8.59
N ASN B 42 -2.10 -2.72 -8.49
CA ASN B 42 -2.71 -3.17 -7.23
C ASN B 42 -2.02 -4.42 -6.63
N SER B 43 -1.77 -5.47 -7.40
CA SER B 43 -1.07 -6.66 -6.89
C SER B 43 0.42 -6.39 -6.66
N PHE B 44 1.06 -5.53 -7.48
CA PHE B 44 2.40 -5.01 -7.24
C PHE B 44 2.51 -4.28 -5.89
N VAL B 45 1.58 -3.37 -5.57
CA VAL B 45 1.52 -2.67 -4.27
C VAL B 45 1.31 -3.66 -3.13
N LYS B 46 0.38 -4.62 -3.26
CA LYS B 46 0.19 -5.66 -2.23
C LYS B 46 1.46 -6.51 -2.00
N ARG B 47 2.14 -6.93 -3.08
CA ARG B 47 3.45 -7.62 -3.03
C ARG B 47 4.52 -6.79 -2.32
N HIS B 48 4.61 -5.50 -2.64
CA HIS B 48 5.51 -4.54 -1.98
C HIS B 48 5.31 -4.48 -0.46
N ILE B 49 4.05 -4.33 -0.02
CA ILE B 49 3.70 -4.27 1.40
C ILE B 49 4.03 -5.58 2.12
N LEU B 50 3.65 -6.72 1.51
CA LEU B 50 3.94 -8.06 2.01
C LEU B 50 5.47 -8.26 2.18
N LYS B 51 6.26 -7.97 1.15
CA LYS B 51 7.74 -8.05 1.18
C LYS B 51 8.37 -7.12 2.22
N THR B 52 7.80 -5.92 2.41
CA THR B 52 8.28 -4.92 3.40
C THR B 52 8.06 -5.37 4.85
N ILE B 53 7.02 -6.18 5.13
CA ILE B 53 6.55 -6.45 6.50
C ILE B 53 6.70 -7.92 6.94
N ILE B 54 6.75 -8.87 5.98
CA ILE B 54 6.79 -10.33 6.22
C ILE B 54 7.94 -10.96 5.43
N TYR B 55 8.62 -11.93 6.06
CA TYR B 55 9.70 -12.72 5.47
C TYR B 55 9.62 -14.19 5.95
N LYS B 56 8.97 -15.05 5.15
CA LYS B 56 8.71 -16.47 5.45
C LYS B 56 8.68 -17.31 4.15
N LYS B 57 9.86 -17.53 3.57
CA LYS B 57 10.08 -18.33 2.35
C LYS B 57 9.60 -19.79 2.49
N GLY B 58 9.38 -20.44 1.34
CA GLY B 58 8.99 -21.86 1.24
C GLY B 58 8.86 -22.36 -0.20
N THR B 59 8.32 -21.52 -1.10
CA THR B 59 8.22 -21.72 -2.55
C THR B 59 8.54 -20.42 -3.30
N ASN B 60 9.08 -20.54 -4.53
CA ASN B 60 9.45 -19.40 -5.38
C ASN B 60 9.53 -19.80 -6.88
N GLN B 61 9.67 -18.79 -7.74
CA GLN B 61 9.95 -18.92 -9.19
C GLN B 61 10.71 -17.69 -9.71
N ASP B 62 11.38 -17.84 -10.87
CA ASP B 62 12.18 -16.78 -11.52
C ASP B 62 12.29 -16.97 -13.05
N SER B 63 12.90 -15.98 -13.72
CA SER B 63 13.06 -15.93 -15.18
C SER B 63 14.51 -15.62 -15.62
N SER B 64 15.50 -15.99 -14.78
CA SER B 64 16.94 -15.74 -14.98
C SER B 64 17.34 -14.25 -15.15
N ILE B 65 16.51 -13.33 -14.67
CA ILE B 65 16.74 -11.87 -14.69
C ILE B 65 18.00 -11.47 -13.89
N ASN B 66 18.68 -10.40 -14.33
CA ASN B 66 19.86 -9.82 -13.67
C ASN B 66 19.61 -9.40 -12.21
N LYS A 13 -8.55 15.02 -14.90
CA LYS A 13 -8.29 14.96 -13.43
C LYS A 13 -6.79 14.79 -13.10
N ARG A 14 -6.38 15.04 -11.85
CA ARG A 14 -4.97 14.97 -11.38
C ARG A 14 -4.73 14.05 -10.17
N ASN A 15 -5.73 13.24 -9.81
CA ASN A 15 -5.68 12.28 -8.70
C ASN A 15 -6.17 10.90 -9.19
N PHE A 16 -5.57 9.86 -8.61
CA PHE A 16 -5.62 8.47 -9.07
C PHE A 16 -5.73 7.53 -7.88
N SER A 17 -6.37 6.37 -8.04
CA SER A 17 -6.82 5.54 -6.91
C SER A 17 -6.21 4.13 -6.94
N VAL A 18 -6.15 3.48 -5.78
CA VAL A 18 -5.53 2.16 -5.56
C VAL A 18 -6.41 1.33 -4.62
N THR A 19 -6.69 0.08 -5.00
CA THR A 19 -7.51 -0.87 -4.22
C THR A 19 -6.93 -2.29 -4.30
N PHE A 20 -7.00 -3.06 -3.21
CA PHE A 20 -6.52 -4.45 -3.11
C PHE A 20 -7.07 -5.15 -1.84
N TYR A 21 -6.61 -6.38 -1.57
CA TYR A 21 -7.03 -7.19 -0.43
C TYR A 21 -5.84 -7.67 0.42
N LEU A 22 -6.08 -7.77 1.72
CA LEU A 22 -5.14 -8.28 2.73
C LEU A 22 -5.77 -9.45 3.49
N SER A 23 -4.89 -10.23 4.12
CA SER A 23 -5.29 -11.22 5.13
C SER A 23 -5.75 -10.54 6.42
N LYS A 24 -6.54 -11.25 7.25
CA LYS A 24 -6.92 -10.77 8.59
C LYS A 24 -5.70 -10.43 9.45
N GLU A 25 -4.66 -11.25 9.39
CA GLU A 25 -3.43 -11.09 10.19
C GLU A 25 -2.60 -9.88 9.75
N GLU A 26 -2.33 -9.71 8.45
CA GLU A 26 -1.52 -8.58 7.97
C GLU A 26 -2.28 -7.25 8.05
N HIS A 27 -3.60 -7.27 7.83
CA HIS A 27 -4.46 -6.10 8.06
C HIS A 27 -4.49 -5.71 9.55
N ASP A 28 -4.61 -6.67 10.48
CA ASP A 28 -4.54 -6.40 11.92
C ASP A 28 -3.19 -5.79 12.34
N VAL A 29 -2.06 -6.32 11.84
CA VAL A 29 -0.72 -5.74 12.08
C VAL A 29 -0.66 -4.28 11.60
N LEU A 30 -1.10 -4.00 10.37
CA LEU A 30 -1.13 -2.63 9.85
C LEU A 30 -2.12 -1.72 10.60
N ARG A 31 -3.29 -2.23 11.02
CA ARG A 31 -4.27 -1.52 11.86
C ARG A 31 -3.72 -1.18 13.24
N ARG A 32 -2.93 -2.07 13.85
CA ARG A 32 -2.21 -1.83 15.12
C ARG A 32 -1.17 -0.72 14.96
N LEU A 33 -0.32 -0.83 13.94
CA LEU A 33 0.68 0.19 13.60
C LEU A 33 0.03 1.56 13.26
N ALA A 34 -1.12 1.54 12.57
CA ALA A 34 -1.94 2.73 12.34
C ALA A 34 -2.49 3.31 13.65
N ASP A 35 -3.11 2.51 14.52
CA ASP A 35 -3.61 2.96 15.82
C ASP A 35 -2.55 3.60 16.72
N GLU A 36 -1.28 3.16 16.62
CA GLU A 36 -0.14 3.82 17.27
C GLU A 36 0.20 5.25 16.76
N GLU A 37 -0.41 5.75 15.68
CA GLU A 37 -0.17 7.12 15.14
C GLU A 37 -1.43 7.83 14.62
N VAL A 38 -2.15 7.22 13.68
CA VAL A 38 -3.31 7.71 12.93
C VAL A 38 -4.19 6.51 12.51
N GLU A 39 -5.20 6.19 13.32
CA GLU A 39 -5.97 4.92 13.23
C GLU A 39 -6.74 4.66 11.91
N SER A 40 -6.84 5.67 11.02
CA SER A 40 -7.37 5.58 9.65
C SER A 40 -6.52 4.66 8.74
N VAL A 41 -6.66 3.34 8.87
CA VAL A 41 -5.77 2.32 8.29
C VAL A 41 -5.42 2.54 6.82
N ASN A 42 -6.39 2.83 5.95
CA ASN A 42 -6.10 3.06 4.52
C ASN A 42 -5.26 4.33 4.26
N SER A 43 -5.45 5.39 5.06
CA SER A 43 -4.64 6.61 5.00
C SER A 43 -3.23 6.38 5.57
N PHE A 44 -3.11 5.61 6.67
CA PHE A 44 -1.84 5.12 7.18
C PHE A 44 -1.07 4.30 6.14
N VAL A 45 -1.73 3.38 5.43
CA VAL A 45 -1.10 2.60 4.33
C VAL A 45 -0.67 3.52 3.19
N LYS A 46 -1.51 4.48 2.76
CA LYS A 46 -1.12 5.51 1.76
C LYS A 46 0.15 6.28 2.19
N ARG A 47 0.20 6.73 3.45
CA ARG A 47 1.35 7.42 4.07
C ARG A 47 2.61 6.53 4.07
N HIS A 48 2.47 5.28 4.49
CA HIS A 48 3.54 4.25 4.48
C HIS A 48 4.15 4.05 3.09
N ILE A 49 3.32 3.95 2.07
CA ILE A 49 3.77 3.83 0.67
C ILE A 49 4.48 5.12 0.24
N LEU A 50 3.89 6.29 0.50
CA LEU A 50 4.47 7.59 0.19
C LEU A 50 5.91 7.70 0.72
N LYS A 51 6.13 7.54 2.04
CA LYS A 51 7.47 7.64 2.66
C LYS A 51 8.48 6.55 2.22
N THR A 52 8.08 5.58 1.41
CA THR A 52 8.90 4.44 0.95
C THR A 52 9.25 4.54 -0.55
N ILE A 53 8.61 5.45 -1.31
CA ILE A 53 8.91 5.70 -2.74
C ILE A 53 9.14 7.20 -3.06
N ILE A 54 8.65 8.12 -2.22
CA ILE A 54 8.60 9.58 -2.46
C ILE A 54 9.06 10.33 -1.20
N TYR A 55 9.80 11.43 -1.39
CA TYR A 55 10.57 12.12 -0.35
C TYR A 55 10.42 13.66 -0.36
N LYS A 56 9.34 14.17 -0.98
CA LYS A 56 9.01 15.60 -1.10
C LYS A 56 7.48 15.82 -1.10
N LYS A 57 6.96 16.30 0.04
CA LYS A 57 5.56 16.76 0.20
C LYS A 57 5.24 18.00 -0.66
N GLY A 58 3.96 18.36 -0.76
CA GLY A 58 3.51 19.59 -1.44
C GLY A 58 1.99 19.81 -1.55
N THR A 59 1.18 18.74 -1.52
CA THR A 59 -0.29 18.81 -1.59
C THR A 59 -0.97 17.63 -0.85
N ASN A 60 -2.30 17.64 -0.77
CA ASN A 60 -3.14 16.63 -0.12
C ASN A 60 -4.49 16.42 -0.83
N GLN A 61 -5.29 15.45 -0.36
CA GLN A 61 -6.63 15.13 -0.86
C GLN A 61 -7.60 14.79 0.30
N ASP A 62 -7.49 15.53 1.41
CA ASP A 62 -8.30 15.33 2.64
C ASP A 62 -9.81 15.34 2.36
N SER A 63 -10.49 14.22 2.69
CA SER A 63 -11.91 13.99 2.44
C SER A 63 -12.35 12.72 3.22
N SER A 64 -13.18 12.93 4.25
CA SER A 64 -13.71 11.87 5.14
C SER A 64 -15.17 12.12 5.56
N ILE A 65 -15.83 11.08 6.06
CA ILE A 65 -17.25 11.06 6.46
C ILE A 65 -17.47 10.24 7.75
N ASN A 66 -18.64 10.41 8.37
CA ASN A 66 -19.10 9.65 9.56
C ASN A 66 -19.16 8.13 9.31
N LYS B 13 -11.20 -18.81 5.42
CA LYS B 13 -10.44 -17.70 6.08
C LYS B 13 -10.89 -16.33 5.53
N ARG B 14 -11.08 -15.33 6.40
CA ARG B 14 -11.57 -13.98 6.03
C ARG B 14 -10.60 -13.19 5.13
N ASN B 15 -11.12 -12.16 4.49
CA ASN B 15 -10.40 -11.19 3.64
C ASN B 15 -10.75 -9.76 4.07
N PHE B 16 -9.74 -8.90 4.08
CA PHE B 16 -9.79 -7.53 4.64
C PHE B 16 -9.29 -6.53 3.58
N SER B 17 -10.21 -5.79 2.96
CA SER B 17 -9.89 -4.92 1.83
C SER B 17 -9.14 -3.64 2.24
N VAL B 18 -8.48 -3.00 1.27
CA VAL B 18 -7.79 -1.72 1.41
C VAL B 18 -8.08 -0.87 0.16
N THR B 19 -8.36 0.42 0.34
CA THR B 19 -8.78 1.35 -0.72
C THR B 19 -8.43 2.80 -0.35
N PHE B 20 -7.66 3.49 -1.20
CA PHE B 20 -7.20 4.87 -0.98
C PHE B 20 -6.87 5.62 -2.30
N TYR B 21 -6.47 6.89 -2.17
CA TYR B 21 -6.27 7.83 -3.28
C TYR B 21 -4.90 8.53 -3.22
N LEU B 22 -4.38 8.89 -4.39
CA LEU B 22 -3.02 9.37 -4.69
C LEU B 22 -3.06 10.52 -5.72
N SER B 23 -1.89 11.07 -6.02
CA SER B 23 -1.70 12.03 -7.14
C SER B 23 -1.27 11.33 -8.44
N LYS B 24 -1.48 11.97 -9.60
CA LYS B 24 -1.19 11.40 -10.93
C LYS B 24 0.25 10.95 -11.11
N GLU B 25 1.23 11.82 -10.80
CA GLU B 25 2.66 11.52 -10.95
C GLU B 25 3.12 10.40 -10.00
N GLU B 26 2.61 10.42 -8.76
CA GLU B 26 2.82 9.38 -7.76
C GLU B 26 2.29 8.01 -8.22
N HIS B 27 1.05 7.97 -8.72
CA HIS B 27 0.46 6.75 -9.29
C HIS B 27 1.25 6.27 -10.52
N ASP B 28 1.63 7.17 -11.43
CA ASP B 28 2.46 6.84 -12.60
C ASP B 28 3.84 6.25 -12.23
N VAL B 29 4.49 6.76 -11.17
CA VAL B 29 5.72 6.16 -10.61
C VAL B 29 5.46 4.75 -10.09
N LEU B 30 4.42 4.54 -9.26
CA LEU B 30 4.04 3.19 -8.81
C LEU B 30 3.67 2.25 -9.97
N ARG B 31 3.00 2.77 -11.01
CA ARG B 31 2.60 2.07 -12.25
C ARG B 31 3.81 1.63 -13.07
N ARG B 32 4.84 2.46 -13.21
CA ARG B 32 6.12 2.08 -13.85
C ARG B 32 6.85 1.01 -13.04
N LEU B 33 6.97 1.20 -11.73
CA LEU B 33 7.61 0.24 -10.82
C LEU B 33 6.88 -1.13 -10.83
N ALA B 34 5.55 -1.12 -10.95
CA ALA B 34 4.75 -2.32 -11.20
C ALA B 34 5.07 -2.94 -12.57
N ASP B 35 4.92 -2.19 -13.67
CA ASP B 35 5.19 -2.66 -15.04
C ASP B 35 6.61 -3.25 -15.24
N GLU B 36 7.58 -2.80 -14.45
CA GLU B 36 8.95 -3.34 -14.40
C GLU B 36 9.05 -4.83 -13.99
N GLU B 37 8.03 -5.40 -13.32
CA GLU B 37 8.03 -6.80 -12.81
C GLU B 37 6.66 -7.51 -12.88
N VAL B 38 5.58 -6.84 -12.47
CA VAL B 38 4.19 -7.32 -12.35
C VAL B 38 3.22 -6.14 -12.55
N GLU B 39 2.80 -5.92 -13.80
CA GLU B 39 2.07 -4.72 -14.25
C GLU B 39 0.71 -4.43 -13.53
N SER B 40 0.12 -5.43 -12.89
CA SER B 40 -1.09 -5.31 -12.06
C SER B 40 -0.83 -4.49 -10.79
N VAL B 41 -1.06 -3.16 -10.83
CA VAL B 41 -0.72 -2.20 -9.75
C VAL B 41 -1.27 -2.61 -8.38
N ASN B 42 -2.49 -3.15 -8.33
CA ASN B 42 -3.09 -3.70 -7.10
C ASN B 42 -2.25 -4.83 -6.47
N SER B 43 -1.87 -5.83 -7.27
CA SER B 43 -1.01 -6.94 -6.85
C SER B 43 0.40 -6.47 -6.49
N PHE B 44 0.98 -5.55 -7.27
CA PHE B 44 2.27 -4.92 -6.98
C PHE B 44 2.27 -4.22 -5.61
N VAL B 45 1.28 -3.36 -5.31
CA VAL B 45 1.18 -2.67 -4.02
C VAL B 45 0.96 -3.65 -2.87
N LYS B 46 0.08 -4.66 -3.02
CA LYS B 46 -0.10 -5.73 -2.03
C LYS B 46 1.23 -6.44 -1.71
N ARG B 47 1.97 -6.86 -2.76
CA ARG B 47 3.30 -7.50 -2.65
C ARG B 47 4.35 -6.60 -2.00
N HIS B 48 4.39 -5.31 -2.38
CA HIS B 48 5.27 -4.29 -1.80
C HIS B 48 5.08 -4.15 -0.28
N ILE B 49 3.83 -4.07 0.16
CA ILE B 49 3.46 -3.98 1.59
C ILE B 49 3.85 -5.28 2.32
N LEU B 50 3.46 -6.44 1.78
CA LEU B 50 3.80 -7.75 2.35
C LEU B 50 5.32 -7.89 2.53
N LYS B 51 6.12 -7.61 1.48
CA LYS B 51 7.59 -7.63 1.53
C LYS B 51 8.17 -6.67 2.57
N THR B 52 7.60 -5.46 2.70
CA THR B 52 8.13 -4.39 3.58
C THR B 52 7.83 -4.61 5.07
N ILE B 53 6.75 -5.32 5.44
CA ILE B 53 6.39 -5.60 6.85
C ILE B 53 6.63 -7.07 7.26
N ILE B 54 6.62 -8.01 6.30
CA ILE B 54 6.65 -9.46 6.51
C ILE B 54 7.66 -10.10 5.54
N TYR B 55 8.92 -9.67 5.68
CA TYR B 55 10.08 -10.04 4.86
C TYR B 55 10.22 -11.54 4.56
N LYS B 56 9.87 -12.40 5.53
CA LYS B 56 9.88 -13.87 5.44
C LYS B 56 8.62 -14.45 6.10
N LYS B 57 7.58 -14.71 5.30
CA LYS B 57 6.30 -15.31 5.73
C LYS B 57 6.45 -16.70 6.37
N GLY B 58 5.41 -17.14 7.08
CA GLY B 58 5.32 -18.49 7.68
C GLY B 58 6.16 -18.69 8.95
N THR B 59 6.10 -19.92 9.48
CA THR B 59 6.75 -20.35 10.74
C THR B 59 7.29 -21.79 10.64
N ASN B 60 8.10 -22.20 11.62
CA ASN B 60 8.73 -23.54 11.68
C ASN B 60 8.36 -24.34 12.96
N GLN B 61 7.47 -23.79 13.80
CA GLN B 61 6.96 -24.42 15.04
C GLN B 61 5.56 -23.87 15.37
N ASP B 62 4.75 -24.62 16.12
CA ASP B 62 3.39 -24.25 16.55
C ASP B 62 3.08 -24.76 17.97
N SER B 63 1.88 -24.41 18.48
CA SER B 63 1.40 -24.68 19.85
C SER B 63 -0.10 -25.08 19.83
N SER B 64 -0.54 -25.77 18.78
CA SER B 64 -1.95 -26.06 18.45
C SER B 64 -2.83 -24.81 18.35
N ILE B 65 -2.28 -23.72 17.80
CA ILE B 65 -2.98 -22.43 17.61
C ILE B 65 -4.12 -22.57 16.59
N ASN B 66 -5.27 -21.92 16.89
CA ASN B 66 -6.51 -21.90 16.10
C ASN B 66 -6.89 -23.25 15.45
N LYS A 13 -3.99 18.16 -8.43
CA LYS A 13 -5.14 18.30 -9.37
C LYS A 13 -5.93 16.99 -9.46
N ARG A 14 -5.52 16.02 -10.29
CA ARG A 14 -6.14 14.68 -10.42
C ARG A 14 -5.91 13.80 -9.19
N ASN A 15 -6.66 12.71 -9.09
CA ASN A 15 -6.60 11.68 -8.03
C ASN A 15 -6.61 10.28 -8.67
N PHE A 16 -5.72 9.41 -8.18
CA PHE A 16 -5.45 8.09 -8.74
C PHE A 16 -5.61 7.01 -7.66
N SER A 17 -6.69 6.23 -7.73
CA SER A 17 -7.09 5.32 -6.66
C SER A 17 -6.28 4.01 -6.63
N VAL A 18 -6.30 3.34 -5.48
CA VAL A 18 -5.69 2.02 -5.25
C VAL A 18 -6.66 1.18 -4.41
N THR A 19 -6.87 -0.08 -4.79
CA THR A 19 -7.85 -0.98 -4.15
C THR A 19 -7.44 -2.45 -4.30
N PHE A 20 -7.29 -3.17 -3.18
CA PHE A 20 -6.86 -4.57 -3.14
C PHE A 20 -7.35 -5.29 -1.85
N TYR A 21 -6.95 -6.56 -1.69
CA TYR A 21 -7.28 -7.41 -0.54
C TYR A 21 -6.02 -7.97 0.14
N LEU A 22 -6.16 -8.25 1.44
CA LEU A 22 -5.22 -8.90 2.35
C LEU A 22 -5.97 -9.97 3.17
N SER A 23 -5.21 -10.69 3.99
CA SER A 23 -5.73 -11.61 5.00
C SER A 23 -5.60 -11.04 6.42
N LYS A 24 -6.25 -11.70 7.38
CA LYS A 24 -6.50 -11.19 8.74
C LYS A 24 -5.22 -10.79 9.48
N GLU A 25 -4.16 -11.61 9.40
CA GLU A 25 -2.91 -11.36 10.14
C GLU A 25 -2.20 -10.09 9.68
N GLU A 26 -1.89 -9.95 8.38
CA GLU A 26 -1.26 -8.74 7.85
C GLU A 26 -2.17 -7.50 8.00
N HIS A 27 -3.49 -7.63 7.83
CA HIS A 27 -4.40 -6.50 8.03
C HIS A 27 -4.45 -6.06 9.50
N ASP A 28 -4.47 -7.00 10.46
CA ASP A 28 -4.34 -6.72 11.90
C ASP A 28 -3.02 -6.02 12.27
N VAL A 29 -1.89 -6.44 11.69
CA VAL A 29 -0.59 -5.76 11.85
C VAL A 29 -0.66 -4.32 11.33
N LEU A 30 -1.15 -4.09 10.11
CA LEU A 30 -1.32 -2.73 9.57
C LEU A 30 -2.29 -1.89 10.42
N ARG A 31 -3.41 -2.47 10.86
CA ARG A 31 -4.41 -1.81 11.73
C ARG A 31 -3.82 -1.34 13.05
N ARG A 32 -3.04 -2.17 13.74
CA ARG A 32 -2.38 -1.80 15.02
C ARG A 32 -1.26 -0.77 14.81
N LEU A 33 -0.43 -0.96 13.79
CA LEU A 33 0.64 -0.03 13.43
C LEU A 33 0.09 1.34 12.99
N ALA A 34 -1.09 1.38 12.36
CA ALA A 34 -1.85 2.61 12.12
C ALA A 34 -2.44 3.20 13.41
N ASP A 35 -3.10 2.40 14.25
CA ASP A 35 -3.71 2.86 15.52
C ASP A 35 -2.70 3.52 16.48
N GLU A 36 -1.44 3.10 16.46
CA GLU A 36 -0.34 3.72 17.23
C GLU A 36 -0.03 5.19 16.84
N GLU A 37 -0.39 5.68 15.64
CA GLU A 37 0.09 7.00 15.16
C GLU A 37 -0.78 7.76 14.12
N VAL A 38 -1.77 7.11 13.49
CA VAL A 38 -2.61 7.67 12.41
C VAL A 38 -4.11 7.35 12.57
N GLU A 39 -4.46 6.24 13.22
CA GLU A 39 -5.83 5.81 13.59
C GLU A 39 -6.80 5.49 12.42
N SER A 40 -6.34 5.59 11.17
CA SER A 40 -7.12 5.33 9.94
C SER A 40 -6.27 4.57 8.92
N VAL A 41 -6.58 3.29 8.68
CA VAL A 41 -5.72 2.35 7.91
C VAL A 41 -5.48 2.82 6.47
N ASN A 42 -6.49 3.37 5.80
CA ASN A 42 -6.35 3.94 4.45
C ASN A 42 -5.32 5.10 4.39
N SER A 43 -5.43 6.07 5.31
CA SER A 43 -4.50 7.19 5.46
C SER A 43 -3.10 6.71 5.84
N PHE A 44 -3.01 5.72 6.74
CA PHE A 44 -1.75 5.08 7.11
C PHE A 44 -1.06 4.40 5.91
N VAL A 45 -1.78 3.61 5.11
CA VAL A 45 -1.19 2.91 3.95
C VAL A 45 -0.75 3.90 2.86
N LYS A 46 -1.56 4.90 2.47
CA LYS A 46 -1.08 5.91 1.49
C LYS A 46 0.13 6.70 2.01
N ARG A 47 0.16 7.04 3.31
CA ARG A 47 1.29 7.71 3.99
C ARG A 47 2.54 6.83 4.05
N HIS A 48 2.39 5.53 4.30
CA HIS A 48 3.45 4.52 4.25
C HIS A 48 4.10 4.43 2.87
N ILE A 49 3.30 4.34 1.81
CA ILE A 49 3.78 4.28 0.43
C ILE A 49 4.52 5.57 0.05
N LEU A 50 3.96 6.74 0.39
CA LEU A 50 4.61 8.03 0.21
C LEU A 50 5.97 8.09 0.93
N LYS A 51 6.00 7.85 2.24
CA LYS A 51 7.22 7.91 3.09
C LYS A 51 8.32 6.94 2.64
N THR A 52 7.94 5.75 2.17
CA THR A 52 8.88 4.72 1.68
C THR A 52 9.59 5.12 0.38
N ILE A 53 9.01 6.03 -0.42
CA ILE A 53 9.45 6.32 -1.80
C ILE A 53 9.89 7.80 -1.98
N ILE A 54 9.38 8.72 -1.17
CA ILE A 54 9.60 10.17 -1.25
C ILE A 54 9.81 10.74 0.18
N TYR A 55 10.78 11.65 0.32
CA TYR A 55 11.04 12.38 1.58
C TYR A 55 11.38 13.85 1.26
N LYS A 56 10.41 14.74 1.50
CA LYS A 56 10.43 16.16 1.09
C LYS A 56 9.61 17.00 2.06
N LYS A 57 10.31 17.77 2.90
CA LYS A 57 9.78 18.51 4.08
C LYS A 57 10.15 20.00 4.10
N GLY A 58 10.37 20.57 2.91
CA GLY A 58 10.81 21.97 2.70
C GLY A 58 9.92 22.78 1.74
N THR A 59 8.67 22.36 1.57
CA THR A 59 7.64 23.05 0.75
C THR A 59 7.15 24.37 1.36
N ASN A 60 6.43 25.17 0.57
CA ASN A 60 5.90 26.50 0.94
C ASN A 60 4.40 26.67 0.59
N GLN A 61 3.69 25.57 0.34
CA GLN A 61 2.27 25.53 -0.08
C GLN A 61 1.51 24.38 0.61
N ASP A 62 0.18 24.41 0.53
CA ASP A 62 -0.73 23.41 1.13
C ASP A 62 -2.00 23.19 0.28
N SER A 63 -2.83 22.21 0.68
CA SER A 63 -3.99 21.71 -0.09
C SER A 63 -5.35 22.07 0.53
N SER A 64 -5.38 23.01 1.50
CA SER A 64 -6.59 23.43 2.25
C SER A 64 -7.38 22.27 2.88
N ILE A 65 -6.67 21.23 3.36
CA ILE A 65 -7.24 20.05 4.02
C ILE A 65 -8.01 20.41 5.30
N ASN A 66 -9.04 19.62 5.64
CA ASN A 66 -9.86 19.75 6.86
C ASN A 66 -9.06 19.62 8.17
N LYS B 13 -12.90 -18.85 5.26
CA LYS B 13 -11.94 -17.84 5.81
C LYS B 13 -12.29 -16.42 5.31
N ARG B 14 -12.16 -15.40 6.17
CA ARG B 14 -12.43 -13.98 5.84
C ARG B 14 -11.48 -13.41 4.76
N ASN B 15 -11.87 -12.25 4.23
CA ASN B 15 -11.05 -11.39 3.36
C ASN B 15 -11.07 -9.96 3.93
N PHE B 16 -9.93 -9.28 3.91
CA PHE B 16 -9.69 -8.00 4.59
C PHE B 16 -9.19 -6.95 3.59
N SER B 17 -10.10 -6.11 3.10
CA SER B 17 -9.83 -5.16 2.01
C SER B 17 -9.05 -3.91 2.46
N VAL B 18 -8.41 -3.24 1.49
CA VAL B 18 -7.65 -1.99 1.66
C VAL B 18 -7.89 -1.09 0.44
N THR B 19 -8.32 0.15 0.67
CA THR B 19 -8.67 1.13 -0.38
C THR B 19 -8.26 2.55 -0.01
N PHE B 20 -7.68 3.30 -0.95
CA PHE B 20 -7.17 4.67 -0.75
C PHE B 20 -6.90 5.40 -2.09
N TYR B 21 -6.34 6.61 -2.01
CA TYR B 21 -5.95 7.44 -3.16
C TYR B 21 -4.48 7.88 -3.09
N LEU B 22 -3.91 8.12 -4.27
CA LEU B 22 -2.55 8.63 -4.52
C LEU B 22 -2.59 9.76 -5.56
N SER B 23 -1.45 10.44 -5.73
CA SER B 23 -1.25 11.47 -6.76
C SER B 23 -0.99 10.85 -8.15
N LYS B 24 -1.22 11.60 -9.23
CA LYS B 24 -1.07 11.15 -10.62
C LYS B 24 0.35 10.69 -10.94
N GLU B 25 1.36 11.51 -10.65
CA GLU B 25 2.77 11.20 -10.92
C GLU B 25 3.28 10.05 -10.05
N GLU B 26 2.86 10.03 -8.78
CA GLU B 26 3.12 8.94 -7.82
C GLU B 26 2.57 7.59 -8.33
N HIS B 27 1.30 7.54 -8.71
CA HIS B 27 0.67 6.34 -9.26
C HIS B 27 1.31 5.92 -10.60
N ASP B 28 1.67 6.87 -11.47
CA ASP B 28 2.39 6.57 -12.72
C ASP B 28 3.79 6.00 -12.50
N VAL B 29 4.55 6.49 -11.50
CA VAL B 29 5.84 5.89 -11.09
C VAL B 29 5.63 4.46 -10.57
N LEU B 30 4.64 4.23 -9.70
CA LEU B 30 4.27 2.88 -9.24
C LEU B 30 3.85 1.98 -10.42
N ARG B 31 3.11 2.50 -11.40
CA ARG B 31 2.70 1.80 -12.62
C ARG B 31 3.89 1.41 -13.51
N ARG B 32 4.90 2.27 -13.67
CA ARG B 32 6.16 1.94 -14.37
C ARG B 32 6.94 0.83 -13.66
N LEU B 33 7.10 0.95 -12.34
CA LEU B 33 7.78 -0.06 -11.52
C LEU B 33 7.01 -1.40 -11.52
N ALA B 34 5.68 -1.36 -11.50
CA ALA B 34 4.82 -2.53 -11.68
C ALA B 34 4.99 -3.14 -13.08
N ASP B 35 4.97 -2.35 -14.16
CA ASP B 35 5.22 -2.86 -15.52
C ASP B 35 6.60 -3.53 -15.68
N GLU B 36 7.62 -3.07 -14.95
CA GLU B 36 8.92 -3.76 -14.85
C GLU B 36 8.84 -5.13 -14.11
N GLU B 37 7.87 -5.35 -13.23
CA GLU B 37 7.65 -6.60 -12.46
C GLU B 37 6.20 -6.74 -11.92
N VAL B 38 5.32 -7.41 -12.70
CA VAL B 38 3.88 -7.62 -12.44
C VAL B 38 3.04 -6.32 -12.60
N GLU B 39 2.63 -6.04 -13.84
CA GLU B 39 1.99 -4.79 -14.29
C GLU B 39 0.77 -4.30 -13.47
N SER B 40 -0.02 -5.22 -12.89
CA SER B 40 -1.21 -4.93 -12.08
C SER B 40 -0.90 -4.07 -10.84
N VAL B 41 -1.01 -2.74 -10.96
CA VAL B 41 -0.49 -1.75 -9.98
C VAL B 41 -0.99 -1.98 -8.55
N ASN B 42 -2.26 -2.32 -8.38
CA ASN B 42 -2.83 -2.63 -7.06
C ASN B 42 -2.22 -3.90 -6.42
N SER B 43 -2.01 -4.96 -7.20
CA SER B 43 -1.36 -6.19 -6.74
C SER B 43 0.15 -5.99 -6.49
N PHE B 44 0.80 -5.15 -7.30
CA PHE B 44 2.17 -4.68 -7.07
C PHE B 44 2.29 -3.92 -5.73
N VAL B 45 1.39 -2.97 -5.44
CA VAL B 45 1.36 -2.25 -4.15
C VAL B 45 1.06 -3.19 -2.97
N LYS B 46 0.09 -4.11 -3.12
CA LYS B 46 -0.15 -5.20 -2.15
C LYS B 46 1.13 -5.98 -1.82
N ARG B 47 1.86 -6.44 -2.84
CA ARG B 47 3.12 -7.18 -2.71
C ARG B 47 4.22 -6.34 -2.05
N HIS B 48 4.36 -5.07 -2.43
CA HIS B 48 5.28 -4.10 -1.82
C HIS B 48 5.06 -3.97 -0.31
N ILE B 49 3.81 -3.81 0.12
CA ILE B 49 3.45 -3.70 1.54
C ILE B 49 3.73 -5.01 2.28
N LEU B 50 3.32 -6.15 1.72
CA LEU B 50 3.59 -7.48 2.29
C LEU B 50 5.09 -7.72 2.51
N LYS B 51 5.93 -7.47 1.49
CA LYS B 51 7.40 -7.59 1.58
C LYS B 51 8.02 -6.65 2.63
N THR B 52 7.50 -5.43 2.74
CA THR B 52 7.99 -4.41 3.69
C THR B 52 7.60 -4.70 5.15
N ILE B 53 6.43 -5.31 5.40
CA ILE B 53 5.80 -5.40 6.73
C ILE B 53 5.78 -6.82 7.30
N ILE B 54 5.76 -7.88 6.46
CA ILE B 54 5.70 -9.30 6.86
C ILE B 54 6.80 -10.07 6.13
N TYR B 55 7.98 -10.11 6.76
CA TYR B 55 9.26 -10.52 6.18
C TYR B 55 9.29 -11.94 5.55
N LYS B 56 8.52 -12.88 6.10
CA LYS B 56 8.46 -14.30 5.67
C LYS B 56 7.09 -14.96 5.95
N LYS B 57 6.02 -14.35 5.43
CA LYS B 57 4.62 -14.83 5.55
C LYS B 57 4.49 -16.32 5.21
N GLY B 58 3.68 -17.05 5.98
CA GLY B 58 3.51 -18.52 5.90
C GLY B 58 2.45 -19.00 4.90
N THR B 59 2.25 -18.28 3.79
CA THR B 59 1.30 -18.63 2.71
C THR B 59 1.55 -20.04 2.14
N ASN B 60 0.48 -20.75 1.75
CA ASN B 60 0.51 -22.17 1.38
C ASN B 60 -0.24 -22.48 0.06
N GLN B 61 -0.41 -21.48 -0.80
CA GLN B 61 -0.95 -21.64 -2.16
C GLN B 61 0.06 -22.36 -3.09
N ASP B 62 -0.43 -22.90 -4.22
CA ASP B 62 0.37 -23.61 -5.23
C ASP B 62 -0.19 -23.42 -6.66
N SER B 63 0.70 -23.36 -7.65
CA SER B 63 0.37 -23.19 -9.08
C SER B 63 1.47 -23.81 -9.96
N SER B 64 1.70 -25.12 -9.80
CA SER B 64 2.73 -25.89 -10.52
C SER B 64 2.54 -25.89 -12.05
N ILE B 65 3.64 -26.14 -12.78
CA ILE B 65 3.73 -26.17 -14.25
C ILE B 65 4.65 -27.31 -14.75
N ASN B 66 4.54 -27.65 -16.05
CA ASN B 66 5.39 -28.64 -16.73
C ASN B 66 6.89 -28.29 -16.67
N LYS A 13 -9.47 18.54 -9.69
CA LYS A 13 -8.11 18.18 -9.18
C LYS A 13 -7.77 16.72 -9.56
N ARG A 14 -6.56 16.47 -10.12
CA ARG A 14 -6.08 15.12 -10.48
C ARG A 14 -6.10 14.16 -9.27
N ASN A 15 -6.63 12.96 -9.49
CA ASN A 15 -6.79 11.91 -8.48
C ASN A 15 -6.70 10.51 -9.13
N PHE A 16 -5.92 9.62 -8.50
CA PHE A 16 -5.64 8.26 -8.97
C PHE A 16 -5.72 7.28 -7.79
N SER A 17 -6.31 6.10 -7.98
CA SER A 17 -6.78 5.28 -6.85
C SER A 17 -6.10 3.90 -6.79
N VAL A 18 -6.08 3.32 -5.59
CA VAL A 18 -5.41 2.04 -5.27
C VAL A 18 -6.35 1.20 -4.39
N THR A 19 -6.64 -0.03 -4.82
CA THR A 19 -7.62 -0.94 -4.17
C THR A 19 -7.16 -2.40 -4.23
N PHE A 20 -7.08 -3.08 -3.08
CA PHE A 20 -6.62 -4.48 -2.96
C PHE A 20 -7.10 -5.16 -1.66
N TYR A 21 -6.65 -6.39 -1.42
CA TYR A 21 -7.06 -7.25 -0.29
C TYR A 21 -5.86 -7.85 0.46
N LEU A 22 -6.07 -8.13 1.75
CA LEU A 22 -5.14 -8.76 2.69
C LEU A 22 -5.87 -9.80 3.57
N SER A 23 -5.09 -10.55 4.34
CA SER A 23 -5.60 -11.50 5.35
C SER A 23 -6.10 -10.79 6.62
N LYS A 24 -6.97 -11.44 7.40
CA LYS A 24 -7.52 -10.90 8.66
C LYS A 24 -6.44 -10.55 9.68
N GLU A 25 -5.48 -11.44 9.91
CA GLU A 25 -4.37 -11.21 10.85
C GLU A 25 -3.41 -10.12 10.35
N GLU A 26 -3.09 -10.12 9.06
CA GLU A 26 -2.27 -9.07 8.42
C GLU A 26 -2.92 -7.69 8.57
N HIS A 27 -4.21 -7.57 8.24
CA HIS A 27 -4.95 -6.33 8.36
C HIS A 27 -5.06 -5.86 9.82
N ASP A 28 -5.28 -6.76 10.78
CA ASP A 28 -5.30 -6.40 12.21
C ASP A 28 -3.93 -5.91 12.73
N VAL A 29 -2.82 -6.50 12.27
CA VAL A 29 -1.47 -6.00 12.56
C VAL A 29 -1.26 -4.60 11.99
N LEU A 30 -1.61 -4.37 10.71
CA LEU A 30 -1.59 -3.02 10.12
C LEU A 30 -2.50 -2.04 10.87
N ARG A 31 -3.70 -2.47 11.27
CA ARG A 31 -4.67 -1.68 12.05
C ARG A 31 -4.10 -1.22 13.39
N ARG A 32 -3.43 -2.10 14.15
CA ARG A 32 -2.76 -1.71 15.41
C ARG A 32 -1.60 -0.72 15.15
N LEU A 33 -0.71 -1.10 14.22
CA LEU A 33 0.46 -0.30 13.83
C LEU A 33 0.08 1.10 13.33
N ALA A 34 -1.03 1.19 12.59
CA ALA A 34 -1.67 2.44 12.19
C ALA A 34 -2.25 3.19 13.42
N ASP A 35 -3.16 2.58 14.18
CA ASP A 35 -3.86 3.18 15.32
C ASP A 35 -2.93 3.78 16.40
N GLU A 36 -1.70 3.28 16.55
CA GLU A 36 -0.66 3.94 17.37
C GLU A 36 -0.36 5.41 16.98
N GLU A 37 -0.70 5.88 15.77
CA GLU A 37 -0.45 7.25 15.27
C GLU A 37 -1.56 7.85 14.38
N VAL A 38 -2.26 7.03 13.59
CA VAL A 38 -3.20 7.38 12.51
C VAL A 38 -4.27 6.27 12.44
N GLU A 39 -5.40 6.49 13.10
CA GLU A 39 -6.55 5.56 13.15
C GLU A 39 -7.02 5.06 11.76
N SER A 40 -6.96 5.91 10.74
CA SER A 40 -7.30 5.60 9.34
C SER A 40 -6.30 4.65 8.68
N VAL A 41 -6.49 3.33 8.83
CA VAL A 41 -5.59 2.25 8.35
C VAL A 41 -5.19 2.42 6.88
N ASN A 42 -6.14 2.76 6.01
CA ASN A 42 -5.88 3.01 4.59
C ASN A 42 -4.98 4.23 4.34
N SER A 43 -5.15 5.32 5.10
CA SER A 43 -4.28 6.51 5.02
C SER A 43 -2.90 6.26 5.63
N PHE A 44 -2.80 5.44 6.68
CA PHE A 44 -1.53 4.91 7.18
C PHE A 44 -0.78 4.11 6.09
N VAL A 45 -1.46 3.22 5.37
CA VAL A 45 -0.86 2.47 4.23
C VAL A 45 -0.42 3.42 3.11
N LYS A 46 -1.25 4.40 2.72
CA LYS A 46 -0.88 5.48 1.78
C LYS A 46 0.42 6.19 2.20
N ARG A 47 0.51 6.62 3.47
CA ARG A 47 1.70 7.26 4.06
C ARG A 47 2.93 6.35 4.07
N HIS A 48 2.77 5.06 4.42
CA HIS A 48 3.83 4.04 4.36
C HIS A 48 4.45 3.91 2.97
N ILE A 49 3.59 3.84 1.94
CA ILE A 49 4.03 3.73 0.54
C ILE A 49 4.76 5.01 0.12
N LEU A 50 4.17 6.18 0.36
CA LEU A 50 4.79 7.48 0.06
C LEU A 50 6.17 7.61 0.72
N LYS A 51 6.27 7.35 2.04
CA LYS A 51 7.53 7.40 2.82
C LYS A 51 8.63 6.48 2.27
N THR A 52 8.25 5.31 1.74
CA THR A 52 9.19 4.33 1.16
C THR A 52 9.60 4.68 -0.28
N ILE A 53 8.66 5.19 -1.09
CA ILE A 53 8.84 5.41 -2.54
C ILE A 53 9.53 6.76 -2.85
N ILE A 54 9.29 7.82 -2.05
CA ILE A 54 9.74 9.18 -2.35
C ILE A 54 10.11 9.96 -1.06
N TYR A 55 11.05 10.91 -1.20
CA TYR A 55 11.78 11.55 -0.10
C TYR A 55 11.82 13.09 -0.24
N LYS A 56 10.73 13.67 -0.77
CA LYS A 56 10.58 15.10 -1.11
C LYS A 56 9.30 15.69 -0.47
N LYS A 57 9.23 15.59 0.87
CA LYS A 57 8.11 16.06 1.73
C LYS A 57 7.72 17.52 1.48
N GLY A 58 6.43 17.83 1.64
CA GLY A 58 5.85 19.18 1.53
C GLY A 58 4.44 19.27 2.12
N THR A 59 3.86 20.48 2.07
CA THR A 59 2.49 20.75 2.57
C THR A 59 1.40 20.05 1.73
N ASN A 60 0.27 19.73 2.38
CA ASN A 60 -0.90 19.05 1.79
C ASN A 60 -2.21 19.55 2.43
N GLN A 61 -3.34 19.31 1.73
CA GLN A 61 -4.70 19.70 2.15
C GLN A 61 -5.75 18.74 1.55
N ASP A 62 -6.90 18.62 2.21
CA ASP A 62 -8.08 17.87 1.73
C ASP A 62 -9.39 18.63 2.01
N SER A 63 -10.52 18.08 1.52
CA SER A 63 -11.87 18.62 1.74
C SER A 63 -12.90 17.48 1.94
N SER A 64 -12.50 16.42 2.66
CA SER A 64 -13.34 15.25 2.96
C SER A 64 -14.60 15.62 3.79
N ILE A 65 -15.65 14.81 3.63
CA ILE A 65 -16.97 14.97 4.29
C ILE A 65 -17.49 13.66 4.91
N ASN A 66 -16.61 12.65 5.05
CA ASN A 66 -16.91 11.30 5.58
C ASN A 66 -15.77 10.77 6.49
N LYS B 13 -10.99 -18.13 3.89
CA LYS B 13 -12.35 -17.75 3.39
C LYS B 13 -12.54 -16.23 3.33
N ARG B 14 -12.73 -15.55 4.48
CA ARG B 14 -12.88 -14.07 4.57
C ARG B 14 -11.60 -13.33 4.14
N ASN B 15 -11.75 -12.10 3.65
CA ASN B 15 -10.67 -11.19 3.25
C ASN B 15 -10.92 -9.77 3.81
N PHE B 16 -9.84 -9.01 3.97
CA PHE B 16 -9.82 -7.68 4.59
C PHE B 16 -9.22 -6.65 3.63
N SER B 17 -10.05 -5.73 3.16
CA SER B 17 -9.72 -4.85 2.04
C SER B 17 -8.97 -3.57 2.46
N VAL B 18 -8.27 -2.95 1.50
CA VAL B 18 -7.52 -1.70 1.65
C VAL B 18 -7.75 -0.84 0.41
N THR B 19 -8.25 0.39 0.59
CA THR B 19 -8.69 1.29 -0.50
C THR B 19 -8.36 2.75 -0.20
N PHE B 20 -7.65 3.44 -1.11
CA PHE B 20 -7.24 4.85 -0.93
C PHE B 20 -6.89 5.55 -2.26
N TYR B 21 -6.47 6.83 -2.18
CA TYR B 21 -6.12 7.70 -3.30
C TYR B 21 -4.71 8.28 -3.20
N LEU B 22 -4.15 8.63 -4.36
CA LEU B 22 -2.82 9.19 -4.62
C LEU B 22 -2.88 10.23 -5.76
N SER B 23 -1.75 10.89 -5.99
CA SER B 23 -1.55 11.85 -7.09
C SER B 23 -1.18 11.16 -8.40
N LYS B 24 -1.39 11.82 -9.55
CA LYS B 24 -1.11 11.28 -10.90
C LYS B 24 0.34 10.84 -11.08
N GLU B 25 1.31 11.67 -10.70
CA GLU B 25 2.74 11.36 -10.84
C GLU B 25 3.19 10.23 -9.91
N GLU B 26 2.66 10.19 -8.67
CA GLU B 26 2.91 9.09 -7.73
C GLU B 26 2.35 7.77 -8.27
N HIS B 27 1.10 7.75 -8.73
CA HIS B 27 0.49 6.56 -9.33
C HIS B 27 1.22 6.10 -10.60
N ASP B 28 1.68 7.03 -11.44
CA ASP B 28 2.54 6.71 -12.59
C ASP B 28 3.87 6.05 -12.16
N VAL B 29 4.53 6.53 -11.10
CA VAL B 29 5.73 5.86 -10.53
C VAL B 29 5.40 4.44 -10.06
N LEU B 30 4.31 4.23 -9.32
CA LEU B 30 3.87 2.88 -8.93
C LEU B 30 3.57 1.99 -10.15
N ARG B 31 2.87 2.51 -11.16
CA ARG B 31 2.58 1.82 -12.42
C ARG B 31 3.85 1.44 -13.19
N ARG B 32 4.86 2.32 -13.24
CA ARG B 32 6.16 2.08 -13.89
C ARG B 32 6.95 0.97 -13.18
N LEU B 33 7.07 1.08 -11.86
CA LEU B 33 7.71 0.06 -11.01
C LEU B 33 6.99 -1.29 -11.07
N ALA B 34 5.66 -1.30 -11.19
CA ALA B 34 4.88 -2.51 -11.45
C ALA B 34 5.15 -3.07 -12.86
N ASP B 35 5.00 -2.25 -13.91
CA ASP B 35 5.21 -2.60 -15.33
C ASP B 35 6.61 -3.16 -15.65
N GLU B 36 7.62 -2.82 -14.84
CA GLU B 36 8.94 -3.49 -14.85
C GLU B 36 8.86 -5.03 -14.71
N GLU B 37 7.76 -5.59 -14.20
CA GLU B 37 7.52 -7.03 -14.04
C GLU B 37 6.10 -7.47 -14.47
N VAL B 38 5.06 -6.80 -13.96
CA VAL B 38 3.61 -7.06 -14.13
C VAL B 38 2.84 -5.77 -13.83
N GLU B 39 2.29 -5.14 -14.88
CA GLU B 39 1.46 -3.91 -14.81
C GLU B 39 0.11 -4.10 -14.11
N SER B 40 0.20 -4.26 -12.79
CA SER B 40 -0.88 -4.61 -11.86
C SER B 40 -0.69 -3.88 -10.53
N VAL B 41 -0.97 -2.57 -10.49
CA VAL B 41 -0.68 -1.67 -9.34
C VAL B 41 -1.26 -2.20 -8.01
N ASN B 42 -2.45 -2.79 -8.02
CA ASN B 42 -3.05 -3.46 -6.85
C ASN B 42 -2.15 -4.58 -6.27
N SER B 43 -1.73 -5.52 -7.12
CA SER B 43 -0.83 -6.63 -6.75
C SER B 43 0.56 -6.12 -6.36
N PHE B 44 1.10 -5.17 -7.11
CA PHE B 44 2.37 -4.49 -6.82
C PHE B 44 2.37 -3.85 -5.43
N VAL B 45 1.35 -3.04 -5.09
CA VAL B 45 1.24 -2.42 -3.77
C VAL B 45 1.07 -3.47 -2.66
N LYS B 46 0.24 -4.50 -2.87
CA LYS B 46 0.10 -5.63 -1.93
C LYS B 46 1.46 -6.28 -1.59
N ARG B 47 2.22 -6.71 -2.61
CA ARG B 47 3.56 -7.31 -2.39
C ARG B 47 4.61 -6.32 -1.87
N HIS B 48 4.56 -5.05 -2.28
CA HIS B 48 5.38 -3.96 -1.72
C HIS B 48 5.22 -3.87 -0.19
N ILE B 49 3.99 -3.86 0.31
CA ILE B 49 3.72 -3.84 1.76
C ILE B 49 4.19 -5.13 2.42
N LEU B 50 3.84 -6.29 1.86
CA LEU B 50 4.28 -7.60 2.37
C LEU B 50 5.82 -7.82 2.32
N LYS B 51 6.56 -6.98 1.57
CA LYS B 51 8.03 -6.98 1.45
C LYS B 51 8.70 -5.75 2.11
N THR B 52 7.95 -4.96 2.89
CA THR B 52 8.48 -3.79 3.65
C THR B 52 8.03 -3.76 5.11
N ILE B 53 6.78 -4.12 5.43
CA ILE B 53 6.31 -4.38 6.80
C ILE B 53 6.84 -5.73 7.34
N ILE B 54 7.16 -6.67 6.43
CA ILE B 54 7.75 -7.99 6.67
C ILE B 54 8.81 -8.24 5.59
N TYR B 55 9.69 -9.23 5.79
CA TYR B 55 10.60 -9.75 4.76
C TYR B 55 10.86 -11.24 4.99
N LYS B 56 10.86 -12.01 3.89
CA LYS B 56 11.03 -13.48 3.86
C LYS B 56 11.48 -13.89 2.45
N LYS B 57 12.62 -14.58 2.37
CA LYS B 57 13.20 -15.20 1.16
C LYS B 57 13.52 -16.70 1.35
N GLY B 58 13.79 -17.41 0.25
CA GLY B 58 14.04 -18.86 0.28
C GLY B 58 14.36 -19.50 -1.08
N THR B 59 15.07 -18.79 -1.97
CA THR B 59 15.35 -19.21 -3.36
C THR B 59 16.81 -18.94 -3.74
N ASN B 60 17.37 -19.78 -4.63
CA ASN B 60 18.79 -19.78 -4.98
C ASN B 60 19.24 -18.56 -5.81
N GLN B 61 18.30 -17.91 -6.49
CA GLN B 61 18.53 -16.74 -7.36
C GLN B 61 18.97 -15.45 -6.62
N ASP B 62 18.90 -15.45 -5.28
CA ASP B 62 19.32 -14.34 -4.41
C ASP B 62 20.84 -14.04 -4.45
N SER B 63 21.64 -14.94 -5.03
CA SER B 63 23.10 -14.83 -5.13
C SER B 63 23.63 -13.76 -6.11
N SER B 64 22.74 -13.10 -6.84
CA SER B 64 23.05 -12.04 -7.83
C SER B 64 21.89 -11.05 -8.03
N ILE B 65 22.17 -9.93 -8.72
CA ILE B 65 21.23 -8.87 -9.07
C ILE B 65 21.47 -8.46 -10.53
N ASN B 66 20.39 -8.29 -11.32
CA ASN B 66 20.40 -7.90 -12.74
C ASN B 66 19.14 -7.09 -13.10
N LYS A 13 -9.70 15.82 -10.48
CA LYS A 13 -8.34 16.21 -10.96
C LYS A 13 -7.24 15.68 -10.02
N ARG A 14 -6.10 15.24 -10.58
CA ARG A 14 -4.87 14.78 -9.87
C ARG A 14 -5.12 13.85 -8.67
N ASN A 15 -5.90 12.78 -8.89
CA ASN A 15 -6.21 11.73 -7.92
C ASN A 15 -6.31 10.38 -8.65
N PHE A 16 -5.46 9.44 -8.22
CA PHE A 16 -5.24 8.12 -8.84
C PHE A 16 -5.35 7.02 -7.79
N SER A 17 -6.41 6.21 -7.89
CA SER A 17 -6.81 5.29 -6.81
C SER A 17 -6.00 3.98 -6.78
N VAL A 18 -5.98 3.34 -5.61
CA VAL A 18 -5.29 2.05 -5.35
C VAL A 18 -6.17 1.20 -4.43
N THR A 19 -6.47 -0.05 -4.85
CA THR A 19 -7.43 -0.93 -4.16
C THR A 19 -6.98 -2.41 -4.22
N PHE A 20 -6.79 -3.05 -3.06
CA PHE A 20 -6.32 -4.45 -2.95
C PHE A 20 -6.76 -5.12 -1.63
N TYR A 21 -6.26 -6.33 -1.37
CA TYR A 21 -6.57 -7.15 -0.19
C TYR A 21 -5.31 -7.61 0.56
N LEU A 22 -5.47 -7.82 1.87
CA LEU A 22 -4.51 -8.42 2.80
C LEU A 22 -5.18 -9.52 3.63
N SER A 23 -4.36 -10.22 4.42
CA SER A 23 -4.83 -11.26 5.36
C SER A 23 -5.34 -10.66 6.68
N LYS A 24 -6.20 -11.39 7.40
CA LYS A 24 -6.83 -10.91 8.65
C LYS A 24 -5.84 -10.46 9.72
N GLU A 25 -4.87 -11.31 10.05
CA GLU A 25 -3.87 -11.01 11.10
C GLU A 25 -2.94 -9.86 10.69
N GLU A 26 -2.51 -9.83 9.43
CA GLU A 26 -1.73 -8.72 8.85
C GLU A 26 -2.48 -7.39 8.95
N HIS A 27 -3.74 -7.35 8.48
CA HIS A 27 -4.58 -6.16 8.55
C HIS A 27 -4.85 -5.72 9.99
N ASP A 28 -5.10 -6.65 10.92
CA ASP A 28 -5.26 -6.37 12.35
C ASP A 28 -4.00 -5.75 13.00
N VAL A 29 -2.80 -6.26 12.68
CA VAL A 29 -1.54 -5.66 13.16
C VAL A 29 -1.38 -4.24 12.60
N LEU A 30 -1.58 -4.04 11.29
CA LEU A 30 -1.54 -2.71 10.68
C LEU A 30 -2.62 -1.77 11.25
N ARG A 31 -3.81 -2.29 11.61
CA ARG A 31 -4.89 -1.55 12.27
C ARG A 31 -4.51 -1.06 13.67
N ARG A 32 -3.85 -1.89 14.48
CA ARG A 32 -3.35 -1.48 15.81
C ARG A 32 -2.23 -0.44 15.70
N LEU A 33 -1.28 -0.65 14.79
CA LEU A 33 -0.24 0.34 14.46
C LEU A 33 -0.83 1.67 13.94
N ALA A 34 -1.90 1.61 13.15
CA ALA A 34 -2.65 2.78 12.71
C ALA A 34 -3.41 3.46 13.86
N ASP A 35 -4.08 2.72 14.75
CA ASP A 35 -4.77 3.26 15.92
C ASP A 35 -3.82 3.99 16.88
N GLU A 36 -2.56 3.55 16.99
CA GLU A 36 -1.50 4.27 17.72
C GLU A 36 -1.03 5.60 17.06
N GLU A 37 -1.43 5.91 15.82
CA GLU A 37 -0.80 6.98 14.99
C GLU A 37 -1.79 7.90 14.23
N VAL A 38 -2.77 7.35 13.51
CA VAL A 38 -3.65 8.05 12.55
C VAL A 38 -5.12 7.58 12.55
N GLU A 39 -5.45 6.50 13.27
CA GLU A 39 -6.82 5.99 13.52
C GLU A 39 -7.56 5.37 12.29
N SER A 40 -6.89 5.21 11.14
CA SER A 40 -7.43 4.49 9.98
C SER A 40 -6.35 3.77 9.15
N VAL A 41 -6.62 2.51 8.79
CA VAL A 41 -5.62 1.59 8.20
C VAL A 41 -5.21 2.00 6.79
N ASN A 42 -6.16 2.48 5.98
CA ASN A 42 -5.87 2.94 4.62
C ASN A 42 -5.03 4.25 4.60
N SER A 43 -5.28 5.18 5.52
CA SER A 43 -4.42 6.36 5.73
C SER A 43 -3.02 5.96 6.20
N PHE A 44 -2.93 5.00 7.13
CA PHE A 44 -1.66 4.43 7.58
C PHE A 44 -0.85 3.78 6.43
N VAL A 45 -1.51 3.04 5.54
CA VAL A 45 -0.87 2.50 4.31
C VAL A 45 -0.43 3.61 3.35
N LYS A 46 -1.26 4.64 3.13
CA LYS A 46 -0.88 5.81 2.30
C LYS A 46 0.34 6.54 2.87
N ARG A 47 0.42 6.70 4.20
CA ARG A 47 1.60 7.22 4.93
C ARG A 47 2.82 6.31 4.78
N HIS A 48 2.66 4.99 4.91
CA HIS A 48 3.70 3.99 4.64
C HIS A 48 4.30 4.13 3.24
N ILE A 49 3.48 4.39 2.23
CA ILE A 49 3.93 4.65 0.85
C ILE A 49 4.66 6.00 0.75
N LEU A 50 4.15 7.05 1.40
CA LEU A 50 4.87 8.34 1.58
C LEU A 50 6.14 8.25 2.46
N LYS A 51 6.41 7.10 3.11
CA LYS A 51 7.64 6.78 3.85
C LYS A 51 8.60 5.82 3.11
N THR A 52 8.10 4.97 2.18
CA THR A 52 8.86 3.84 1.61
C THR A 52 8.89 3.78 0.07
N ILE A 53 8.07 4.60 -0.61
CA ILE A 53 8.04 4.79 -2.08
C ILE A 53 8.38 6.26 -2.42
N ILE A 54 8.13 7.18 -1.49
CA ILE A 54 8.64 8.57 -1.46
C ILE A 54 9.32 8.76 -0.08
N TYR A 55 10.26 9.70 0.01
CA TYR A 55 10.90 10.12 1.27
C TYR A 55 11.30 11.61 1.21
N LYS A 56 10.43 12.48 1.73
CA LYS A 56 10.49 13.96 1.63
C LYS A 56 10.20 14.64 2.98
N LYS A 57 10.82 14.11 4.05
CA LYS A 57 10.70 14.59 5.45
C LYS A 57 10.96 16.11 5.56
N GLY A 58 10.10 16.81 6.30
CA GLY A 58 10.20 18.25 6.59
C GLY A 58 8.85 18.94 6.77
N THR A 59 7.80 18.46 6.10
CA THR A 59 6.42 18.98 6.11
C THR A 59 5.38 17.84 6.08
N ASN A 60 4.12 18.16 6.36
CA ASN A 60 2.98 17.23 6.36
C ASN A 60 1.65 17.92 5.96
N GLN A 61 0.58 17.12 5.83
CA GLN A 61 -0.79 17.57 5.57
C GLN A 61 -1.80 16.85 6.50
N ASP A 62 -3.06 17.30 6.50
CA ASP A 62 -4.16 16.75 7.29
C ASP A 62 -5.52 16.93 6.58
N SER A 63 -6.48 16.04 6.85
CA SER A 63 -7.84 16.08 6.30
C SER A 63 -8.83 15.41 7.26
N SER A 64 -9.48 16.23 8.09
CA SER A 64 -10.37 15.87 9.22
C SER A 64 -11.75 15.28 8.82
N ILE A 65 -11.81 14.47 7.76
CA ILE A 65 -13.01 13.80 7.25
C ILE A 65 -13.71 12.98 8.38
N ASN A 66 -15.03 13.17 8.53
CA ASN A 66 -15.88 12.47 9.51
C ASN A 66 -15.86 10.94 9.37
N LYS B 13 -10.78 -19.42 5.66
CA LYS B 13 -10.01 -18.23 5.17
C LYS B 13 -10.88 -16.96 5.14
N ARG B 14 -10.29 -15.78 5.40
CA ARG B 14 -10.91 -14.44 5.29
C ARG B 14 -10.00 -13.49 4.51
N ASN B 15 -10.57 -12.38 4.04
CA ASN B 15 -9.90 -11.35 3.23
C ASN B 15 -10.26 -9.95 3.77
N PHE B 16 -9.25 -9.10 3.93
CA PHE B 16 -9.33 -7.79 4.59
C PHE B 16 -8.82 -6.70 3.66
N SER B 17 -9.73 -5.85 3.16
CA SER B 17 -9.45 -4.95 2.03
C SER B 17 -8.76 -3.64 2.45
N VAL B 18 -8.09 -2.99 1.49
CA VAL B 18 -7.33 -1.75 1.66
C VAL B 18 -7.57 -0.86 0.43
N THR B 19 -8.06 0.36 0.62
CA THR B 19 -8.53 1.26 -0.46
C THR B 19 -8.19 2.72 -0.18
N PHE B 20 -7.43 3.38 -1.08
CA PHE B 20 -6.94 4.76 -0.91
C PHE B 20 -6.61 5.44 -2.26
N TYR B 21 -6.02 6.65 -2.20
CA TYR B 21 -5.65 7.47 -3.35
C TYR B 21 -4.20 7.95 -3.28
N LEU B 22 -3.58 8.11 -4.45
CA LEU B 22 -2.22 8.64 -4.69
C LEU B 22 -2.27 9.78 -5.73
N SER B 23 -1.13 10.44 -5.92
CA SER B 23 -0.95 11.51 -6.92
C SER B 23 -0.72 10.94 -8.33
N LYS B 24 -0.93 11.76 -9.37
CA LYS B 24 -0.83 11.35 -10.79
C LYS B 24 0.57 10.85 -11.17
N GLU B 25 1.60 11.66 -10.89
CA GLU B 25 3.00 11.32 -11.22
C GLU B 25 3.50 10.12 -10.39
N GLU B 26 3.14 10.09 -9.11
CA GLU B 26 3.39 8.96 -8.19
C GLU B 26 2.81 7.64 -8.74
N HIS B 27 1.51 7.64 -9.08
CA HIS B 27 0.85 6.45 -9.65
C HIS B 27 1.41 6.08 -11.03
N ASP B 28 1.74 7.05 -11.89
CA ASP B 28 2.37 6.78 -13.20
C ASP B 28 3.76 6.12 -13.09
N VAL B 29 4.60 6.58 -12.15
CA VAL B 29 5.89 5.93 -11.84
C VAL B 29 5.68 4.51 -11.31
N LEU B 30 4.76 4.33 -10.35
CA LEU B 30 4.40 2.99 -9.87
C LEU B 30 3.84 2.10 -10.99
N ARG B 31 3.03 2.62 -11.90
CA ARG B 31 2.51 1.90 -13.07
C ARG B 31 3.62 1.46 -14.02
N ARG B 32 4.64 2.28 -14.27
CA ARG B 32 5.82 1.92 -15.07
C ARG B 32 6.63 0.79 -14.43
N LEU B 33 6.97 0.95 -13.14
CA LEU B 33 7.71 -0.05 -12.36
C LEU B 33 6.92 -1.37 -12.18
N ALA B 34 5.60 -1.29 -12.10
CA ALA B 34 4.70 -2.44 -12.15
C ALA B 34 4.72 -3.11 -13.54
N ASP B 35 4.44 -2.36 -14.62
CA ASP B 35 4.42 -2.85 -16.01
C ASP B 35 5.73 -3.53 -16.46
N GLU B 36 6.88 -3.16 -15.87
CA GLU B 36 8.14 -3.87 -16.03
C GLU B 36 8.09 -5.39 -15.70
N GLU B 37 7.17 -5.85 -14.84
CA GLU B 37 7.09 -7.26 -14.37
C GLU B 37 5.64 -7.80 -14.18
N VAL B 38 4.76 -7.00 -13.57
CA VAL B 38 3.38 -7.33 -13.16
C VAL B 38 2.50 -6.08 -13.27
N GLU B 39 1.91 -5.84 -14.45
CA GLU B 39 1.20 -4.60 -14.81
C GLU B 39 0.00 -4.19 -13.92
N SER B 40 -0.52 -5.11 -13.10
CA SER B 40 -1.50 -4.86 -12.05
C SER B 40 -0.92 -4.00 -10.91
N VAL B 41 -0.95 -2.67 -11.08
CA VAL B 41 -0.35 -1.67 -10.16
C VAL B 41 -0.76 -1.86 -8.70
N ASN B 42 -2.03 -2.19 -8.45
CA ASN B 42 -2.53 -2.49 -7.11
C ASN B 42 -1.87 -3.74 -6.49
N SER B 43 -1.67 -4.81 -7.26
CA SER B 43 -0.93 -6.01 -6.83
C SER B 43 0.55 -5.70 -6.60
N PHE B 44 1.18 -4.92 -7.48
CA PHE B 44 2.54 -4.42 -7.30
C PHE B 44 2.73 -3.64 -5.99
N VAL B 45 1.80 -2.72 -5.66
CA VAL B 45 1.80 -1.99 -4.38
C VAL B 45 1.56 -2.94 -3.19
N LYS B 46 0.59 -3.86 -3.28
CA LYS B 46 0.35 -4.91 -2.26
C LYS B 46 1.60 -5.75 -1.96
N ARG B 47 2.33 -6.15 -3.01
CA ARG B 47 3.61 -6.88 -2.93
C ARG B 47 4.73 -6.05 -2.29
N HIS B 48 4.88 -4.77 -2.65
CA HIS B 48 5.80 -3.82 -1.99
C HIS B 48 5.53 -3.76 -0.49
N ILE B 49 4.27 -3.57 -0.10
CA ILE B 49 3.85 -3.46 1.30
C ILE B 49 4.16 -4.73 2.07
N LEU B 50 3.76 -5.89 1.56
CA LEU B 50 4.05 -7.21 2.16
C LEU B 50 5.56 -7.41 2.36
N LYS B 51 6.37 -7.25 1.31
CA LYS B 51 7.83 -7.45 1.37
C LYS B 51 8.53 -6.47 2.32
N THR B 52 8.09 -5.21 2.37
CA THR B 52 8.65 -4.19 3.27
C THR B 52 8.28 -4.46 4.74
N ILE B 53 7.06 -4.93 5.02
CA ILE B 53 6.63 -5.34 6.37
C ILE B 53 7.38 -6.61 6.82
N ILE B 54 7.58 -7.58 5.93
CA ILE B 54 8.21 -8.88 6.23
C ILE B 54 9.00 -9.41 5.03
N TYR B 55 10.33 -9.37 5.15
CA TYR B 55 11.33 -9.71 4.13
C TYR B 55 11.53 -11.24 3.92
N LYS B 56 10.43 -12.01 3.95
CA LYS B 56 10.40 -13.48 3.91
C LYS B 56 10.16 -13.98 2.48
N LYS B 57 11.23 -13.98 1.68
CA LYS B 57 11.29 -14.58 0.32
C LYS B 57 10.93 -16.09 0.31
N GLY B 58 10.69 -16.61 -0.89
CA GLY B 58 10.49 -18.06 -1.14
C GLY B 58 10.77 -18.43 -2.60
N THR B 59 10.13 -17.74 -3.54
CA THR B 59 10.55 -17.67 -4.95
C THR B 59 11.88 -16.93 -5.08
N ASN B 60 12.71 -17.29 -6.06
CA ASN B 60 13.99 -16.62 -6.33
C ASN B 60 13.80 -15.14 -6.72
N GLN B 61 14.73 -14.27 -6.29
CA GLN B 61 14.73 -12.83 -6.58
C GLN B 61 16.16 -12.27 -6.50
N ASP B 62 16.46 -11.20 -7.25
CA ASP B 62 17.63 -10.34 -7.04
C ASP B 62 17.53 -9.52 -5.72
N SER B 63 18.70 -9.10 -5.21
CA SER B 63 18.85 -8.36 -3.93
C SER B 63 19.86 -7.20 -4.01
N SER B 64 20.28 -6.80 -5.22
CA SER B 64 21.28 -5.74 -5.47
C SER B 64 21.08 -5.08 -6.84
N ILE B 65 21.68 -3.90 -7.02
CA ILE B 65 21.62 -3.06 -8.25
C ILE B 65 23.01 -2.63 -8.77
N ASN B 66 24.08 -3.22 -8.22
CA ASN B 66 25.48 -3.00 -8.62
C ASN B 66 25.75 -3.33 -10.11
N LYS A 13 -7.82 13.98 -15.49
CA LYS A 13 -7.77 13.58 -14.05
C LYS A 13 -6.41 13.94 -13.42
N ARG A 14 -6.40 14.31 -12.13
CA ARG A 14 -5.17 14.63 -11.34
C ARG A 14 -4.95 13.73 -10.12
N ASN A 15 -5.93 12.90 -9.78
CA ASN A 15 -5.92 11.94 -8.68
C ASN A 15 -6.39 10.56 -9.15
N PHE A 16 -5.76 9.54 -8.59
CA PHE A 16 -5.79 8.14 -9.04
C PHE A 16 -5.82 7.20 -7.82
N SER A 17 -6.48 6.05 -7.93
CA SER A 17 -6.87 5.24 -6.75
C SER A 17 -6.23 3.86 -6.76
N VAL A 18 -6.12 3.26 -5.56
CA VAL A 18 -5.45 1.97 -5.31
C VAL A 18 -6.31 1.13 -4.36
N THR A 19 -6.65 -0.09 -4.77
CA THR A 19 -7.57 -0.99 -4.07
C THR A 19 -7.12 -2.46 -4.12
N PHE A 20 -7.00 -3.12 -2.96
CA PHE A 20 -6.56 -4.52 -2.84
C PHE A 20 -7.02 -5.17 -1.51
N TYR A 21 -6.56 -6.38 -1.24
CA TYR A 21 -6.88 -7.17 -0.03
C TYR A 21 -5.61 -7.63 0.70
N LEU A 22 -5.73 -7.82 2.02
CA LEU A 22 -4.74 -8.40 2.92
C LEU A 22 -5.39 -9.48 3.80
N SER A 23 -4.56 -10.18 4.58
CA SER A 23 -5.01 -11.21 5.54
C SER A 23 -5.50 -10.59 6.85
N LYS A 24 -6.33 -11.31 7.62
CA LYS A 24 -6.91 -10.83 8.89
C LYS A 24 -5.85 -10.41 9.92
N GLU A 25 -4.85 -11.27 10.15
CA GLU A 25 -3.76 -11.01 11.11
C GLU A 25 -2.89 -9.81 10.68
N GLU A 26 -2.57 -9.73 9.38
CA GLU A 26 -1.84 -8.62 8.78
C GLU A 26 -2.59 -7.29 8.90
N HIS A 27 -3.87 -7.26 8.56
CA HIS A 27 -4.71 -6.06 8.71
C HIS A 27 -4.87 -5.66 10.18
N ASP A 28 -5.03 -6.60 11.12
CA ASP A 28 -5.06 -6.33 12.56
C ASP A 28 -3.75 -5.67 13.07
N VAL A 29 -2.58 -6.19 12.66
CA VAL A 29 -1.27 -5.59 12.97
C VAL A 29 -1.19 -4.17 12.40
N LEU A 30 -1.49 -3.96 11.11
CA LEU A 30 -1.47 -2.63 10.51
C LEU A 30 -2.50 -1.67 11.12
N ARG A 31 -3.66 -2.16 11.54
CA ARG A 31 -4.71 -1.40 12.24
C ARG A 31 -4.24 -0.90 13.61
N ARG A 32 -3.53 -1.73 14.38
CA ARG A 32 -2.93 -1.35 15.67
C ARG A 32 -1.76 -0.36 15.50
N LEU A 33 -0.86 -0.63 14.54
CA LEU A 33 0.22 0.29 14.16
C LEU A 33 -0.31 1.65 13.65
N ALA A 34 -1.44 1.65 12.93
CA ALA A 34 -2.16 2.86 12.56
C ALA A 34 -2.78 3.56 13.78
N ASP A 35 -3.56 2.86 14.61
CA ASP A 35 -4.21 3.37 15.82
C ASP A 35 -3.24 4.02 16.83
N GLU A 36 -1.97 3.61 16.84
CA GLU A 36 -0.89 4.29 17.58
C GLU A 36 -0.72 5.79 17.25
N GLU A 37 -1.13 6.27 16.05
CA GLU A 37 -0.97 7.67 15.61
C GLU A 37 -2.15 8.23 14.77
N VAL A 38 -2.65 7.46 13.81
CA VAL A 38 -3.68 7.83 12.80
C VAL A 38 -4.51 6.59 12.44
N GLU A 39 -5.59 6.34 13.20
CA GLU A 39 -6.38 5.09 13.16
C GLU A 39 -6.98 4.68 11.80
N SER A 40 -7.09 5.61 10.85
CA SER A 40 -7.53 5.37 9.46
C SER A 40 -6.52 4.49 8.68
N VAL A 41 -6.66 3.17 8.77
CA VAL A 41 -5.68 2.16 8.27
C VAL A 41 -5.27 2.39 6.82
N ASN A 42 -6.21 2.73 5.93
CA ASN A 42 -5.88 3.00 4.52
C ASN A 42 -5.03 4.28 4.32
N SER A 43 -5.21 5.30 5.18
CA SER A 43 -4.36 6.51 5.21
C SER A 43 -3.00 6.23 5.84
N PHE A 44 -2.93 5.33 6.84
CA PHE A 44 -1.66 4.80 7.34
C PHE A 44 -0.87 4.03 6.25
N VAL A 45 -1.55 3.23 5.41
CA VAL A 45 -0.92 2.61 4.22
C VAL A 45 -0.46 3.66 3.20
N LYS A 46 -1.27 4.69 2.92
CA LYS A 46 -0.86 5.85 2.09
C LYS A 46 0.41 6.52 2.63
N ARG A 47 0.49 6.78 3.95
CA ARG A 47 1.69 7.28 4.64
C ARG A 47 2.89 6.33 4.50
N HIS A 48 2.69 5.03 4.71
CA HIS A 48 3.71 3.99 4.52
C HIS A 48 4.36 4.06 3.14
N ILE A 49 3.54 4.22 2.09
CA ILE A 49 4.02 4.39 0.70
C ILE A 49 4.76 5.73 0.53
N LEU A 50 4.17 6.84 0.98
CA LEU A 50 4.77 8.18 0.99
C LEU A 50 6.06 8.31 1.82
N LYS A 51 6.38 7.31 2.65
CA LYS A 51 7.61 7.22 3.49
C LYS A 51 8.49 6.00 3.16
N THR A 52 8.21 5.25 2.10
CA THR A 52 9.00 4.05 1.69
C THR A 52 9.28 3.97 0.18
N ILE A 53 8.28 4.28 -0.68
CA ILE A 53 8.51 4.44 -2.14
C ILE A 53 8.95 5.89 -2.46
N ILE A 54 8.60 6.84 -1.59
CA ILE A 54 8.99 8.25 -1.61
C ILE A 54 9.61 8.61 -0.25
N TYR A 55 10.52 9.59 -0.23
CA TYR A 55 11.19 10.08 0.99
C TYR A 55 11.25 11.63 1.10
N LYS A 56 10.90 12.37 0.03
CA LYS A 56 10.93 13.84 -0.03
C LYS A 56 9.79 14.38 -0.92
N LYS A 57 8.69 14.80 -0.30
CA LYS A 57 7.56 15.50 -0.95
C LYS A 57 7.96 16.92 -1.40
N GLY A 58 7.12 17.54 -2.25
CA GLY A 58 7.34 18.89 -2.78
C GLY A 58 6.05 19.67 -3.10
N THR A 59 4.93 19.29 -2.46
CA THR A 59 3.58 19.81 -2.71
C THR A 59 2.76 19.93 -1.42
N ASN A 60 1.64 20.67 -1.46
CA ASN A 60 0.67 20.82 -0.37
C ASN A 60 -0.76 21.03 -0.90
N GLN A 61 -1.75 20.43 -0.24
CA GLN A 61 -3.17 20.46 -0.64
C GLN A 61 -4.10 20.25 0.59
N ASP A 62 -5.32 20.78 0.52
CA ASP A 62 -6.31 20.76 1.63
C ASP A 62 -7.68 20.19 1.19
N SER A 63 -7.78 19.64 -0.03
CA SER A 63 -8.99 19.10 -0.66
C SER A 63 -9.46 17.74 -0.10
N SER A 64 -8.85 17.24 0.98
CA SER A 64 -9.08 15.91 1.58
C SER A 64 -10.49 15.66 2.15
N ILE A 65 -11.35 16.68 2.15
CA ILE A 65 -12.78 16.61 2.47
C ILE A 65 -13.66 15.96 1.36
N ASN A 66 -13.03 15.54 0.26
CA ASN A 66 -13.64 14.86 -0.88
C ASN A 66 -14.40 13.56 -0.53
N LYS B 13 -14.96 -13.43 8.72
CA LYS B 13 -14.37 -13.20 7.37
C LYS B 13 -12.87 -13.53 7.36
N ARG B 14 -12.30 -13.92 6.20
CA ARG B 14 -10.85 -14.27 6.02
C ARG B 14 -10.08 -13.34 5.07
N ASN B 15 -10.71 -12.27 4.58
CA ASN B 15 -10.16 -11.26 3.67
C ASN B 15 -10.48 -9.85 4.19
N PHE B 16 -9.46 -9.00 4.24
CA PHE B 16 -9.50 -7.68 4.88
C PHE B 16 -8.98 -6.61 3.90
N SER B 17 -9.90 -5.78 3.41
CA SER B 17 -9.64 -4.90 2.26
C SER B 17 -8.88 -3.62 2.63
N VAL B 18 -8.24 -3.01 1.62
CA VAL B 18 -7.46 -1.76 1.71
C VAL B 18 -7.77 -0.92 0.48
N THR B 19 -8.14 0.36 0.66
CA THR B 19 -8.64 1.24 -0.42
C THR B 19 -8.32 2.72 -0.14
N PHE B 20 -7.56 3.37 -1.01
CA PHE B 20 -7.09 4.76 -0.84
C PHE B 20 -6.81 5.47 -2.18
N TYR B 21 -6.40 6.76 -2.10
CA TYR B 21 -6.17 7.65 -3.24
C TYR B 21 -4.76 8.29 -3.20
N LEU B 22 -4.25 8.59 -4.40
CA LEU B 22 -2.93 9.14 -4.71
C LEU B 22 -3.06 10.21 -5.83
N SER B 23 -1.94 10.73 -6.31
CA SER B 23 -1.85 11.69 -7.42
C SER B 23 -1.46 11.01 -8.74
N LYS B 24 -1.76 11.62 -9.89
CA LYS B 24 -1.51 11.05 -11.23
C LYS B 24 -0.05 10.65 -11.43
N GLU B 25 0.89 11.58 -11.22
CA GLU B 25 2.33 11.34 -11.44
C GLU B 25 2.88 10.22 -10.54
N GLU B 26 2.42 10.15 -9.28
CA GLU B 26 2.72 9.05 -8.36
C GLU B 26 2.19 7.70 -8.88
N HIS B 27 0.92 7.62 -9.26
CA HIS B 27 0.31 6.39 -9.80
C HIS B 27 0.96 5.95 -11.11
N ASP B 28 1.34 6.90 -11.98
CA ASP B 28 2.11 6.68 -13.21
C ASP B 28 3.49 6.07 -12.92
N VAL B 29 4.27 6.65 -11.99
CA VAL B 29 5.55 6.09 -11.52
C VAL B 29 5.38 4.69 -10.92
N LEU B 30 4.37 4.48 -10.07
CA LEU B 30 4.03 3.16 -9.56
C LEU B 30 3.72 2.17 -10.70
N ARG B 31 3.02 2.59 -11.76
CA ARG B 31 2.81 1.78 -12.97
C ARG B 31 4.10 1.45 -13.70
N ARG B 32 5.09 2.35 -13.81
CA ARG B 32 6.41 2.02 -14.40
C ARG B 32 7.16 0.96 -13.58
N LEU B 33 7.24 1.17 -12.27
CA LEU B 33 7.88 0.23 -11.35
C LEU B 33 7.16 -1.14 -11.29
N ALA B 34 5.83 -1.14 -11.46
CA ALA B 34 5.06 -2.36 -11.68
C ALA B 34 5.38 -3.01 -13.04
N ASP B 35 5.29 -2.26 -14.14
CA ASP B 35 5.53 -2.72 -15.52
C ASP B 35 6.93 -3.30 -15.77
N GLU B 36 7.92 -2.95 -14.93
CA GLU B 36 9.21 -3.67 -14.83
C GLU B 36 9.07 -5.21 -14.66
N GLU B 37 7.94 -5.70 -14.13
CA GLU B 37 7.65 -7.13 -13.90
C GLU B 37 6.22 -7.57 -14.30
N VAL B 38 5.20 -6.78 -13.92
CA VAL B 38 3.76 -7.00 -14.14
C VAL B 38 3.01 -5.70 -13.81
N GLU B 39 2.50 -5.01 -14.85
CA GLU B 39 1.99 -3.63 -14.78
C GLU B 39 0.82 -3.34 -13.83
N SER B 40 0.13 -4.38 -13.31
CA SER B 40 -1.00 -4.29 -12.38
C SER B 40 -0.67 -3.53 -11.08
N VAL B 41 -0.92 -2.22 -11.06
CA VAL B 41 -0.43 -1.29 -10.02
C VAL B 41 -0.87 -1.68 -8.61
N ASN B 42 -2.12 -2.10 -8.43
CA ASN B 42 -2.67 -2.44 -7.12
C ASN B 42 -2.06 -3.73 -6.52
N SER B 43 -1.90 -4.81 -7.30
CA SER B 43 -1.25 -6.04 -6.84
C SER B 43 0.27 -5.87 -6.69
N PHE B 44 0.90 -5.01 -7.50
CA PHE B 44 2.27 -4.54 -7.28
C PHE B 44 2.43 -3.83 -5.92
N VAL B 45 1.54 -2.88 -5.58
CA VAL B 45 1.55 -2.20 -4.26
C VAL B 45 1.30 -3.20 -3.13
N LYS B 46 0.34 -4.13 -3.26
CA LYS B 46 0.13 -5.22 -2.30
C LYS B 46 1.42 -6.04 -2.06
N ARG B 47 2.09 -6.46 -3.14
CA ARG B 47 3.35 -7.23 -3.11
C ARG B 47 4.50 -6.45 -2.47
N HIS B 48 4.64 -5.15 -2.76
CA HIS B 48 5.59 -4.25 -2.10
C HIS B 48 5.37 -4.20 -0.58
N ILE B 49 4.12 -3.99 -0.16
CA ILE B 49 3.75 -3.90 1.26
C ILE B 49 4.03 -5.22 1.98
N LEU B 50 3.59 -6.35 1.41
CA LEU B 50 3.86 -7.70 1.90
C LEU B 50 5.37 -7.94 2.09
N LYS B 51 6.17 -7.70 1.04
CA LYS B 51 7.64 -7.86 1.03
C LYS B 51 8.38 -6.93 2.00
N THR B 52 7.83 -5.73 2.26
CA THR B 52 8.38 -4.79 3.24
C THR B 52 8.16 -5.25 4.69
N ILE B 53 6.96 -5.77 5.01
CA ILE B 53 6.56 -6.09 6.38
C ILE B 53 7.04 -7.50 6.81
N ILE B 54 7.03 -8.50 5.91
CA ILE B 54 7.48 -9.89 6.16
C ILE B 54 8.22 -10.47 4.93
N TYR B 55 8.79 -11.67 5.11
CA TYR B 55 9.64 -12.36 4.13
C TYR B 55 9.15 -13.77 3.77
N LYS B 56 7.83 -14.00 3.92
CA LYS B 56 7.12 -15.28 3.67
C LYS B 56 7.00 -15.59 2.17
N LYS B 57 8.12 -15.89 1.52
CA LYS B 57 8.26 -16.35 0.11
C LYS B 57 7.77 -17.81 -0.07
N GLY B 58 6.54 -18.07 0.36
CA GLY B 58 5.94 -19.41 0.51
C GLY B 58 4.47 -19.33 0.94
N THR B 59 3.66 -18.60 0.17
CA THR B 59 2.24 -18.32 0.45
C THR B 59 1.37 -18.39 -0.82
N ASN B 60 0.05 -18.25 -0.67
CA ASN B 60 -0.95 -18.39 -1.75
C ASN B 60 -0.76 -17.37 -2.89
N GLN B 61 -1.16 -17.77 -4.10
CA GLN B 61 -1.12 -16.98 -5.35
C GLN B 61 -2.34 -17.27 -6.24
N ASP B 62 -2.55 -16.45 -7.27
CA ASP B 62 -3.65 -16.56 -8.25
C ASP B 62 -3.18 -16.23 -9.68
N SER B 63 -3.92 -16.73 -10.68
CA SER B 63 -3.53 -16.72 -12.11
C SER B 63 -4.66 -16.28 -13.06
N SER B 64 -5.74 -15.68 -12.53
CA SER B 64 -6.89 -15.19 -13.32
C SER B 64 -6.50 -14.08 -14.31
N ILE B 65 -7.19 -14.01 -15.45
CA ILE B 65 -6.97 -13.06 -16.55
C ILE B 65 -8.30 -12.60 -17.19
N ASN B 66 -8.25 -11.50 -17.95
CA ASN B 66 -9.36 -10.96 -18.74
C ASN B 66 -9.90 -11.94 -19.81
N LYS A 13 -9.15 15.35 -11.57
CA LYS A 13 -7.86 15.46 -12.33
C LYS A 13 -6.71 14.68 -11.65
N ARG A 14 -6.08 15.24 -10.60
CA ARG A 14 -4.82 14.69 -10.00
C ARG A 14 -4.99 13.41 -9.16
N ASN A 15 -6.19 13.19 -8.64
CA ASN A 15 -6.57 12.02 -7.84
C ASN A 15 -6.59 10.74 -8.69
N PHE A 16 -5.68 9.82 -8.38
CA PHE A 16 -5.53 8.50 -8.99
C PHE A 16 -5.68 7.42 -7.90
N SER A 17 -6.78 6.67 -7.94
CA SER A 17 -7.17 5.76 -6.87
C SER A 17 -6.34 4.47 -6.82
N VAL A 18 -6.30 3.84 -5.63
CA VAL A 18 -5.57 2.59 -5.36
C VAL A 18 -6.46 1.69 -4.47
N THR A 19 -6.58 0.42 -4.85
CA THR A 19 -7.51 -0.54 -4.24
C THR A 19 -7.02 -1.97 -4.42
N PHE A 20 -6.89 -2.74 -3.32
CA PHE A 20 -6.38 -4.13 -3.34
C PHE A 20 -6.81 -4.93 -2.11
N TYR A 21 -6.73 -6.26 -2.21
CA TYR A 21 -6.90 -7.17 -1.06
C TYR A 21 -5.59 -7.46 -0.33
N LEU A 22 -5.67 -7.52 1.00
CA LEU A 22 -4.70 -8.13 1.91
C LEU A 22 -5.36 -9.30 2.67
N SER A 23 -4.59 -9.92 3.55
CA SER A 23 -5.01 -10.95 4.50
C SER A 23 -4.74 -10.54 5.96
N LYS A 24 -5.19 -11.37 6.89
CA LYS A 24 -5.40 -11.05 8.32
C LYS A 24 -4.13 -10.53 8.99
N GLU A 25 -2.99 -11.22 8.86
CA GLU A 25 -1.74 -10.85 9.56
C GLU A 25 -1.24 -9.45 9.15
N GLU A 26 -1.02 -9.20 7.87
CA GLU A 26 -0.55 -7.90 7.39
C GLU A 26 -1.58 -6.78 7.66
N HIS A 27 -2.88 -7.05 7.51
CA HIS A 27 -3.92 -6.06 7.81
C HIS A 27 -3.95 -5.73 9.31
N ASP A 28 -3.83 -6.71 10.20
CA ASP A 28 -3.78 -6.48 11.64
C ASP A 28 -2.52 -5.71 12.08
N VAL A 29 -1.35 -5.98 11.49
CA VAL A 29 -0.14 -5.17 11.74
C VAL A 29 -0.35 -3.72 11.30
N LEU A 30 -0.88 -3.47 10.09
CA LEU A 30 -1.19 -2.11 9.64
C LEU A 30 -2.22 -1.43 10.56
N ARG A 31 -3.32 -2.12 10.91
CA ARG A 31 -4.36 -1.68 11.85
C ARG A 31 -3.78 -1.28 13.20
N ARG A 32 -2.91 -2.11 13.79
CA ARG A 32 -2.29 -1.89 15.11
C ARG A 32 -1.32 -0.70 15.11
N LEU A 33 -0.42 -0.65 14.13
CA LEU A 33 0.53 0.46 13.98
C LEU A 33 -0.18 1.79 13.63
N ALA A 34 -1.31 1.74 12.92
CA ALA A 34 -2.20 2.89 12.75
C ALA A 34 -2.84 3.30 14.10
N ASP A 35 -3.52 2.38 14.78
CA ASP A 35 -4.22 2.62 16.06
C ASP A 35 -3.32 3.19 17.18
N GLU A 36 -2.02 2.87 17.18
CA GLU A 36 -1.02 3.50 18.05
C GLU A 36 -0.88 5.05 17.91
N GLU A 37 -1.37 5.67 16.83
CA GLU A 37 -1.26 7.12 16.58
C GLU A 37 -2.50 7.76 15.91
N VAL A 38 -2.99 7.18 14.82
CA VAL A 38 -4.10 7.65 13.97
C VAL A 38 -4.81 6.43 13.37
N GLU A 39 -5.88 5.96 14.00
CA GLU A 39 -6.57 4.69 13.69
C GLU A 39 -7.20 4.57 12.29
N SER A 40 -7.24 5.65 11.50
CA SER A 40 -7.62 5.66 10.08
C SER A 40 -6.61 4.87 9.22
N VAL A 41 -6.79 3.55 9.13
CA VAL A 41 -5.84 2.61 8.50
C VAL A 41 -5.52 2.97 7.05
N ASN A 42 -6.49 3.40 6.26
CA ASN A 42 -6.27 3.86 4.87
C ASN A 42 -5.37 5.12 4.78
N SER A 43 -5.56 6.09 5.67
CA SER A 43 -4.73 7.31 5.76
C SER A 43 -3.29 6.97 6.20
N PHE A 44 -3.18 6.11 7.21
CA PHE A 44 -1.91 5.52 7.66
C PHE A 44 -1.18 4.76 6.54
N VAL A 45 -1.88 3.91 5.77
CA VAL A 45 -1.33 3.20 4.60
C VAL A 45 -0.85 4.17 3.53
N LYS A 46 -1.59 5.24 3.23
CA LYS A 46 -1.14 6.29 2.31
C LYS A 46 0.19 6.92 2.77
N ARG A 47 0.33 7.31 4.05
CA ARG A 47 1.62 7.81 4.59
C ARG A 47 2.74 6.76 4.61
N HIS A 48 2.44 5.50 4.94
CA HIS A 48 3.38 4.36 4.85
C HIS A 48 3.95 4.21 3.44
N ILE A 49 3.09 4.22 2.43
CA ILE A 49 3.46 4.09 1.01
C ILE A 49 4.27 5.30 0.53
N LEU A 50 3.84 6.53 0.86
CA LEU A 50 4.61 7.74 0.59
C LEU A 50 6.04 7.66 1.15
N LYS A 51 6.18 7.33 2.45
CA LYS A 51 7.47 7.21 3.14
C LYS A 51 8.37 6.12 2.54
N THR A 52 7.83 4.92 2.33
CA THR A 52 8.58 3.77 1.82
C THR A 52 8.99 3.91 0.34
N ILE A 53 8.21 4.61 -0.49
CA ILE A 53 8.62 4.99 -1.86
C ILE A 53 9.71 6.07 -1.83
N ILE A 54 9.56 7.10 -0.99
CA ILE A 54 10.48 8.26 -0.94
C ILE A 54 10.60 8.87 0.47
N TYR A 55 11.83 8.83 1.01
CA TYR A 55 12.17 9.30 2.36
C TYR A 55 12.54 10.80 2.43
N LYS A 56 12.49 11.52 1.30
CA LYS A 56 12.76 12.97 1.16
C LYS A 56 11.63 13.82 1.78
N LYS A 57 11.54 13.80 3.11
CA LYS A 57 10.58 14.57 3.93
C LYS A 57 10.64 16.09 3.70
N GLY A 58 9.56 16.78 4.09
CA GLY A 58 9.43 18.25 4.00
C GLY A 58 7.98 18.76 4.07
N THR A 59 7.02 17.91 3.67
CA THR A 59 5.56 18.19 3.68
C THR A 59 4.79 16.96 4.17
N ASN A 60 3.62 17.17 4.79
CA ASN A 60 2.78 16.13 5.39
C ASN A 60 1.27 16.45 5.23
N GLN A 61 0.42 15.43 5.28
CA GLN A 61 -1.04 15.56 5.31
C GLN A 61 -1.68 14.46 6.19
N ASP A 62 -2.70 14.85 6.96
CA ASP A 62 -3.51 13.99 7.83
C ASP A 62 -5.01 14.20 7.57
N SER A 63 -5.87 13.38 8.21
CA SER A 63 -7.32 13.42 8.10
C SER A 63 -7.92 12.77 9.35
N SER A 64 -8.49 13.61 10.22
CA SER A 64 -9.13 13.24 11.50
C SER A 64 -10.22 12.16 11.36
N ILE A 65 -10.41 11.38 12.43
CA ILE A 65 -11.30 10.20 12.44
C ILE A 65 -12.77 10.62 12.28
N ASN A 66 -13.53 9.87 11.47
CA ASN A 66 -14.96 10.08 11.19
C ASN A 66 -15.84 10.03 12.47
N LYS B 13 -10.24 -18.12 4.18
CA LYS B 13 -11.66 -17.85 4.52
C LYS B 13 -12.00 -16.36 4.40
N ARG B 14 -11.72 -15.52 5.43
CA ARG B 14 -11.88 -14.05 5.38
C ARG B 14 -10.84 -13.40 4.47
N ASN B 15 -11.10 -12.15 4.05
CA ASN B 15 -10.24 -11.30 3.23
C ASN B 15 -10.34 -9.84 3.72
N PHE B 16 -9.27 -9.07 3.49
CA PHE B 16 -9.05 -7.77 4.13
C PHE B 16 -8.64 -6.69 3.10
N SER B 17 -9.61 -6.18 2.34
CA SER B 17 -9.40 -5.12 1.34
C SER B 17 -9.00 -3.77 1.97
N VAL B 18 -8.22 -2.98 1.20
CA VAL B 18 -7.67 -1.66 1.54
C VAL B 18 -7.81 -0.74 0.32
N THR B 19 -8.29 0.49 0.53
CA THR B 19 -8.58 1.48 -0.53
C THR B 19 -8.23 2.92 -0.12
N PHE B 20 -7.68 3.72 -1.05
CA PHE B 20 -7.25 5.11 -0.87
C PHE B 20 -6.92 5.79 -2.23
N TYR B 21 -6.27 6.96 -2.20
CA TYR B 21 -5.85 7.72 -3.39
C TYR B 21 -4.35 8.11 -3.33
N LEU B 22 -3.75 8.28 -4.51
CA LEU B 22 -2.43 8.87 -4.73
C LEU B 22 -2.53 9.96 -5.82
N SER B 23 -1.40 10.59 -6.14
CA SER B 23 -1.30 11.62 -7.19
C SER B 23 -0.98 11.00 -8.56
N LYS B 24 -1.45 11.64 -9.64
CA LYS B 24 -1.25 11.20 -11.04
C LYS B 24 0.17 10.76 -11.40
N GLU B 25 1.17 11.59 -11.14
CA GLU B 25 2.56 11.30 -11.54
C GLU B 25 3.19 10.18 -10.68
N GLU B 26 2.86 10.14 -9.39
CA GLU B 26 3.21 9.02 -8.50
C GLU B 26 2.58 7.70 -8.97
N HIS B 27 1.28 7.71 -9.30
CA HIS B 27 0.58 6.55 -9.84
C HIS B 27 1.17 6.09 -11.19
N ASP B 28 1.59 7.00 -12.07
CA ASP B 28 2.30 6.68 -13.31
C ASP B 28 3.69 6.04 -13.07
N VAL B 29 4.45 6.52 -12.07
CA VAL B 29 5.68 5.83 -11.62
C VAL B 29 5.35 4.42 -11.12
N LEU B 30 4.31 4.25 -10.29
CA LEU B 30 3.88 2.92 -9.83
C LEU B 30 3.34 2.03 -10.96
N ARG B 31 2.71 2.58 -12.02
CA ARG B 31 2.37 1.85 -13.26
C ARG B 31 3.63 1.29 -13.93
N ARG B 32 4.67 2.12 -14.14
CA ARG B 32 5.96 1.66 -14.70
C ARG B 32 6.64 0.59 -13.84
N LEU B 33 6.75 0.84 -12.53
CA LEU B 33 7.36 -0.09 -11.58
C LEU B 33 6.57 -1.42 -11.48
N ALA B 34 5.24 -1.38 -11.55
CA ALA B 34 4.42 -2.59 -11.66
C ALA B 34 4.62 -3.29 -13.01
N ASP B 35 4.62 -2.58 -14.14
CA ASP B 35 4.87 -3.15 -15.47
C ASP B 35 6.24 -3.87 -15.57
N GLU B 36 7.23 -3.44 -14.80
CA GLU B 36 8.54 -4.12 -14.69
C GLU B 36 8.47 -5.56 -14.12
N GLU B 37 7.50 -5.90 -13.26
CA GLU B 37 7.53 -7.17 -12.48
C GLU B 37 6.18 -7.77 -12.03
N VAL B 38 5.04 -7.17 -12.37
CA VAL B 38 3.67 -7.61 -11.99
C VAL B 38 2.62 -7.36 -13.09
N GLU B 39 2.73 -6.24 -13.83
CA GLU B 39 1.77 -5.74 -14.84
C GLU B 39 0.41 -5.24 -14.29
N SER B 40 0.25 -5.20 -12.96
CA SER B 40 -0.99 -4.79 -12.25
C SER B 40 -0.68 -4.03 -10.95
N VAL B 41 -1.04 -2.75 -10.87
CA VAL B 41 -0.66 -1.86 -9.74
C VAL B 41 -1.25 -2.30 -8.41
N ASN B 42 -2.48 -2.81 -8.37
CA ASN B 42 -3.10 -3.35 -7.15
C ASN B 42 -2.26 -4.47 -6.51
N SER B 43 -1.86 -5.48 -7.29
CA SER B 43 -1.02 -6.58 -6.83
C SER B 43 0.43 -6.14 -6.57
N PHE B 44 0.93 -5.13 -7.30
CA PHE B 44 2.23 -4.50 -7.01
C PHE B 44 2.26 -3.79 -5.65
N VAL B 45 1.23 -3.00 -5.32
CA VAL B 45 1.14 -2.34 -4.00
C VAL B 45 0.95 -3.37 -2.88
N LYS B 46 0.16 -4.44 -3.11
CA LYS B 46 0.14 -5.62 -2.22
C LYS B 46 1.55 -6.18 -1.98
N ARG B 47 2.31 -6.48 -3.05
CA ARG B 47 3.72 -6.95 -2.95
C ARG B 47 4.60 -5.98 -2.15
N HIS B 48 4.54 -4.68 -2.47
CA HIS B 48 5.28 -3.60 -1.78
C HIS B 48 5.03 -3.58 -0.27
N ILE B 49 3.77 -3.76 0.14
CA ILE B 49 3.38 -3.85 1.56
C ILE B 49 3.88 -5.16 2.18
N LEU B 50 3.61 -6.31 1.56
CA LEU B 50 3.98 -7.63 2.09
C LEU B 50 5.49 -7.80 2.28
N LYS B 51 6.34 -7.24 1.40
CA LYS B 51 7.80 -7.26 1.52
C LYS B 51 8.38 -6.43 2.68
N THR B 52 7.55 -5.64 3.38
CA THR B 52 7.98 -4.73 4.47
C THR B 52 7.22 -5.00 5.79
N ILE B 53 5.91 -5.29 5.71
CA ILE B 53 5.06 -5.59 6.87
C ILE B 53 5.24 -7.03 7.39
N ILE B 54 5.72 -7.95 6.54
CA ILE B 54 5.98 -9.37 6.88
C ILE B 54 7.41 -9.73 6.42
N TYR B 55 8.09 -10.60 7.18
CA TYR B 55 9.42 -11.14 6.86
C TYR B 55 9.56 -12.57 7.38
N LYS B 56 9.04 -13.54 6.60
CA LYS B 56 8.82 -14.95 7.01
C LYS B 56 9.39 -15.95 5.99
N LYS B 57 10.51 -15.57 5.35
CA LYS B 57 11.23 -16.37 4.32
C LYS B 57 11.67 -17.76 4.82
N GLY B 58 11.94 -18.67 3.88
CA GLY B 58 12.53 -20.00 4.14
C GLY B 58 12.04 -21.13 3.21
N THR B 59 10.90 -20.94 2.55
CA THR B 59 10.32 -21.92 1.60
C THR B 59 11.17 -22.15 0.34
N ASN B 60 11.04 -23.34 -0.26
CA ASN B 60 11.67 -23.70 -1.53
C ASN B 60 10.96 -23.07 -2.75
N GLN B 61 11.60 -23.11 -3.92
CA GLN B 61 11.07 -22.63 -5.21
C GLN B 61 11.58 -23.52 -6.37
N ASP B 62 10.72 -23.72 -7.38
CA ASP B 62 11.01 -24.48 -8.60
C ASP B 62 10.15 -23.96 -9.78
N SER B 63 10.61 -24.16 -11.01
CA SER B 63 10.02 -23.62 -12.26
C SER B 63 8.59 -24.09 -12.60
N SER B 64 7.99 -24.93 -11.77
CA SER B 64 6.63 -25.49 -11.91
C SER B 64 5.74 -25.25 -10.68
N ILE B 65 6.20 -24.45 -9.70
CA ILE B 65 5.35 -23.94 -8.60
C ILE B 65 4.42 -22.84 -9.15
N ASN B 66 3.11 -23.08 -9.08
CA ASN B 66 2.04 -22.20 -9.58
C ASN B 66 0.79 -22.25 -8.69
N LYS A 13 -7.26 19.51 -11.77
CA LYS A 13 -6.90 18.47 -10.75
C LYS A 13 -7.31 17.07 -11.23
N ARG A 14 -6.50 16.04 -10.92
CA ARG A 14 -6.78 14.61 -11.17
C ARG A 14 -6.60 13.77 -9.90
N ASN A 15 -7.22 12.59 -9.87
CA ASN A 15 -7.17 11.63 -8.76
C ASN A 15 -7.07 10.19 -9.32
N PHE A 16 -6.18 9.39 -8.73
CA PHE A 16 -5.80 8.04 -9.19
C PHE A 16 -5.87 7.05 -8.03
N SER A 17 -6.80 6.10 -8.09
CA SER A 17 -7.15 5.23 -6.96
C SER A 17 -6.30 3.96 -6.88
N VAL A 18 -6.24 3.35 -5.70
CA VAL A 18 -5.57 2.07 -5.42
C VAL A 18 -6.47 1.22 -4.51
N THR A 19 -6.79 0.00 -4.95
CA THR A 19 -7.74 -0.91 -4.27
C THR A 19 -7.28 -2.37 -4.36
N PHE A 20 -7.24 -3.08 -3.23
CA PHE A 20 -6.83 -4.50 -3.15
C PHE A 20 -7.38 -5.17 -1.86
N TYR A 21 -6.99 -6.43 -1.63
CA TYR A 21 -7.40 -7.25 -0.49
C TYR A 21 -6.20 -7.81 0.29
N LEU A 22 -6.44 -8.10 1.56
CA LEU A 22 -5.55 -8.75 2.52
C LEU A 22 -6.30 -9.86 3.29
N SER A 23 -5.56 -10.67 4.03
CA SER A 23 -6.11 -11.63 4.99
C SER A 23 -6.52 -10.94 6.30
N LYS A 24 -7.40 -11.56 7.09
CA LYS A 24 -7.96 -11.00 8.34
C LYS A 24 -6.88 -10.66 9.38
N GLU A 25 -5.99 -11.62 9.68
CA GLU A 25 -4.92 -11.43 10.67
C GLU A 25 -3.87 -10.42 10.19
N GLU A 26 -3.52 -10.47 8.90
CA GLU A 26 -2.64 -9.50 8.22
C GLU A 26 -3.18 -8.07 8.32
N HIS A 27 -4.45 -7.88 7.96
CA HIS A 27 -5.12 -6.58 8.05
C HIS A 27 -5.22 -6.09 9.50
N ASP A 28 -5.53 -6.97 10.46
CA ASP A 28 -5.54 -6.60 11.88
C ASP A 28 -4.15 -6.21 12.43
N VAL A 29 -3.07 -6.87 11.99
CA VAL A 29 -1.69 -6.46 12.31
C VAL A 29 -1.40 -5.06 11.75
N LEU A 30 -1.74 -4.78 10.49
CA LEU A 30 -1.61 -3.42 9.94
C LEU A 30 -2.51 -2.40 10.68
N ARG A 31 -3.72 -2.80 11.08
CA ARG A 31 -4.66 -1.97 11.85
C ARG A 31 -4.08 -1.58 13.21
N ARG A 32 -3.53 -2.53 13.98
CA ARG A 32 -2.83 -2.25 15.26
C ARG A 32 -1.62 -1.33 15.05
N LEU A 33 -0.80 -1.64 14.05
CA LEU A 33 0.39 -0.85 13.71
C LEU A 33 0.06 0.60 13.28
N ALA A 34 -1.08 0.80 12.61
CA ALA A 34 -1.64 2.12 12.29
C ALA A 34 -2.28 2.81 13.52
N ASP A 35 -3.06 2.08 14.33
CA ASP A 35 -3.71 2.58 15.55
C ASP A 35 -2.69 3.18 16.54
N GLU A 36 -1.49 2.59 16.64
CA GLU A 36 -0.39 3.10 17.45
C GLU A 36 0.14 4.51 17.08
N GLU A 37 -0.06 5.03 15.85
CA GLU A 37 0.61 6.25 15.38
C GLU A 37 -0.08 7.10 14.29
N VAL A 38 -1.11 6.58 13.60
CA VAL A 38 -1.78 7.23 12.44
C VAL A 38 -3.32 7.20 12.53
N GLU A 39 -3.91 6.27 13.30
CA GLU A 39 -5.37 6.18 13.60
C GLU A 39 -6.24 5.73 12.39
N SER A 40 -5.64 5.40 11.25
CA SER A 40 -6.32 4.99 10.01
C SER A 40 -5.44 4.05 9.17
N VAL A 41 -5.95 2.86 8.82
CA VAL A 41 -5.20 1.81 8.11
C VAL A 41 -4.86 2.23 6.68
N ASN A 42 -5.84 2.79 5.95
CA ASN A 42 -5.62 3.25 4.57
C ASN A 42 -4.70 4.49 4.51
N SER A 43 -4.79 5.40 5.49
CA SER A 43 -3.83 6.51 5.62
C SER A 43 -2.41 6.00 5.93
N PHE A 44 -2.28 5.06 6.86
CA PHE A 44 -1.01 4.41 7.20
C PHE A 44 -0.36 3.73 5.99
N VAL A 45 -1.14 2.98 5.19
CA VAL A 45 -0.66 2.37 3.93
C VAL A 45 -0.22 3.44 2.92
N LYS A 46 -1.02 4.49 2.66
CA LYS A 46 -0.65 5.60 1.77
C LYS A 46 0.66 6.27 2.21
N ARG A 47 0.79 6.59 3.51
CA ARG A 47 2.00 7.15 4.12
C ARG A 47 3.21 6.24 3.96
N HIS A 48 3.07 4.93 4.18
CA HIS A 48 4.13 3.93 3.93
C HIS A 48 4.63 3.95 2.48
N ILE A 49 3.71 3.97 1.52
CA ILE A 49 4.05 3.97 0.09
C ILE A 49 4.80 5.24 -0.29
N LEU A 50 4.30 6.42 0.11
CA LEU A 50 5.01 7.69 -0.11
C LEU A 50 6.40 7.67 0.56
N LYS A 51 6.49 7.38 1.85
CA LYS A 51 7.74 7.29 2.63
C LYS A 51 8.80 6.40 1.96
N THR A 52 8.40 5.26 1.41
CA THR A 52 9.33 4.26 0.86
C THR A 52 9.69 4.53 -0.61
N ILE A 53 8.77 5.07 -1.42
CA ILE A 53 8.98 5.32 -2.85
C ILE A 53 9.60 6.70 -3.09
N ILE A 54 8.95 7.78 -2.64
CA ILE A 54 9.41 9.18 -2.75
C ILE A 54 8.63 10.12 -1.81
N TYR A 55 9.37 10.85 -0.96
CA TYR A 55 8.81 11.82 -0.02
C TYR A 55 9.80 12.97 0.22
N LYS A 56 9.50 14.14 -0.36
CA LYS A 56 10.32 15.37 -0.36
C LYS A 56 9.37 16.57 -0.44
N LYS A 57 9.49 17.45 0.56
CA LYS A 57 8.68 18.68 0.73
C LYS A 57 9.57 19.92 0.95
N GLY A 58 9.10 21.07 0.45
CA GLY A 58 9.78 22.37 0.57
C GLY A 58 9.07 23.54 -0.14
N THR A 59 7.76 23.42 -0.39
CA THR A 59 6.93 24.37 -1.17
C THR A 59 6.78 25.73 -0.46
N ASN A 60 6.66 26.81 -1.25
CA ASN A 60 6.64 28.20 -0.76
C ASN A 60 5.39 29.01 -1.22
N GLN A 61 4.40 28.35 -1.85
CA GLN A 61 3.15 28.97 -2.30
C GLN A 61 2.30 29.49 -1.13
N ASP A 62 1.60 30.62 -1.34
CA ASP A 62 0.75 31.30 -0.33
C ASP A 62 -0.54 30.56 0.06
N SER A 63 -0.85 29.44 -0.62
CA SER A 63 -2.01 28.58 -0.40
C SER A 63 -1.66 27.15 -0.83
N SER A 64 -1.34 26.31 0.16
CA SER A 64 -0.84 24.93 -0.02
C SER A 64 -1.34 23.98 1.10
N ILE A 65 -0.89 22.73 1.08
CA ILE A 65 -1.29 21.65 1.99
C ILE A 65 -0.08 20.77 2.38
N ASN A 66 -0.20 20.02 3.49
CA ASN A 66 0.87 19.23 4.12
C ASN A 66 0.37 17.84 4.56
N LYS B 13 -12.29 -19.42 4.61
CA LYS B 13 -11.61 -18.29 3.90
C LYS B 13 -12.07 -16.93 4.45
N ARG B 14 -11.23 -15.88 4.37
CA ARG B 14 -11.53 -14.49 4.76
C ARG B 14 -10.93 -13.49 3.75
N ASN B 15 -11.46 -12.27 3.73
CA ASN B 15 -11.03 -11.17 2.86
C ASN B 15 -11.28 -9.80 3.55
N PHE B 16 -10.24 -8.99 3.64
CA PHE B 16 -10.20 -7.70 4.33
C PHE B 16 -9.60 -6.63 3.40
N SER B 17 -10.43 -5.71 2.91
CA SER B 17 -10.05 -4.81 1.82
C SER B 17 -9.22 -3.60 2.26
N VAL B 18 -8.50 -3.00 1.31
CA VAL B 18 -7.71 -1.77 1.46
C VAL B 18 -7.98 -0.87 0.24
N THR B 19 -8.28 0.40 0.48
CA THR B 19 -8.74 1.35 -0.57
C THR B 19 -8.35 2.80 -0.22
N PHE B 20 -7.70 3.50 -1.17
CA PHE B 20 -7.25 4.90 -1.03
C PHE B 20 -7.02 5.58 -2.41
N TYR B 21 -6.62 6.86 -2.37
CA TYR B 21 -6.39 7.71 -3.54
C TYR B 21 -5.01 8.38 -3.51
N LEU B 22 -4.42 8.58 -4.69
CA LEU B 22 -3.12 9.18 -4.95
C LEU B 22 -3.22 10.23 -6.06
N SER B 23 -2.11 10.94 -6.27
CA SER B 23 -1.92 11.91 -7.36
C SER B 23 -1.56 11.20 -8.67
N LYS B 24 -1.79 11.85 -9.82
CA LYS B 24 -1.48 11.31 -11.15
C LYS B 24 -0.01 10.92 -11.32
N GLU B 25 0.91 11.82 -10.95
CA GLU B 25 2.36 11.56 -11.04
C GLU B 25 2.84 10.46 -10.07
N GLU B 26 2.27 10.40 -8.86
CA GLU B 26 2.55 9.33 -7.89
C GLU B 26 2.11 7.97 -8.45
N HIS B 27 0.87 7.88 -8.94
CA HIS B 27 0.34 6.65 -9.53
C HIS B 27 1.10 6.24 -10.80
N ASP B 28 1.53 7.19 -11.64
CA ASP B 28 2.38 6.93 -12.80
C ASP B 28 3.76 6.36 -12.43
N VAL B 29 4.41 6.89 -11.38
CA VAL B 29 5.65 6.30 -10.82
C VAL B 29 5.41 4.88 -10.34
N LEU B 30 4.36 4.63 -9.54
CA LEU B 30 3.99 3.28 -9.11
C LEU B 30 3.71 2.35 -10.30
N ARG B 31 2.97 2.82 -11.32
CA ARG B 31 2.64 2.07 -12.53
C ARG B 31 3.88 1.63 -13.31
N ARG B 32 4.87 2.51 -13.48
CA ARG B 32 6.16 2.16 -14.11
C ARG B 32 6.95 1.13 -13.30
N LEU B 33 7.13 1.40 -11.99
CA LEU B 33 7.87 0.51 -11.08
C LEU B 33 7.20 -0.88 -10.97
N ALA B 34 5.87 -0.93 -11.01
CA ALA B 34 5.08 -2.15 -11.12
C ALA B 34 5.29 -2.84 -12.48
N ASP B 35 4.97 -2.17 -13.60
CA ASP B 35 5.02 -2.71 -14.96
C ASP B 35 6.42 -3.24 -15.39
N GLU B 36 7.50 -2.81 -14.74
CA GLU B 36 8.82 -3.45 -14.80
C GLU B 36 8.79 -4.99 -14.60
N GLU B 37 7.82 -5.53 -13.85
CA GLU B 37 7.71 -6.96 -13.50
C GLU B 37 6.29 -7.51 -13.23
N VAL B 38 5.32 -6.65 -12.88
CA VAL B 38 3.94 -6.96 -12.45
C VAL B 38 3.02 -5.83 -12.93
N GLU B 39 2.39 -6.00 -14.10
CA GLU B 39 1.46 -5.02 -14.71
C GLU B 39 0.34 -4.55 -13.75
N SER B 40 -0.16 -5.44 -12.88
CA SER B 40 -1.19 -5.16 -11.86
C SER B 40 -0.67 -4.27 -10.72
N VAL B 41 -0.77 -2.94 -10.88
CA VAL B 41 -0.26 -1.92 -9.93
C VAL B 41 -0.73 -2.16 -8.49
N ASN B 42 -1.99 -2.54 -8.28
CA ASN B 42 -2.52 -2.86 -6.96
C ASN B 42 -1.92 -4.12 -6.31
N SER B 43 -1.63 -5.16 -7.10
CA SER B 43 -0.91 -6.38 -6.65
C SER B 43 0.56 -6.07 -6.33
N PHE B 44 1.20 -5.23 -7.15
CA PHE B 44 2.52 -4.66 -6.83
C PHE B 44 2.51 -3.88 -5.50
N VAL B 45 1.50 -3.04 -5.24
CA VAL B 45 1.35 -2.35 -3.94
C VAL B 45 1.16 -3.34 -2.78
N LYS B 46 0.31 -4.36 -2.92
CA LYS B 46 0.16 -5.45 -1.92
C LYS B 46 1.51 -6.11 -1.58
N ARG B 47 2.31 -6.45 -2.61
CA ARG B 47 3.68 -6.98 -2.47
C ARG B 47 4.64 -5.99 -1.79
N HIS B 48 4.62 -4.72 -2.19
CA HIS B 48 5.39 -3.62 -1.58
C HIS B 48 5.14 -3.44 -0.09
N ILE B 49 3.89 -3.65 0.35
CA ILE B 49 3.51 -3.62 1.77
C ILE B 49 3.99 -4.89 2.50
N LEU B 50 3.76 -6.08 1.93
CA LEU B 50 4.21 -7.36 2.48
C LEU B 50 5.75 -7.43 2.63
N LYS B 51 6.50 -6.74 1.77
CA LYS B 51 7.96 -6.51 1.86
C LYS B 51 8.35 -5.64 3.07
N THR B 52 8.37 -6.27 4.25
CA THR B 52 9.10 -5.81 5.45
C THR B 52 8.54 -4.53 6.10
N ILE B 53 7.24 -4.26 5.97
CA ILE B 53 6.53 -3.29 6.84
C ILE B 53 6.43 -3.77 8.29
N ILE B 54 6.63 -5.07 8.52
CA ILE B 54 6.68 -5.76 9.82
C ILE B 54 8.05 -6.44 10.00
N TYR B 55 8.37 -6.80 11.25
CA TYR B 55 9.64 -7.38 11.68
C TYR B 55 9.40 -8.45 12.77
N LYS B 56 9.93 -9.67 12.53
CA LYS B 56 9.90 -10.82 13.45
C LYS B 56 11.06 -11.77 13.14
N LYS B 57 12.06 -11.82 14.01
CA LYS B 57 13.22 -12.74 13.91
C LYS B 57 12.81 -14.23 13.91
N GLY B 58 13.61 -15.07 13.28
CA GLY B 58 13.37 -16.51 13.12
C GLY B 58 14.07 -17.12 11.90
N THR B 59 13.69 -18.35 11.54
CA THR B 59 14.11 -19.04 10.30
C THR B 59 13.00 -19.95 9.75
N ASN B 60 13.09 -20.29 8.47
CA ASN B 60 12.10 -21.06 7.71
C ASN B 60 12.74 -21.74 6.48
N GLN B 61 12.01 -22.66 5.84
CA GLN B 61 12.37 -23.33 4.58
C GLN B 61 11.13 -23.47 3.66
N ASP B 62 11.35 -23.39 2.35
CA ASP B 62 10.28 -23.42 1.32
C ASP B 62 10.80 -23.97 -0.03
N SER B 63 9.87 -24.41 -0.89
CA SER B 63 10.13 -24.92 -2.24
C SER B 63 9.03 -24.61 -3.27
N SER B 64 7.99 -23.86 -2.87
CA SER B 64 6.91 -23.38 -3.76
C SER B 64 7.40 -22.31 -4.76
N ILE B 65 6.63 -22.12 -5.85
CA ILE B 65 6.98 -21.21 -6.98
C ILE B 65 5.77 -20.39 -7.49
N ASN B 66 4.67 -20.37 -6.73
CA ASN B 66 3.45 -19.57 -6.98
C ASN B 66 3.72 -18.05 -7.03
N LYS A 13 -7.74 17.76 -10.57
CA LYS A 13 -7.97 16.30 -10.29
C LYS A 13 -6.86 15.69 -9.42
N ARG A 14 -5.69 15.33 -10.01
CA ARG A 14 -4.48 14.77 -9.34
C ARG A 14 -4.73 13.71 -8.25
N ASN A 15 -5.68 12.80 -8.51
CA ASN A 15 -6.09 11.71 -7.62
C ASN A 15 -6.26 10.42 -8.42
N PHE A 16 -5.41 9.43 -8.11
CA PHE A 16 -5.26 8.16 -8.80
C PHE A 16 -5.39 7.01 -7.78
N SER A 17 -6.48 6.25 -7.87
CA SER A 17 -6.89 5.33 -6.82
C SER A 17 -6.14 3.98 -6.85
N VAL A 18 -6.11 3.30 -5.69
CA VAL A 18 -5.46 2.00 -5.48
C VAL A 18 -6.33 1.16 -4.55
N THR A 19 -6.60 -0.10 -4.93
CA THR A 19 -7.48 -1.03 -4.19
C THR A 19 -6.96 -2.47 -4.26
N PHE A 20 -6.97 -3.21 -3.14
CA PHE A 20 -6.49 -4.60 -3.02
C PHE A 20 -6.97 -5.29 -1.72
N TYR A 21 -6.43 -6.48 -1.42
CA TYR A 21 -6.74 -7.29 -0.24
C TYR A 21 -5.46 -7.69 0.55
N LEU A 22 -5.62 -7.88 1.86
CA LEU A 22 -4.63 -8.38 2.81
C LEU A 22 -5.21 -9.52 3.66
N SER A 23 -4.35 -10.17 4.43
CA SER A 23 -4.71 -11.26 5.36
C SER A 23 -5.22 -10.72 6.71
N LYS A 24 -5.91 -11.57 7.48
CA LYS A 24 -6.62 -11.21 8.73
C LYS A 24 -5.69 -10.54 9.77
N GLU A 25 -4.64 -11.26 10.17
CA GLU A 25 -3.70 -10.81 11.21
C GLU A 25 -2.81 -9.67 10.71
N GLU A 26 -2.41 -9.71 9.43
CA GLU A 26 -1.69 -8.63 8.75
C GLU A 26 -2.45 -7.29 8.81
N HIS A 27 -3.71 -7.29 8.39
CA HIS A 27 -4.56 -6.10 8.44
C HIS A 27 -4.82 -5.64 9.89
N ASP A 28 -5.11 -6.57 10.81
CA ASP A 28 -5.31 -6.24 12.23
C ASP A 28 -4.05 -5.63 12.89
N VAL A 29 -2.85 -6.13 12.59
CA VAL A 29 -1.58 -5.53 13.04
C VAL A 29 -1.40 -4.13 12.47
N LEU A 30 -1.61 -3.92 11.16
CA LEU A 30 -1.55 -2.57 10.57
C LEU A 30 -2.60 -1.63 11.17
N ARG A 31 -3.81 -2.11 11.45
CA ARG A 31 -4.89 -1.39 12.17
C ARG A 31 -4.47 -1.01 13.60
N ARG A 32 -3.80 -1.89 14.34
CA ARG A 32 -3.27 -1.59 15.70
C ARG A 32 -2.16 -0.52 15.65
N LEU A 33 -1.18 -0.70 14.76
CA LEU A 33 -0.07 0.23 14.56
C LEU A 33 -0.56 1.61 14.04
N ALA A 34 -1.63 1.64 13.25
CA ALA A 34 -2.34 2.87 12.90
C ALA A 34 -3.01 3.49 14.13
N ASP A 35 -3.93 2.79 14.80
CA ASP A 35 -4.71 3.26 15.96
C ASP A 35 -3.85 3.80 17.13
N GLU A 36 -2.62 3.31 17.28
CA GLU A 36 -1.62 3.85 18.21
C GLU A 36 -1.33 5.37 18.04
N GLU A 37 -1.52 5.94 16.84
CA GLU A 37 -1.20 7.34 16.52
C GLU A 37 -2.21 8.06 15.60
N VAL A 38 -2.79 7.34 14.64
CA VAL A 38 -3.67 7.81 13.56
C VAL A 38 -4.69 6.71 13.22
N GLU A 39 -5.87 6.75 13.86
CA GLU A 39 -6.98 5.79 13.75
C GLU A 39 -7.74 5.76 12.39
N SER A 40 -6.96 5.66 11.32
CA SER A 40 -7.37 5.61 9.91
C SER A 40 -6.42 4.69 9.13
N VAL A 41 -6.80 3.42 8.96
CA VAL A 41 -5.96 2.38 8.36
C VAL A 41 -5.54 2.74 6.92
N ASN A 42 -6.46 3.29 6.12
CA ASN A 42 -6.16 3.74 4.76
C ASN A 42 -5.14 4.90 4.72
N SER A 43 -5.23 5.86 5.64
CA SER A 43 -4.24 6.94 5.78
C SER A 43 -2.88 6.38 6.21
N PHE A 44 -2.85 5.49 7.21
CA PHE A 44 -1.63 4.82 7.68
C PHE A 44 -0.92 4.02 6.58
N VAL A 45 -1.66 3.23 5.79
CA VAL A 45 -1.10 2.46 4.65
C VAL A 45 -0.58 3.40 3.55
N LYS A 46 -1.36 4.41 3.14
CA LYS A 46 -0.92 5.46 2.19
C LYS A 46 0.39 6.14 2.65
N ARG A 47 0.46 6.50 3.93
CA ARG A 47 1.62 7.11 4.61
C ARG A 47 2.85 6.20 4.60
N HIS A 48 2.68 4.91 4.93
CA HIS A 48 3.73 3.87 4.84
C HIS A 48 4.34 3.80 3.43
N ILE A 49 3.49 3.72 2.41
CA ILE A 49 3.89 3.63 1.01
C ILE A 49 4.66 4.89 0.59
N LEU A 50 4.09 6.07 0.86
CA LEU A 50 4.66 7.38 0.54
C LEU A 50 6.05 7.56 1.18
N LYS A 51 6.16 7.37 2.51
CA LYS A 51 7.44 7.53 3.25
C LYS A 51 8.52 6.53 2.81
N THR A 52 8.14 5.34 2.35
CA THR A 52 9.08 4.36 1.78
C THR A 52 9.59 4.81 0.41
N ILE A 53 8.72 5.33 -0.47
CA ILE A 53 9.07 5.78 -1.82
C ILE A 53 9.91 7.08 -1.80
N ILE A 54 9.57 8.04 -0.92
CA ILE A 54 10.20 9.38 -0.86
C ILE A 54 10.09 9.97 0.56
N TYR A 55 11.10 10.76 0.96
CA TYR A 55 11.25 11.28 2.34
C TYR A 55 11.46 12.81 2.39
N LYS A 56 10.99 13.52 1.35
CA LYS A 56 11.04 14.98 1.19
C LYS A 56 9.98 15.68 2.06
N LYS A 57 10.23 15.72 3.37
CA LYS A 57 9.42 16.41 4.40
C LYS A 57 9.20 17.90 4.10
N GLY A 58 8.17 18.49 4.71
CA GLY A 58 7.76 19.88 4.51
C GLY A 58 6.93 20.43 5.68
N THR A 59 5.80 21.06 5.38
CA THR A 59 4.84 21.58 6.39
C THR A 59 4.24 20.48 7.28
N ASN A 60 4.14 19.25 6.76
CA ASN A 60 3.65 18.04 7.45
C ASN A 60 2.26 18.22 8.12
N GLN A 61 1.39 19.03 7.51
CA GLN A 61 0.16 19.56 8.12
C GLN A 61 -1.08 18.64 7.97
N ASP A 62 -0.96 17.53 7.21
CA ASP A 62 -2.04 16.58 6.88
C ASP A 62 -3.31 17.23 6.26
N SER A 63 -3.13 18.34 5.53
CA SER A 63 -4.18 19.11 4.81
C SER A 63 -4.75 18.41 3.55
N SER A 64 -5.00 17.10 3.64
CA SER A 64 -5.31 16.20 2.51
C SER A 64 -6.44 15.21 2.82
N ILE A 65 -6.95 14.53 1.79
CA ILE A 65 -8.02 13.51 1.90
C ILE A 65 -7.66 12.37 2.88
N ASN A 66 -8.67 11.89 3.62
CA ASN A 66 -8.55 10.91 4.71
C ASN A 66 -9.78 9.98 4.79
N LYS B 13 -12.42 -19.55 4.47
CA LYS B 13 -11.38 -18.47 4.47
C LYS B 13 -12.01 -17.07 4.36
N ARG B 14 -11.30 -16.02 4.80
CA ARG B 14 -11.70 -14.59 4.73
C ARG B 14 -10.54 -13.72 4.25
N ASN B 15 -10.84 -12.49 3.83
CA ASN B 15 -9.88 -11.49 3.34
C ASN B 15 -10.27 -10.08 3.87
N PHE B 16 -9.26 -9.22 4.06
CA PHE B 16 -9.38 -7.90 4.68
C PHE B 16 -8.95 -6.81 3.67
N SER B 17 -9.92 -6.08 3.14
CA SER B 17 -9.71 -5.17 1.99
C SER B 17 -9.04 -3.85 2.38
N VAL B 18 -8.43 -3.18 1.40
CA VAL B 18 -7.71 -1.90 1.55
C VAL B 18 -7.96 -1.04 0.31
N THR B 19 -8.31 0.25 0.52
CA THR B 19 -8.60 1.22 -0.56
C THR B 19 -8.10 2.63 -0.18
N PHE B 20 -7.45 3.33 -1.11
CA PHE B 20 -6.95 4.72 -0.93
C PHE B 20 -6.63 5.41 -2.28
N TYR B 21 -6.08 6.63 -2.21
CA TYR B 21 -5.64 7.43 -3.34
C TYR B 21 -4.13 7.76 -3.27
N LEU B 22 -3.53 7.96 -4.45
CA LEU B 22 -2.17 8.44 -4.67
C LEU B 22 -2.19 9.61 -5.68
N SER B 23 -1.03 10.26 -5.84
CA SER B 23 -0.85 11.32 -6.85
C SER B 23 -0.68 10.75 -8.27
N LYS B 24 -0.88 11.58 -9.30
CA LYS B 24 -0.81 11.18 -10.72
C LYS B 24 0.56 10.64 -11.11
N GLU B 25 1.61 11.41 -10.88
CA GLU B 25 2.99 11.04 -11.25
C GLU B 25 3.53 9.86 -10.42
N GLU B 26 3.12 9.79 -9.15
CA GLU B 26 3.35 8.66 -8.23
C GLU B 26 2.71 7.37 -8.76
N HIS B 27 1.42 7.39 -9.08
CA HIS B 27 0.72 6.24 -9.65
C HIS B 27 1.33 5.83 -11.00
N ASP B 28 1.69 6.80 -11.85
CA ASP B 28 2.32 6.55 -13.15
C ASP B 28 3.69 5.86 -13.04
N VAL B 29 4.59 6.31 -12.15
CA VAL B 29 5.89 5.65 -11.95
C VAL B 29 5.74 4.27 -11.28
N LEU B 30 4.82 4.11 -10.32
CA LEU B 30 4.51 2.79 -9.75
C LEU B 30 3.93 1.83 -10.80
N ARG B 31 3.07 2.31 -11.72
CA ARG B 31 2.57 1.54 -12.87
C ARG B 31 3.70 1.16 -13.82
N ARG B 32 4.66 2.05 -14.10
CA ARG B 32 5.86 1.74 -14.92
C ARG B 32 6.74 0.65 -14.26
N LEU B 33 7.01 0.79 -12.97
CA LEU B 33 7.75 -0.21 -12.18
C LEU B 33 7.04 -1.57 -12.12
N ALA B 34 5.70 -1.59 -12.13
CA ALA B 34 4.90 -2.79 -12.33
C ALA B 34 5.05 -3.34 -13.78
N ASP B 35 4.79 -2.51 -14.81
CA ASP B 35 4.87 -2.82 -16.24
C ASP B 35 6.23 -3.38 -16.71
N GLU B 36 7.31 -3.11 -15.98
CA GLU B 36 8.59 -3.81 -16.11
C GLU B 36 8.48 -5.37 -16.11
N GLU B 37 7.40 -5.92 -15.55
CA GLU B 37 7.13 -7.38 -15.51
C GLU B 37 5.63 -7.76 -15.58
N VAL B 38 4.73 -7.02 -14.92
CA VAL B 38 3.27 -7.23 -14.83
C VAL B 38 2.58 -5.90 -14.49
N GLU B 39 1.97 -5.26 -15.49
CA GLU B 39 1.22 -3.99 -15.33
C GLU B 39 -0.11 -4.15 -14.57
N SER B 40 0.04 -4.23 -13.25
CA SER B 40 -1.05 -4.42 -12.27
C SER B 40 -0.73 -3.72 -10.94
N VAL B 41 -1.02 -2.40 -10.87
CA VAL B 41 -0.74 -1.55 -9.67
C VAL B 41 -1.29 -2.13 -8.36
N ASN B 42 -2.46 -2.77 -8.39
CA ASN B 42 -3.05 -3.43 -7.22
C ASN B 42 -2.13 -4.53 -6.65
N SER B 43 -1.69 -5.47 -7.50
CA SER B 43 -0.77 -6.55 -7.12
C SER B 43 0.61 -6.00 -6.73
N PHE B 44 1.16 -5.08 -7.53
CA PHE B 44 2.46 -4.45 -7.29
C PHE B 44 2.52 -3.71 -5.94
N VAL B 45 1.54 -2.87 -5.64
CA VAL B 45 1.46 -2.13 -4.36
C VAL B 45 1.19 -3.08 -3.19
N LYS B 46 0.29 -4.07 -3.33
CA LYS B 46 0.07 -5.11 -2.30
C LYS B 46 1.36 -5.86 -1.95
N ARG B 47 2.14 -6.27 -2.97
CA ARG B 47 3.47 -6.90 -2.82
C ARG B 47 4.50 -5.97 -2.18
N HIS B 48 4.55 -4.69 -2.58
CA HIS B 48 5.39 -3.65 -1.96
C HIS B 48 5.15 -3.55 -0.45
N ILE B 49 3.89 -3.45 -0.04
CA ILE B 49 3.49 -3.36 1.37
C ILE B 49 3.88 -4.63 2.13
N LEU B 50 3.54 -5.81 1.60
CA LEU B 50 3.91 -7.10 2.19
C LEU B 50 5.43 -7.19 2.42
N LYS B 51 6.23 -7.00 1.35
CA LYS B 51 7.70 -7.12 1.39
C LYS B 51 8.37 -6.11 2.34
N THR B 52 7.89 -4.87 2.38
CA THR B 52 8.43 -3.81 3.27
C THR B 52 8.07 -4.04 4.74
N ILE B 53 6.94 -4.70 5.04
CA ILE B 53 6.60 -5.15 6.40
C ILE B 53 7.43 -6.39 6.81
N ILE B 54 7.53 -7.40 5.93
CA ILE B 54 8.21 -8.68 6.21
C ILE B 54 8.66 -9.38 4.92
N TYR B 55 9.83 -10.03 4.96
CA TYR B 55 10.39 -10.82 3.84
C TYR B 55 10.95 -12.15 4.33
N LYS B 56 10.04 -13.10 4.58
CA LYS B 56 10.29 -14.44 5.16
C LYS B 56 9.45 -15.48 4.40
N LYS B 57 10.06 -16.11 3.39
CA LYS B 57 9.41 -17.09 2.48
C LYS B 57 8.80 -18.31 3.19
N GLY B 58 7.86 -18.97 2.52
CA GLY B 58 7.16 -20.18 3.00
C GLY B 58 5.72 -19.94 3.48
N THR B 59 5.22 -18.70 3.40
CA THR B 59 3.86 -18.29 3.81
C THR B 59 2.73 -18.89 2.98
N ASN B 60 3.02 -19.28 1.72
CA ASN B 60 2.07 -19.87 0.77
C ASN B 60 2.76 -20.93 -0.11
N GLN B 61 2.00 -21.96 -0.51
CA GLN B 61 2.45 -23.07 -1.37
C GLN B 61 1.24 -23.71 -2.10
N ASP B 62 1.45 -24.17 -3.35
CA ASP B 62 0.47 -24.89 -4.18
C ASP B 62 -0.91 -24.20 -4.31
N SER B 63 -0.91 -22.86 -4.32
CA SER B 63 -2.10 -22.01 -4.42
C SER B 63 -1.73 -20.67 -5.06
N SER B 64 -1.88 -20.58 -6.38
CA SER B 64 -1.39 -19.48 -7.24
C SER B 64 -2.40 -19.13 -8.35
N ILE B 65 -2.18 -18.00 -9.03
CA ILE B 65 -3.11 -17.41 -10.04
C ILE B 65 -2.40 -17.04 -11.37
N ASN B 66 -1.15 -17.49 -11.56
CA ASN B 66 -0.35 -17.33 -12.78
C ASN B 66 -1.03 -17.92 -14.04
N LYS A 13 -8.66 19.10 -9.46
CA LYS A 13 -7.43 18.34 -9.11
C LYS A 13 -7.63 16.83 -9.41
N ARG A 14 -6.67 16.18 -10.09
CA ARG A 14 -6.69 14.73 -10.41
C ARG A 14 -6.39 13.86 -9.18
N ASN A 15 -6.88 12.62 -9.20
CA ASN A 15 -6.65 11.60 -8.18
C ASN A 15 -6.56 10.20 -8.83
N PHE A 16 -5.68 9.34 -8.31
CA PHE A 16 -5.34 8.03 -8.87
C PHE A 16 -5.49 6.95 -7.80
N SER A 17 -6.55 6.14 -7.89
CA SER A 17 -6.98 5.24 -6.81
C SER A 17 -6.15 3.96 -6.69
N VAL A 18 -6.16 3.37 -5.50
CA VAL A 18 -5.48 2.10 -5.17
C VAL A 18 -6.40 1.27 -4.25
N THR A 19 -6.54 -0.02 -4.54
CA THR A 19 -7.49 -0.92 -3.86
C THR A 19 -7.01 -2.37 -3.92
N PHE A 20 -6.77 -3.01 -2.77
CA PHE A 20 -6.31 -4.40 -2.71
C PHE A 20 -6.64 -5.13 -1.39
N TYR A 21 -6.70 -6.46 -1.44
CA TYR A 21 -6.85 -7.34 -0.27
C TYR A 21 -5.53 -7.61 0.46
N LEU A 22 -5.60 -7.76 1.78
CA LEU A 22 -4.54 -8.21 2.68
C LEU A 22 -5.03 -9.36 3.58
N SER A 23 -4.12 -9.98 4.30
CA SER A 23 -4.39 -11.11 5.21
C SER A 23 -4.91 -10.64 6.58
N LYS A 24 -5.52 -11.54 7.36
CA LYS A 24 -6.18 -11.22 8.63
C LYS A 24 -5.23 -10.60 9.67
N GLU A 25 -4.16 -11.32 10.02
CA GLU A 25 -3.16 -10.86 11.01
C GLU A 25 -2.35 -9.66 10.50
N GLU A 26 -2.07 -9.61 9.20
CA GLU A 26 -1.45 -8.46 8.53
C GLU A 26 -2.28 -7.18 8.71
N HIS A 27 -3.58 -7.23 8.39
CA HIS A 27 -4.48 -6.09 8.63
C HIS A 27 -4.63 -5.76 10.12
N ASP A 28 -4.70 -6.75 11.01
CA ASP A 28 -4.73 -6.54 12.46
C ASP A 28 -3.49 -5.76 12.97
N VAL A 29 -2.28 -6.14 12.52
CA VAL A 29 -1.02 -5.44 12.84
C VAL A 29 -1.04 -4.01 12.27
N LEU A 30 -1.40 -3.83 10.98
CA LEU A 30 -1.52 -2.51 10.38
C LEU A 30 -2.55 -1.63 11.10
N ARG A 31 -3.67 -2.20 11.57
CA ARG A 31 -4.70 -1.51 12.36
C ARG A 31 -4.17 -1.03 13.71
N ARG A 32 -3.43 -1.86 14.45
CA ARG A 32 -2.76 -1.44 15.71
C ARG A 32 -1.72 -0.34 15.47
N LEU A 33 -0.84 -0.52 14.48
CA LEU A 33 0.16 0.49 14.11
C LEU A 33 -0.47 1.81 13.62
N ALA A 34 -1.62 1.75 12.94
CA ALA A 34 -2.42 2.94 12.64
C ALA A 34 -3.03 3.56 13.90
N ASP A 35 -3.68 2.79 14.77
CA ASP A 35 -4.28 3.27 16.03
C ASP A 35 -3.25 3.95 16.96
N GLU A 36 -1.97 3.55 16.89
CA GLU A 36 -0.88 4.20 17.62
C GLU A 36 -0.62 5.68 17.24
N GLU A 37 -0.95 6.13 16.01
CA GLU A 37 -0.51 7.46 15.51
C GLU A 37 -1.33 8.14 14.39
N VAL A 38 -2.29 7.45 13.75
CA VAL A 38 -3.09 7.94 12.61
C VAL A 38 -4.60 7.63 12.74
N GLU A 39 -4.98 6.59 13.50
CA GLU A 39 -6.36 6.24 13.89
C GLU A 39 -7.28 5.74 12.75
N SER A 40 -6.75 5.55 11.53
CA SER A 40 -7.44 4.86 10.43
C SER A 40 -6.47 4.14 9.48
N VAL A 41 -6.82 2.90 9.10
CA VAL A 41 -5.89 1.97 8.41
C VAL A 41 -5.58 2.41 6.98
N ASN A 42 -6.56 2.91 6.23
CA ASN A 42 -6.33 3.26 4.81
C ASN A 42 -5.51 4.55 4.64
N SER A 43 -5.70 5.56 5.48
CA SER A 43 -4.84 6.75 5.52
C SER A 43 -3.45 6.44 6.10
N PHE A 44 -3.35 5.56 7.10
CA PHE A 44 -2.07 5.02 7.55
C PHE A 44 -1.31 4.31 6.41
N VAL A 45 -1.97 3.41 5.66
CA VAL A 45 -1.38 2.72 4.50
C VAL A 45 -0.99 3.71 3.39
N LYS A 46 -1.80 4.74 3.10
CA LYS A 46 -1.42 5.84 2.18
C LYS A 46 -0.09 6.50 2.60
N ARG A 47 0.02 6.95 3.86
CA ARG A 47 1.23 7.58 4.42
C ARG A 47 2.45 6.64 4.43
N HIS A 48 2.24 5.36 4.77
CA HIS A 48 3.24 4.29 4.68
C HIS A 48 3.80 4.16 3.26
N ILE A 49 2.93 4.05 2.25
CA ILE A 49 3.33 3.91 0.84
C ILE A 49 4.05 5.17 0.34
N LEU A 50 3.53 6.35 0.66
CA LEU A 50 4.16 7.62 0.35
C LEU A 50 5.61 7.65 0.89
N LYS A 51 5.79 7.45 2.21
CA LYS A 51 7.12 7.45 2.87
C LYS A 51 8.07 6.37 2.34
N THR A 52 7.55 5.20 1.96
CA THR A 52 8.33 4.05 1.47
C THR A 52 8.97 4.29 0.09
N ILE A 53 8.40 5.16 -0.77
CA ILE A 53 8.88 5.40 -2.15
C ILE A 53 9.27 6.88 -2.41
N ILE A 54 8.79 7.84 -1.62
CA ILE A 54 8.96 9.29 -1.81
C ILE A 54 9.25 9.97 -0.45
N TYR A 55 10.01 11.06 -0.45
CA TYR A 55 10.20 11.92 0.72
C TYR A 55 10.41 13.38 0.30
N LYS A 56 9.87 14.30 1.12
CA LYS A 56 9.88 15.75 0.96
C LYS A 56 9.62 16.41 2.32
N LYS A 57 10.50 17.33 2.71
CA LYS A 57 10.41 18.13 3.97
C LYS A 57 10.45 19.66 3.78
N GLY A 58 10.30 20.11 2.54
CA GLY A 58 10.25 21.53 2.16
C GLY A 58 8.82 22.11 2.22
N THR A 59 7.84 21.34 1.74
CA THR A 59 6.40 21.64 1.80
C THR A 59 5.61 20.33 2.05
N ASN A 60 4.59 20.39 2.92
CA ASN A 60 3.78 19.26 3.35
C ASN A 60 2.33 19.70 3.64
N GLN A 61 1.37 18.76 3.59
CA GLN A 61 -0.06 19.01 3.83
C GLN A 61 -0.83 17.75 4.30
N ASP A 62 -2.07 17.94 4.74
CA ASP A 62 -3.02 16.86 5.10
C ASP A 62 -4.47 17.31 4.84
N SER A 63 -5.39 16.36 4.63
CA SER A 63 -6.81 16.59 4.37
C SER A 63 -7.64 15.35 4.74
N SER A 64 -8.28 15.41 5.90
CA SER A 64 -9.19 14.37 6.42
C SER A 64 -10.32 14.96 7.28
N ILE A 65 -11.36 14.17 7.56
CA ILE A 65 -12.54 14.55 8.36
C ILE A 65 -12.12 14.87 9.81
N ASN A 66 -12.62 15.99 10.34
CA ASN A 66 -12.39 16.47 11.72
C ASN A 66 -12.82 15.46 12.80
N LYS B 13 -13.71 -18.83 4.89
CA LYS B 13 -12.53 -18.03 4.46
C LYS B 13 -12.83 -16.52 4.55
N ARG B 14 -11.81 -15.70 4.88
CA ARG B 14 -11.91 -14.22 5.02
C ARG B 14 -10.60 -13.54 4.63
N ASN B 15 -10.71 -12.32 4.07
CA ASN B 15 -9.62 -11.40 3.73
C ASN B 15 -10.02 -9.97 4.12
N PHE B 16 -9.05 -9.08 4.21
CA PHE B 16 -9.18 -7.72 4.75
C PHE B 16 -8.69 -6.68 3.72
N SER B 17 -9.63 -6.06 3.01
CA SER B 17 -9.30 -5.09 1.94
C SER B 17 -8.95 -3.70 2.48
N VAL B 18 -8.14 -2.97 1.71
CA VAL B 18 -7.67 -1.60 1.97
C VAL B 18 -7.84 -0.78 0.68
N THR B 19 -8.45 0.41 0.79
CA THR B 19 -8.85 1.25 -0.36
C THR B 19 -8.57 2.74 -0.10
N PHE B 20 -7.88 3.40 -1.03
CA PHE B 20 -7.35 4.78 -0.86
C PHE B 20 -6.99 5.43 -2.22
N TYR B 21 -6.36 6.60 -2.16
CA TYR B 21 -5.95 7.40 -3.32
C TYR B 21 -4.49 7.87 -3.21
N LEU B 22 -3.84 8.04 -4.36
CA LEU B 22 -2.51 8.64 -4.55
C LEU B 22 -2.56 9.71 -5.65
N SER B 23 -1.42 10.36 -5.89
CA SER B 23 -1.24 11.39 -6.93
C SER B 23 -0.85 10.78 -8.28
N LYS B 24 -1.08 11.50 -9.38
CA LYS B 24 -0.81 11.04 -10.76
C LYS B 24 0.63 10.55 -10.97
N GLU B 25 1.61 11.38 -10.64
CA GLU B 25 3.04 11.08 -10.88
C GLU B 25 3.53 9.92 -9.99
N GLU B 26 3.07 9.86 -8.74
CA GLU B 26 3.33 8.74 -7.82
C GLU B 26 2.76 7.42 -8.37
N HIS B 27 1.49 7.41 -8.76
CA HIS B 27 0.83 6.23 -9.33
C HIS B 27 1.49 5.79 -10.65
N ASP B 28 1.90 6.72 -11.51
CA ASP B 28 2.63 6.43 -12.75
C ASP B 28 4.04 5.85 -12.50
N VAL B 29 4.79 6.35 -11.50
CA VAL B 29 6.07 5.75 -11.09
C VAL B 29 5.87 4.32 -10.56
N LEU B 30 4.86 4.10 -9.71
CA LEU B 30 4.50 2.76 -9.25
C LEU B 30 4.08 1.85 -10.43
N ARG B 31 3.33 2.37 -11.41
CA ARG B 31 3.01 1.67 -12.66
C ARG B 31 4.25 1.33 -13.49
N ARG B 32 5.27 2.19 -13.52
CA ARG B 32 6.57 1.91 -14.20
C ARG B 32 7.31 0.74 -13.54
N LEU B 33 7.48 0.81 -12.22
CA LEU B 33 8.13 -0.25 -11.43
C LEU B 33 7.32 -1.56 -11.44
N ALA B 34 6.00 -1.50 -11.59
CA ALA B 34 5.16 -2.65 -11.90
C ALA B 34 5.41 -3.18 -13.33
N ASP B 35 5.36 -2.32 -14.35
CA ASP B 35 5.56 -2.63 -15.78
C ASP B 35 6.94 -3.25 -16.11
N GLU B 36 7.95 -3.07 -15.26
CA GLU B 36 9.16 -3.91 -15.26
C GLU B 36 8.91 -5.45 -15.27
N GLU B 37 7.72 -5.91 -14.87
CA GLU B 37 7.34 -7.34 -14.87
C GLU B 37 5.84 -7.63 -15.12
N VAL B 38 4.92 -6.83 -14.57
CA VAL B 38 3.45 -6.95 -14.68
C VAL B 38 2.80 -5.65 -14.15
N GLU B 39 2.28 -4.83 -15.06
CA GLU B 39 1.92 -3.41 -14.82
C GLU B 39 0.76 -3.12 -13.84
N SER B 40 0.01 -4.13 -13.40
CA SER B 40 -1.16 -4.01 -12.51
C SER B 40 -0.82 -3.37 -11.15
N VAL B 41 -0.98 -2.03 -11.07
CA VAL B 41 -0.42 -1.19 -9.98
C VAL B 41 -0.87 -1.62 -8.58
N ASN B 42 -2.17 -1.90 -8.40
CA ASN B 42 -2.69 -2.31 -7.09
C ASN B 42 -2.12 -3.66 -6.62
N SER B 43 -2.03 -4.66 -7.50
CA SER B 43 -1.41 -5.97 -7.20
C SER B 43 0.10 -5.85 -6.95
N PHE B 44 0.80 -5.01 -7.72
CA PHE B 44 2.20 -4.67 -7.50
C PHE B 44 2.42 -4.02 -6.11
N VAL B 45 1.63 -3.00 -5.74
CA VAL B 45 1.71 -2.37 -4.41
C VAL B 45 1.38 -3.38 -3.31
N LYS B 46 0.36 -4.24 -3.47
CA LYS B 46 0.04 -5.32 -2.52
C LYS B 46 1.26 -6.22 -2.27
N ARG B 47 1.89 -6.74 -3.33
CA ARG B 47 3.10 -7.58 -3.26
C ARG B 47 4.29 -6.85 -2.60
N HIS B 48 4.54 -5.61 -3.02
CA HIS B 48 5.60 -4.73 -2.47
C HIS B 48 5.42 -4.50 -0.97
N ILE B 49 4.19 -4.21 -0.53
CA ILE B 49 3.85 -3.89 0.86
C ILE B 49 3.86 -5.15 1.73
N LEU B 50 3.33 -6.27 1.25
CA LEU B 50 3.45 -7.57 1.90
C LEU B 50 4.93 -7.90 2.17
N LYS B 51 5.79 -7.83 1.14
CA LYS B 51 7.25 -8.00 1.28
C LYS B 51 7.87 -7.05 2.32
N THR B 52 7.55 -5.76 2.23
CA THR B 52 8.08 -4.71 3.12
C THR B 52 7.67 -4.91 4.59
N ILE B 53 6.43 -5.34 4.85
CA ILE B 53 5.89 -5.60 6.19
C ILE B 53 6.39 -6.95 6.75
N ILE B 54 6.53 -7.98 5.91
CA ILE B 54 6.89 -9.35 6.32
C ILE B 54 7.72 -10.07 5.24
N TYR B 55 9.03 -10.11 5.49
CA TYR B 55 10.06 -10.76 4.65
C TYR B 55 10.08 -12.29 4.81
N LYS B 56 8.93 -12.95 4.57
CA LYS B 56 8.74 -14.40 4.76
C LYS B 56 7.89 -15.01 3.63
N LYS B 57 8.57 -15.60 2.64
CA LYS B 57 7.99 -16.40 1.54
C LYS B 57 7.31 -17.68 2.06
N GLY B 58 6.57 -18.36 1.18
CA GLY B 58 5.87 -19.63 1.47
C GLY B 58 5.26 -20.28 0.22
N THR B 59 4.70 -21.48 0.40
CA THR B 59 4.23 -22.39 -0.68
C THR B 59 3.26 -21.76 -1.69
N ASN B 60 2.47 -20.77 -1.26
CA ASN B 60 1.44 -20.10 -2.08
C ASN B 60 1.67 -18.58 -2.23
N GLN B 61 2.85 -18.06 -1.83
CA GLN B 61 3.21 -16.64 -1.95
C GLN B 61 3.70 -16.24 -3.36
N ASP B 62 3.87 -17.21 -4.25
CA ASP B 62 4.30 -17.04 -5.65
C ASP B 62 3.57 -18.03 -6.59
N SER B 63 3.42 -17.64 -7.87
CA SER B 63 2.69 -18.42 -8.90
C SER B 63 3.27 -18.28 -10.32
N SER B 64 4.46 -17.68 -10.46
CA SER B 64 5.12 -17.39 -11.74
C SER B 64 5.39 -18.64 -12.60
N ILE B 65 5.29 -18.48 -13.93
CA ILE B 65 5.44 -19.57 -14.92
C ILE B 65 6.19 -19.13 -16.20
N ASN B 66 6.80 -17.94 -16.18
CA ASN B 66 7.60 -17.37 -17.28
C ASN B 66 8.86 -18.19 -17.61
#